data_4TWE
#
_entry.id   4TWE
#
_cell.length_a   98.512
_cell.length_b   174.844
_cell.length_c   208.034
_cell.angle_alpha   90.000
_cell.angle_beta   90.000
_cell.angle_gamma   90.000
#
_symmetry.space_group_name_H-M   'I 2 2 2'
#
loop_
_entity.id
_entity.type
_entity.pdbx_description
1 polymer 'N-acetylated-alpha-linked acidic dipeptidase-like protein'
2 branched 2-acetamido-2-deoxy-beta-D-glucopyranose-(1-4)-2-acetamido-2-deoxy-beta-D-glucopyranose
3 branched beta-D-mannopyranose-(1-4)-2-acetamido-2-deoxy-beta-D-glucopyranose-(1-4)-2-acetamido-2-deoxy-beta-D-glucopyranose
4 non-polymer 'ZINC ION'
5 non-polymer 'CALCIUM ION'
6 non-polymer 2-acetamido-2-deoxy-beta-D-glucopyranose
7 non-polymer GLYCEROL
8 non-polymer DI(HYDROXYETHYL)ETHER
9 water water
#
_entity_poly.entity_id   1
_entity_poly.type   'polypeptide(L)'
_entity_poly.pdbx_seq_one_letter_code
;GLNDIFEAQKIEWHEGSGSGSENLYFQGRSIPKKANSLAPQDLDLEILETVMGQLDAHRIRENLRELSREPHLASSPRDE
DLVQLLLQRWKDPESGLDSAEASTYEVLLSFPSQEQPNVVDIVGPTGGIIHSCHRTEENVTGEQGGPDVVQPYAAYAPSG
TPQGLLVYANRGAEEDFKELQTQGIKLEGTIALTRYGGVGRGAKAVNAAKHGVAGVLVYTDPADINDGLSSPDETFPNSW
YLPPSGVERGSYYEYFGDPLTPYLPAVPSSFRVDLANVSGFPPIPTQPIGFQDARDLLCNLNGTLAPATWQGALGCHYRL
GPGFRPDGDFPADSQVNVSVYNRLELRNSSNVLGIIRGAVEPDRYVLYGNHRDSWVHGAVDPSSGTAVLLELSRVLGTLL
KKGTWRPRRSIVFASWGAEEFGLIGSTEFTEEFFNKLQERTVAYINVDISVFANATLRVQGTPPVQSVVFSATKEIRSPG
PGDLSIYDNWIRYFNRSSPVYGLVPSLGSLGAGSDYAPFVHFLGISSMDIAYTYDRSKTSARIYPTYHTAFDTFDYVDKF
LDPGFSSHQAVARTAGSVILRLSDSFFLPLKVSDYSETLRSFLQAAQQDLGALLEQHSISLGPLVTAVEKFEAEAAALGQ
RISTLQKGSPDPLQVRMLNDQLMLLERTFLNPRAFPEERYYSHVLWAPRTGSVVTFPGLSNACSRARDTASGSEAWAEVQ
RQLSIVVTALEGAAATLRPVADL
;
_entity_poly.pdbx_strand_id   A,B
#
loop_
_chem_comp.id
_chem_comp.type
_chem_comp.name
_chem_comp.formula
BMA D-saccharide, beta linking beta-D-mannopyranose 'C6 H12 O6'
CA non-polymer 'CALCIUM ION' 'Ca 2'
GOL non-polymer GLYCEROL 'C3 H8 O3'
NAG D-saccharide, beta linking 2-acetamido-2-deoxy-beta-D-glucopyranose 'C8 H15 N O6'
PEG non-polymer DI(HYDROXYETHYL)ETHER 'C4 H10 O3'
ZN non-polymer 'ZINC ION' 'Zn 2'
#
# COMPACT_ATOMS: atom_id res chain seq x y z
N LEU A 38 14.26 -39.01 1.68
CA LEU A 38 12.76 -38.98 1.73
C LEU A 38 12.20 -38.01 2.82
N ALA A 39 13.02 -37.67 3.83
CA ALA A 39 12.61 -36.60 4.74
C ALA A 39 12.66 -35.27 3.96
N PRO A 40 11.78 -34.34 4.30
CA PRO A 40 11.84 -33.01 3.65
C PRO A 40 13.23 -32.39 3.78
N GLN A 41 13.69 -31.70 2.74
CA GLN A 41 15.01 -31.05 2.77
C GLN A 41 15.11 -30.09 3.96
N ASP A 42 16.24 -30.11 4.66
CA ASP A 42 16.41 -29.28 5.85
C ASP A 42 17.86 -28.80 5.86
N LEU A 43 18.25 -28.06 6.89
CA LEU A 43 19.61 -27.58 6.99
C LEU A 43 20.57 -28.78 7.08
N ASP A 44 21.57 -28.79 6.22
CA ASP A 44 22.50 -29.91 6.19
C ASP A 44 23.82 -29.37 6.70
N LEU A 45 24.20 -29.78 7.92
CA LEU A 45 25.35 -29.19 8.57
C LEU A 45 26.66 -29.56 7.87
N GLU A 46 26.66 -30.70 7.16
CA GLU A 46 27.86 -31.07 6.43
C GLU A 46 28.09 -30.10 5.28
N ILE A 47 27.01 -29.77 4.55
CA ILE A 47 27.10 -28.76 3.49
C ILE A 47 27.55 -27.46 4.12
N LEU A 48 26.95 -27.09 5.25
CA LEU A 48 27.29 -25.80 5.87
C LEU A 48 28.80 -25.76 6.17
N GLU A 49 29.31 -26.81 6.80
CA GLU A 49 30.75 -26.80 7.14
C GLU A 49 31.63 -26.82 5.91
N THR A 50 31.19 -27.52 4.87
CA THR A 50 31.92 -27.49 3.60
C THR A 50 32.05 -26.08 3.10
N VAL A 51 30.92 -25.38 3.11
CA VAL A 51 30.94 -24.01 2.59
C VAL A 51 31.84 -23.12 3.45
N MET A 52 31.73 -23.25 4.79
CA MET A 52 32.54 -22.40 5.70
C MET A 52 34.03 -22.58 5.40
N GLY A 53 34.37 -23.85 5.18
CA GLY A 53 35.79 -24.22 4.98
C GLY A 53 36.33 -23.85 3.61
N GLN A 54 35.46 -23.60 2.63
CA GLN A 54 35.93 -23.24 1.28
C GLN A 54 36.10 -21.75 1.03
N LEU A 55 35.54 -20.89 1.89
CA LEU A 55 35.68 -19.45 1.69
C LEU A 55 37.11 -19.00 1.95
N ASP A 56 37.74 -18.49 0.90
CA ASP A 56 39.20 -18.38 0.80
C ASP A 56 39.64 -16.92 0.96
N ALA A 57 40.37 -16.61 2.02
CA ALA A 57 40.79 -15.21 2.25
C ALA A 57 41.63 -14.65 1.11
N HIS A 58 42.48 -15.50 0.51
CA HIS A 58 43.34 -15.05 -0.57
C HIS A 58 42.54 -14.72 -1.81
N ARG A 59 41.50 -15.50 -2.10
CA ARG A 59 40.64 -15.17 -3.23
C ARG A 59 39.91 -13.84 -3.00
N ILE A 60 39.45 -13.63 -1.77
CA ILE A 60 38.80 -12.38 -1.43
C ILE A 60 39.78 -11.20 -1.67
N ARG A 61 41.01 -11.36 -1.20
CA ARG A 61 42.01 -10.30 -1.36
C ARG A 61 42.20 -9.99 -2.87
N GLU A 62 42.36 -11.03 -3.67
CA GLU A 62 42.58 -10.80 -5.07
C GLU A 62 41.35 -10.19 -5.76
N ASN A 63 40.15 -10.58 -5.31
CA ASN A 63 38.93 -9.92 -5.78
C ASN A 63 38.99 -8.42 -5.54
N LEU A 64 39.34 -8.08 -4.31
CA LEU A 64 39.38 -6.68 -3.92
C LEU A 64 40.43 -5.91 -4.73
N ARG A 65 41.59 -6.54 -4.97
CA ARG A 65 42.61 -5.86 -5.78
C ARG A 65 42.04 -5.42 -7.15
N GLU A 66 41.28 -6.31 -7.79
CA GLU A 66 40.77 -5.98 -9.12
C GLU A 66 39.62 -4.97 -9.00
N LEU A 67 38.74 -5.20 -8.05
CA LEU A 67 37.59 -4.28 -7.88
C LEU A 67 37.97 -2.83 -7.61
N SER A 68 39.03 -2.60 -6.84
CA SER A 68 39.38 -1.28 -6.38
C SER A 68 40.58 -0.68 -7.14
N ARG A 69 41.02 -1.35 -8.23
CA ARG A 69 42.23 -0.92 -8.95
C ARG A 69 42.05 0.48 -9.55
N GLU A 70 40.86 0.75 -10.07
CA GLU A 70 40.55 2.04 -10.68
C GLU A 70 39.31 2.66 -10.03
N PRO A 71 39.18 4.00 -10.09
CA PRO A 71 37.91 4.59 -9.60
C PRO A 71 36.74 4.01 -10.36
N HIS A 72 35.62 3.83 -9.66
CA HIS A 72 34.47 3.16 -10.30
C HIS A 72 33.16 3.85 -9.89
N LEU A 73 33.10 5.16 -10.19
CA LEU A 73 31.87 5.94 -10.01
C LEU A 73 30.68 5.33 -10.78
N ALA A 74 29.47 5.41 -10.22
CA ALA A 74 28.28 4.89 -10.90
C ALA A 74 28.17 5.45 -12.33
N SER A 75 27.92 4.57 -13.30
CA SER A 75 27.72 4.89 -14.74
C SER A 75 29.02 5.17 -15.50
N SER A 76 30.17 5.06 -14.83
CA SER A 76 31.47 5.32 -15.47
C SER A 76 31.81 4.08 -16.34
N PRO A 77 32.79 4.20 -17.26
CA PRO A 77 33.15 2.99 -18.00
C PRO A 77 33.69 1.87 -17.08
N ARG A 78 34.35 2.25 -15.99
CA ARG A 78 34.88 1.26 -15.10
C ARG A 78 33.73 0.54 -14.37
N ASP A 79 32.68 1.29 -14.01
CA ASP A 79 31.45 0.66 -13.48
C ASP A 79 30.91 -0.41 -14.44
N GLU A 80 30.91 -0.11 -15.74
CA GLU A 80 30.48 -1.09 -16.70
C GLU A 80 31.43 -2.28 -16.82
N ASP A 81 32.73 -2.09 -16.68
CA ASP A 81 33.66 -3.21 -16.66
C ASP A 81 33.30 -4.13 -15.48
N LEU A 82 32.92 -3.53 -14.34
CA LEU A 82 32.62 -4.34 -13.15
C LEU A 82 31.29 -5.06 -13.33
N VAL A 83 30.32 -4.44 -14.01
CA VAL A 83 29.09 -5.18 -14.36
C VAL A 83 29.51 -6.45 -15.17
N GLN A 84 30.42 -6.27 -16.12
CA GLN A 84 30.75 -7.41 -16.97
C GLN A 84 31.54 -8.45 -16.23
N LEU A 85 32.32 -8.03 -15.24
CA LEU A 85 33.04 -8.95 -14.35
C LEU A 85 32.03 -9.83 -13.58
N LEU A 86 31.04 -9.20 -12.92
CA LEU A 86 30.02 -9.97 -12.21
C LEU A 86 29.32 -10.95 -13.12
N LEU A 87 28.91 -10.48 -14.30
CA LEU A 87 28.22 -11.36 -15.26
C LEU A 87 29.09 -12.55 -15.62
N GLN A 88 30.36 -12.30 -15.85
CA GLN A 88 31.24 -13.38 -16.27
C GLN A 88 31.39 -14.40 -15.15
N ARG A 89 31.55 -13.92 -13.91
CA ARG A 89 31.70 -14.83 -12.76
C ARG A 89 30.44 -15.66 -12.52
N TRP A 90 29.26 -15.05 -12.73
CA TRP A 90 28.05 -15.72 -12.36
C TRP A 90 27.49 -16.57 -13.50
N LYS A 91 28.03 -16.38 -14.71
CA LYS A 91 27.67 -17.25 -15.85
C LYS A 91 28.67 -18.37 -16.11
N ASP A 92 29.73 -18.43 -15.31
CA ASP A 92 30.73 -19.48 -15.51
C ASP A 92 30.11 -20.88 -15.39
N PRO A 93 30.39 -21.77 -16.36
CA PRO A 93 29.69 -23.06 -16.34
C PRO A 93 30.15 -24.00 -15.23
N GLU A 94 31.33 -23.75 -14.65
CA GLU A 94 31.81 -24.54 -13.51
C GLU A 94 31.64 -23.92 -12.10
N SER A 95 31.62 -22.60 -12.02
CA SER A 95 31.56 -21.94 -10.69
C SER A 95 30.47 -20.88 -10.61
N GLY A 96 29.67 -20.79 -11.68
CA GLY A 96 28.56 -19.81 -11.76
C GLY A 96 27.25 -20.28 -11.12
N LEU A 97 26.22 -19.49 -11.38
CA LEU A 97 24.91 -19.69 -10.79
C LEU A 97 24.01 -20.31 -11.85
N ASP A 98 22.72 -20.48 -11.55
CA ASP A 98 21.81 -21.02 -12.58
C ASP A 98 21.59 -20.01 -13.72
N SER A 99 21.43 -18.74 -13.34
CA SER A 99 21.36 -17.69 -14.32
CA SER A 99 21.22 -17.67 -14.28
C SER A 99 21.75 -16.32 -13.74
N ALA A 100 22.14 -15.42 -14.64
CA ALA A 100 22.55 -14.07 -14.21
C ALA A 100 22.23 -13.10 -15.31
N GLU A 101 21.74 -11.90 -14.94
CA GLU A 101 21.39 -10.92 -15.98
C GLU A 101 21.51 -9.52 -15.46
N ALA A 102 21.93 -8.60 -16.33
CA ALA A 102 21.97 -7.18 -15.95
C ALA A 102 20.65 -6.55 -16.27
N SER A 103 20.23 -5.58 -15.44
CA SER A 103 19.05 -4.73 -15.75
C SER A 103 19.46 -3.27 -15.56
N THR A 104 18.90 -2.37 -16.35
CA THR A 104 19.45 -1.03 -16.41
C THR A 104 18.30 -0.05 -16.26
N TYR A 105 18.54 1.02 -15.49
CA TYR A 105 17.61 2.12 -15.30
C TYR A 105 18.29 3.41 -15.75
N GLU A 106 17.50 4.32 -16.33
CA GLU A 106 18.03 5.64 -16.68
C GLU A 106 17.63 6.59 -15.57
N VAL A 107 18.63 7.05 -14.81
CA VAL A 107 18.40 7.77 -13.54
C VAL A 107 19.15 9.07 -13.46
N LEU A 108 18.68 10.00 -12.63
CA LEU A 108 19.30 11.32 -12.64
C LEU A 108 20.44 11.33 -11.63
N LEU A 109 21.68 11.48 -12.13
CA LEU A 109 22.85 11.57 -11.24
C LEU A 109 23.37 13.02 -11.28
N SER A 110 24.52 13.26 -10.66
CA SER A 110 25.03 14.63 -10.53
C SER A 110 26.55 14.51 -10.59
N PHE A 111 27.24 15.42 -11.31
CA PHE A 111 28.69 15.38 -11.39
C PHE A 111 29.28 16.78 -11.46
N PRO A 112 30.54 16.94 -11.00
CA PRO A 112 31.21 18.22 -11.20
C PRO A 112 31.73 18.35 -12.65
N SER A 113 32.23 19.53 -12.98
CA SER A 113 32.70 19.75 -14.37
C SER A 113 34.21 19.55 -14.43
N GLN A 114 34.69 18.73 -15.38
CA GLN A 114 36.14 18.59 -15.61
C GLN A 114 36.75 19.89 -16.16
N GLU A 115 35.96 20.63 -16.93
CA GLU A 115 36.43 21.88 -17.58
C GLU A 115 36.46 23.09 -16.65
N GLN A 116 35.54 23.15 -15.68
CA GLN A 116 35.51 24.25 -14.68
C GLN A 116 35.40 23.58 -13.31
N PRO A 117 36.53 23.34 -12.66
CA PRO A 117 36.42 22.75 -11.32
C PRO A 117 35.76 23.68 -10.31
N ASN A 118 35.15 23.07 -9.31
CA ASN A 118 34.59 23.80 -8.17
C ASN A 118 35.75 24.42 -7.42
N VAL A 119 35.58 25.64 -6.95
CA VAL A 119 36.69 26.33 -6.33
C VAL A 119 36.19 27.10 -5.14
N VAL A 120 36.98 27.13 -4.09
CA VAL A 120 36.65 27.96 -2.92
C VAL A 120 37.80 28.99 -2.75
N ASP A 121 37.49 30.27 -2.87
CA ASP A 121 38.52 31.32 -2.82
C ASP A 121 38.24 32.32 -1.73
N ILE A 122 39.30 32.91 -1.18
CA ILE A 122 39.11 34.09 -0.31
C ILE A 122 39.40 35.28 -1.19
N VAL A 123 38.49 36.25 -1.21
CA VAL A 123 38.52 37.39 -2.14
C VAL A 123 38.41 38.74 -1.40
N GLY A 124 38.98 39.78 -2.00
CA GLY A 124 38.96 41.14 -1.42
C GLY A 124 37.71 41.88 -1.88
N PRO A 125 37.54 43.15 -1.45
CA PRO A 125 36.36 44.00 -1.77
C PRO A 125 36.02 44.19 -3.26
N THR A 126 37.01 44.12 -4.15
CA THR A 126 36.71 44.27 -5.58
C THR A 126 36.62 42.93 -6.35
N GLY A 127 36.86 41.80 -5.67
CA GLY A 127 36.91 40.49 -6.34
C GLY A 127 38.30 39.87 -6.55
N GLY A 128 39.38 40.59 -6.23
CA GLY A 128 40.74 40.01 -6.32
C GLY A 128 40.90 38.80 -5.40
N ILE A 129 41.50 37.71 -5.91
CA ILE A 129 41.66 36.48 -5.08
C ILE A 129 42.88 36.54 -4.18
N ILE A 130 42.63 36.38 -2.89
CA ILE A 130 43.67 36.47 -1.88
C ILE A 130 44.32 35.11 -1.63
N HIS A 131 43.49 34.05 -1.63
CA HIS A 131 43.88 32.71 -1.19
C HIS A 131 42.91 31.72 -1.88
N SER A 132 43.43 30.56 -2.24
CA SER A 132 42.63 29.52 -2.88
C SER A 132 42.81 28.27 -2.09
N CYS A 133 41.72 27.55 -1.89
CA CYS A 133 41.78 26.26 -1.23
C CYS A 133 42.24 25.16 -2.24
N HIS A 134 42.64 24.00 -1.73
CA HIS A 134 43.07 22.89 -2.58
C HIS A 134 41.84 22.34 -3.35
N ARG A 135 42.08 21.76 -4.51
CA ARG A 135 40.96 21.39 -5.37
C ARG A 135 40.52 19.96 -5.19
N THR A 136 41.46 19.11 -4.78
CA THR A 136 41.25 17.65 -4.75
C THR A 136 42.35 17.03 -3.86
N GLU A 137 42.23 15.75 -3.51
CA GLU A 137 43.25 15.11 -2.67
C GLU A 137 44.67 15.23 -3.23
N GLU A 138 45.64 15.45 -2.35
CA GLU A 138 47.08 15.41 -2.73
C GLU A 138 47.54 14.00 -3.06
N ASN A 139 48.44 13.89 -4.02
CA ASN A 139 48.84 12.57 -4.52
C ASN A 139 49.81 11.95 -3.51
N VAL A 140 49.32 11.73 -2.30
CA VAL A 140 50.15 11.28 -1.18
C VAL A 140 50.51 9.78 -1.25
N THR A 141 49.71 8.98 -1.94
CA THR A 141 49.92 7.51 -1.93
C THR A 141 50.01 6.93 -3.34
N GLY A 142 50.05 7.83 -4.33
CA GLY A 142 50.28 7.44 -5.71
C GLY A 142 49.03 7.13 -6.52
N GLU A 143 47.86 7.17 -5.88
CA GLU A 143 46.58 6.89 -6.57
C GLU A 143 45.62 8.09 -6.69
N GLN A 144 46.06 9.29 -6.24
CA GLN A 144 45.23 10.49 -6.23
C GLN A 144 45.65 11.46 -7.33
N GLY A 145 44.75 12.36 -7.72
CA GLY A 145 45.15 13.49 -8.57
C GLY A 145 45.18 13.24 -10.07
N GLY A 146 44.79 12.04 -10.51
CA GLY A 146 44.63 11.76 -11.95
C GLY A 146 43.27 12.25 -12.44
N PRO A 147 43.05 12.31 -13.77
CA PRO A 147 41.71 12.77 -14.20
C PRO A 147 40.62 11.71 -14.01
N ASP A 148 41.06 10.48 -13.66
CA ASP A 148 40.20 9.38 -13.23
C ASP A 148 39.44 9.65 -11.91
N VAL A 149 40.01 10.51 -11.07
CA VAL A 149 39.46 10.76 -9.71
C VAL A 149 38.49 11.93 -9.79
N VAL A 150 37.21 11.68 -9.49
CA VAL A 150 36.23 12.74 -9.52
C VAL A 150 36.61 13.78 -8.44
N GLN A 151 36.53 15.04 -8.81
CA GLN A 151 36.84 16.12 -7.87
C GLN A 151 35.90 15.99 -6.64
N PRO A 152 36.38 16.29 -5.43
CA PRO A 152 35.40 16.41 -4.34
C PRO A 152 34.24 17.35 -4.69
N TYR A 153 33.02 16.94 -4.40
CA TYR A 153 31.86 17.81 -4.66
C TYR A 153 30.70 17.26 -3.85
N ALA A 154 29.63 18.02 -3.82
CA ALA A 154 28.43 17.60 -3.07
C ALA A 154 27.42 17.17 -4.11
N ALA A 155 27.21 15.86 -4.27
CA ALA A 155 26.35 15.39 -5.36
C ALA A 155 24.91 15.88 -5.16
N TYR A 156 24.31 16.46 -6.22
CA TYR A 156 22.97 17.10 -6.29
C TYR A 156 22.91 18.54 -5.77
N ALA A 157 24.03 19.06 -5.25
CA ALA A 157 24.05 20.47 -4.87
C ALA A 157 24.15 21.27 -6.17
N PRO A 158 23.43 22.39 -6.24
CA PRO A 158 23.32 23.17 -7.49
C PRO A 158 24.57 23.98 -7.81
N SER A 159 24.75 24.29 -9.10
CA SER A 159 25.73 25.28 -9.55
CA SER A 159 25.72 25.29 -9.58
C SER A 159 25.37 26.66 -9.00
N GLY A 160 26.39 27.49 -8.80
CA GLY A 160 26.17 28.89 -8.40
C GLY A 160 27.49 29.47 -8.03
N THR A 161 27.55 30.80 -7.84
CA THR A 161 28.83 31.41 -7.48
C THR A 161 28.62 32.40 -6.30
N PRO A 162 28.02 31.94 -5.18
CA PRO A 162 27.81 32.83 -4.05
C PRO A 162 29.14 33.30 -3.45
N GLN A 163 29.08 34.47 -2.82
CA GLN A 163 30.24 35.01 -2.15
C GLN A 163 29.74 35.88 -0.99
N GLY A 164 30.29 35.68 0.20
CA GLY A 164 29.83 36.42 1.36
C GLY A 164 30.77 36.26 2.53
N LEU A 165 30.51 36.96 3.62
CA LEU A 165 31.28 36.77 4.86
C LEU A 165 31.10 35.33 5.39
N LEU A 166 32.17 34.75 5.92
CA LEU A 166 32.09 33.38 6.49
C LEU A 166 31.58 33.36 7.92
N VAL A 167 30.73 32.35 8.22
CA VAL A 167 30.35 31.99 9.58
C VAL A 167 30.65 30.51 9.80
N TYR A 168 30.75 30.14 11.07
CA TYR A 168 30.90 28.74 11.43
C TYR A 168 29.62 28.28 12.10
N ALA A 169 29.03 27.23 11.54
CA ALA A 169 27.70 26.78 12.01
C ALA A 169 27.68 25.35 12.51
N ASN A 170 28.81 24.89 13.07
CA ASN A 170 28.89 23.59 13.76
C ASN A 170 28.55 22.43 12.81
N ARG A 171 27.52 21.64 13.15
CA ARG A 171 27.11 20.57 12.20
C ARG A 171 26.00 20.98 11.19
N GLY A 172 25.56 22.24 11.22
CA GLY A 172 24.57 22.71 10.27
C GLY A 172 23.15 22.21 10.63
N ALA A 173 22.95 21.85 11.90
CA ALA A 173 21.60 21.50 12.38
C ALA A 173 20.76 22.78 12.48
N GLU A 174 19.42 22.62 12.46
CA GLU A 174 18.52 23.76 12.70
C GLU A 174 18.93 24.53 13.99
N GLU A 175 19.24 23.81 15.06
CA GLU A 175 19.60 24.41 16.32
C GLU A 175 20.94 25.20 16.25
N ASP A 176 21.84 24.76 15.37
CA ASP A 176 23.13 25.44 15.20
C ASP A 176 22.88 26.80 14.52
N PHE A 177 22.12 26.81 13.44
CA PHE A 177 21.79 28.10 12.79
C PHE A 177 21.00 29.00 13.75
N LYS A 178 20.13 28.40 14.56
CA LYS A 178 19.38 29.17 15.54
C LYS A 178 20.27 29.85 16.57
N GLU A 179 21.30 29.14 17.04
CA GLU A 179 22.29 29.70 17.95
C GLU A 179 22.91 30.97 17.36
N LEU A 180 23.28 30.92 16.08
CA LEU A 180 23.93 32.04 15.41
C LEU A 180 22.97 33.24 15.38
N GLN A 181 21.71 32.94 15.04
CA GLN A 181 20.68 33.95 14.92
C GLN A 181 20.44 34.60 16.29
N THR A 182 20.31 33.76 17.32
CA THR A 182 20.09 34.19 18.68
C THR A 182 21.20 35.13 19.15
N GLN A 183 22.43 34.90 18.69
CA GLN A 183 23.54 35.77 19.06
C GLN A 183 23.60 37.06 18.27
N GLY A 184 22.67 37.26 17.35
CA GLY A 184 22.60 38.49 16.61
C GLY A 184 23.48 38.46 15.38
N ILE A 185 23.95 37.27 15.00
CA ILE A 185 24.78 37.18 13.79
C ILE A 185 23.90 37.24 12.56
N LYS A 186 24.19 38.17 11.66
CA LYS A 186 23.49 38.27 10.40
C LYS A 186 23.88 37.11 9.49
N LEU A 187 22.89 36.27 9.15
CA LEU A 187 23.14 35.08 8.35
C LEU A 187 22.87 35.29 6.88
N GLU A 188 22.02 36.25 6.53
N GLU A 188 22.02 36.26 6.55
CA GLU A 188 21.66 36.47 5.12
CA GLU A 188 21.68 36.51 5.14
C GLU A 188 22.89 36.82 4.26
C GLU A 188 22.93 36.80 4.29
N GLY A 189 23.07 36.06 3.19
CA GLY A 189 24.17 36.26 2.24
C GLY A 189 25.52 35.70 2.66
N THR A 190 25.59 35.01 3.80
CA THR A 190 26.84 34.46 4.30
C THR A 190 27.25 33.16 3.60
N ILE A 191 28.52 32.74 3.83
CA ILE A 191 28.97 31.38 3.51
C ILE A 191 29.08 30.70 4.87
N ALA A 192 28.43 29.53 5.06
CA ALA A 192 28.48 28.83 6.36
C ALA A 192 29.39 27.61 6.24
N LEU A 193 30.36 27.53 7.11
CA LEU A 193 31.22 26.36 7.22
C LEU A 193 30.61 25.41 8.25
N THR A 194 30.48 24.13 7.88
CA THR A 194 29.93 23.12 8.79
C THR A 194 30.85 21.88 8.76
N ARG A 195 30.73 21.02 9.77
CA ARG A 195 31.43 19.74 9.76
C ARG A 195 30.43 18.60 9.50
N TYR A 196 30.92 17.54 8.84
CA TYR A 196 30.13 16.32 8.61
C TYR A 196 29.71 15.73 9.96
N GLY A 197 28.54 15.08 9.96
CA GLY A 197 27.97 14.46 11.17
C GLY A 197 26.77 15.21 11.68
N GLY A 198 26.05 14.60 12.64
CA GLY A 198 24.94 15.30 13.27
C GLY A 198 23.65 15.23 12.49
N VAL A 199 23.61 15.90 11.35
CA VAL A 199 22.49 15.80 10.39
C VAL A 199 23.02 15.34 9.05
N GLY A 200 22.11 14.93 8.17
CA GLY A 200 22.48 14.43 6.84
C GLY A 200 23.14 15.52 6.01
N ARG A 201 23.73 15.12 4.89
CA ARG A 201 24.58 16.08 4.14
C ARG A 201 23.76 17.22 3.58
N GLY A 202 22.72 16.89 2.83
CA GLY A 202 21.82 17.90 2.24
C GLY A 202 21.11 18.75 3.27
N ALA A 203 20.83 18.19 4.46
CA ALA A 203 20.14 18.92 5.50
C ALA A 203 20.90 20.18 5.93
N LYS A 204 22.24 20.12 5.89
CA LYS A 204 23.06 21.30 6.28
C LYS A 204 22.70 22.50 5.39
N ALA A 205 22.52 22.25 4.10
CA ALA A 205 22.18 23.29 3.11
C ALA A 205 20.74 23.74 3.27
N VAL A 206 19.85 22.77 3.49
CA VAL A 206 18.46 23.13 3.73
C VAL A 206 18.29 24.04 4.94
N ASN A 207 18.96 23.69 6.03
CA ASN A 207 18.86 24.43 7.29
C ASN A 207 19.52 25.81 7.13
N ALA A 208 20.64 25.84 6.41
CA ALA A 208 21.35 27.13 6.14
C ALA A 208 20.45 28.06 5.35
N ALA A 209 19.88 27.54 4.27
CA ALA A 209 19.07 28.38 3.38
C ALA A 209 17.82 28.97 4.03
N LYS A 210 17.28 28.34 5.09
CA LYS A 210 16.15 28.93 5.83
C LYS A 210 16.49 30.26 6.47
N HIS A 211 17.79 30.45 6.70
CA HIS A 211 18.29 31.70 7.25
C HIS A 211 18.90 32.61 6.19
N GLY A 212 18.68 32.31 4.91
CA GLY A 212 19.22 33.11 3.81
C GLY A 212 20.74 33.00 3.60
N VAL A 213 21.35 31.97 4.16
CA VAL A 213 22.76 31.66 3.85
C VAL A 213 22.87 31.42 2.34
N ALA A 214 23.94 31.94 1.72
CA ALA A 214 24.06 31.86 0.24
C ALA A 214 24.81 30.60 -0.24
N GLY A 215 25.64 30.04 0.61
CA GLY A 215 26.49 28.87 0.23
C GLY A 215 27.01 28.14 1.47
N VAL A 216 27.30 26.84 1.33
CA VAL A 216 27.73 26.02 2.48
C VAL A 216 29.01 25.27 2.14
N LEU A 217 29.94 25.24 3.10
CA LEU A 217 31.13 24.45 3.00
C LEU A 217 31.05 23.37 4.06
N VAL A 218 31.55 22.17 3.74
CA VAL A 218 31.50 21.05 4.70
C VAL A 218 32.89 20.43 4.81
N TYR A 219 33.33 20.10 6.00
CA TYR A 219 34.61 19.44 6.18
C TYR A 219 34.45 18.34 7.23
N THR A 220 35.45 17.49 7.36
CA THR A 220 35.45 16.52 8.45
C THR A 220 36.49 16.98 9.47
N ASP A 221 36.04 17.17 10.71
CA ASP A 221 36.94 17.69 11.74
C ASP A 221 37.79 16.52 12.28
N PRO A 222 39.11 16.74 12.40
CA PRO A 222 39.97 15.70 12.99
C PRO A 222 39.51 15.23 14.35
N ALA A 223 38.78 16.04 15.12
CA ALA A 223 38.30 15.52 16.42
C ALA A 223 37.27 14.40 16.23
N ASP A 224 36.58 14.44 15.09
CA ASP A 224 35.42 13.59 14.89
C ASP A 224 35.78 12.30 14.17
N ILE A 225 36.91 12.30 13.49
CA ILE A 225 37.28 11.13 12.70
C ILE A 225 38.67 10.61 12.98
N ASN A 226 39.57 11.48 13.50
CA ASN A 226 40.99 11.10 13.62
C ASN A 226 41.46 11.12 15.07
N ASP A 227 40.55 11.06 16.04
CA ASP A 227 40.95 11.15 17.45
C ASP A 227 41.89 12.35 17.67
N GLY A 228 41.66 13.39 16.88
CA GLY A 228 42.34 14.68 17.07
C GLY A 228 43.65 14.83 16.31
N LEU A 229 44.03 13.85 15.52
CA LEU A 229 45.30 13.89 14.82
C LEU A 229 45.08 14.49 13.45
N SER A 230 46.05 15.27 12.98
CA SER A 230 45.90 15.96 11.70
C SER A 230 47.16 15.97 10.78
N SER A 231 48.31 15.52 11.24
CA SER A 231 49.51 15.76 10.45
C SER A 231 49.71 14.70 9.36
N PRO A 232 50.49 15.01 8.32
CA PRO A 232 50.78 13.98 7.28
C PRO A 232 51.40 12.69 7.88
N ASP A 233 52.34 12.81 8.83
CA ASP A 233 53.00 11.63 9.41
C ASP A 233 52.03 10.80 10.29
N GLU A 234 50.96 11.42 10.75
CA GLU A 234 49.99 10.76 11.63
C GLU A 234 48.89 10.07 10.85
N THR A 235 48.81 10.32 9.56
CA THR A 235 47.67 9.90 8.76
C THR A 235 48.09 8.98 7.61
N PHE A 236 47.12 8.38 6.93
CA PHE A 236 47.43 7.49 5.82
C PHE A 236 48.43 8.18 4.82
N PRO A 237 49.46 7.47 4.35
CA PRO A 237 49.71 6.01 4.44
C PRO A 237 50.38 5.48 5.73
N ASN A 238 50.47 6.30 6.76
CA ASN A 238 51.16 5.92 7.99
C ASN A 238 50.27 5.27 9.01
N SER A 239 48.96 5.41 8.83
CA SER A 239 47.95 4.92 9.80
C SER A 239 46.63 4.86 9.02
N TRP A 240 45.55 4.42 9.69
CA TRP A 240 44.24 4.44 9.03
C TRP A 240 43.58 5.85 9.02
N TYR A 241 44.26 6.88 9.56
CA TYR A 241 43.63 8.17 9.70
C TYR A 241 43.56 9.00 8.40
N LEU A 242 42.60 9.91 8.38
CA LEU A 242 42.27 10.73 7.23
C LEU A 242 43.33 11.81 6.98
N PRO A 243 43.92 11.82 5.80
CA PRO A 243 44.93 12.90 5.52
C PRO A 243 44.29 14.27 5.39
N PRO A 244 45.09 15.33 5.60
CA PRO A 244 44.53 16.69 5.59
C PRO A 244 43.88 17.09 4.26
N SER A 245 44.18 16.40 3.14
CA SER A 245 43.60 16.77 1.84
C SER A 245 42.42 15.86 1.44
N GLY A 246 42.12 14.88 2.31
CA GLY A 246 41.01 13.93 2.00
C GLY A 246 39.68 14.66 2.08
N VAL A 247 38.75 14.33 1.17
CA VAL A 247 37.43 14.99 1.26
C VAL A 247 36.33 13.96 1.06
N GLU A 248 35.41 13.92 2.02
CA GLU A 248 34.24 13.03 1.90
C GLU A 248 33.30 13.56 0.80
N ARG A 249 33.18 12.77 -0.27
CA ARG A 249 32.12 12.97 -1.26
C ARG A 249 30.80 12.32 -0.78
N GLY A 250 29.69 12.57 -1.46
CA GLY A 250 28.47 11.84 -1.00
C GLY A 250 27.22 12.49 -1.58
N SER A 251 26.10 11.78 -1.47
CA SER A 251 24.84 12.35 -1.95
C SER A 251 24.32 13.38 -0.95
N TYR A 252 23.89 14.53 -1.49
CA TYR A 252 23.24 15.52 -0.64
C TYR A 252 21.72 15.57 -0.94
N TYR A 253 21.23 14.57 -1.66
CA TYR A 253 19.79 14.40 -1.91
CA TYR A 253 19.77 14.49 -1.89
C TYR A 253 19.06 14.04 -0.61
N GLU A 254 17.88 14.61 -0.40
CA GLU A 254 17.12 14.43 0.85
C GLU A 254 16.53 13.02 1.02
N TYR A 255 16.21 12.41 -0.11
CA TYR A 255 15.47 11.12 -0.09
C TYR A 255 16.37 10.00 -0.58
N PHE A 256 15.82 8.82 -0.75
CA PHE A 256 16.55 7.83 -1.57
C PHE A 256 15.73 7.49 -2.80
N GLY A 257 16.28 6.66 -3.71
CA GLY A 257 15.67 6.37 -5.02
C GLY A 257 16.06 7.44 -6.06
N ASP A 258 15.88 7.08 -7.33
CA ASP A 258 16.07 8.06 -8.41
C ASP A 258 15.25 9.33 -8.11
N PRO A 259 15.88 10.52 -8.21
CA PRO A 259 15.12 11.74 -7.92
C PRO A 259 13.89 12.00 -8.83
N LEU A 260 13.95 11.51 -10.08
CA LEU A 260 12.91 11.82 -11.04
C LEU A 260 11.72 10.87 -11.06
N THR A 261 11.76 9.75 -10.33
CA THR A 261 10.72 8.73 -10.53
C THR A 261 10.22 8.21 -9.19
N PRO A 262 9.73 9.09 -8.29
CA PRO A 262 9.25 8.58 -7.00
C PRO A 262 8.10 7.58 -7.22
N TYR A 263 8.26 6.39 -6.60
CA TYR A 263 7.26 5.32 -6.60
C TYR A 263 7.03 4.67 -7.96
N LEU A 264 7.89 4.93 -8.92
CA LEU A 264 7.78 4.24 -10.21
C LEU A 264 9.20 3.85 -10.66
N PRO A 265 9.35 2.70 -11.36
CA PRO A 265 10.69 2.29 -11.84
C PRO A 265 11.17 3.16 -13.03
N ALA A 266 12.45 3.51 -13.00
CA ALA A 266 13.06 4.40 -14.00
C ALA A 266 13.41 3.63 -15.28
N VAL A 267 12.37 3.09 -15.90
CA VAL A 267 12.50 2.30 -17.15
C VAL A 267 12.28 3.24 -18.33
N PRO A 268 12.52 2.75 -19.58
N PRO A 268 12.80 2.93 -19.53
CA PRO A 268 12.32 3.53 -20.84
CA PRO A 268 13.06 4.12 -20.41
C PRO A 268 10.91 4.02 -21.09
C PRO A 268 11.92 5.13 -20.53
N SER A 269 10.80 5.33 -21.34
N SER A 269 10.70 4.62 -20.46
CA SER A 269 9.55 5.98 -21.74
CA SER A 269 9.52 5.44 -20.76
C SER A 269 8.51 6.15 -20.61
C SER A 269 8.81 6.02 -19.55
N SER A 270 8.93 5.88 -19.37
N SER A 270 9.32 5.74 -18.34
CA SER A 270 8.06 6.06 -18.19
CA SER A 270 8.65 6.20 -17.12
C SER A 270 8.16 7.50 -17.57
C SER A 270 8.34 7.63 -17.23
N PHE A 271 7.13 7.91 -16.82
CA PHE A 271 6.91 9.22 -16.20
C PHE A 271 8.12 9.67 -15.37
N ARG A 272 8.56 10.89 -15.62
CA ARG A 272 9.58 11.56 -14.80
C ARG A 272 9.03 12.91 -14.38
N VAL A 273 9.12 13.26 -13.12
N VAL A 273 9.18 13.26 -13.11
CA VAL A 273 8.72 14.59 -12.71
CA VAL A 273 8.88 14.59 -12.57
C VAL A 273 9.59 15.62 -13.49
C VAL A 273 9.69 15.67 -13.32
N ASP A 274 9.06 16.83 -13.60
CA ASP A 274 9.77 17.87 -14.31
C ASP A 274 10.96 18.35 -13.45
N LEU A 275 12.12 18.56 -14.06
CA LEU A 275 13.33 19.01 -13.33
C LEU A 275 13.02 20.15 -12.36
N ALA A 276 12.18 21.09 -12.81
CA ALA A 276 11.62 22.17 -11.98
C ALA A 276 10.77 21.73 -10.77
N ASN A 277 10.09 20.60 -10.85
CA ASN A 277 9.24 20.16 -9.74
C ASN A 277 9.86 19.06 -8.87
N VAL A 278 11.16 18.78 -9.05
CA VAL A 278 11.88 17.77 -8.24
C VAL A 278 12.08 18.32 -6.84
N SER A 279 11.74 17.51 -5.83
CA SER A 279 11.94 17.82 -4.42
C SER A 279 13.20 17.15 -3.96
N GLY A 280 13.87 17.72 -2.97
CA GLY A 280 14.93 17.02 -2.28
C GLY A 280 16.35 17.50 -2.56
N PHE A 281 16.54 18.43 -3.50
CA PHE A 281 17.88 18.90 -3.83
C PHE A 281 18.28 20.03 -2.82
N PRO A 282 19.57 20.11 -2.42
CA PRO A 282 20.00 21.26 -1.62
C PRO A 282 19.62 22.56 -2.33
N PRO A 283 19.11 23.53 -1.59
CA PRO A 283 18.62 24.74 -2.26
C PRO A 283 19.73 25.72 -2.67
N ILE A 284 20.94 25.52 -2.14
CA ILE A 284 22.07 26.46 -2.35
C ILE A 284 23.36 25.68 -2.64
N PRO A 285 24.33 26.32 -3.33
CA PRO A 285 25.59 25.62 -3.62
C PRO A 285 26.32 25.22 -2.35
N THR A 286 26.88 24.03 -2.40
CA THR A 286 27.49 23.43 -1.25
C THR A 286 28.70 22.67 -1.77
N GLN A 287 29.83 22.71 -1.01
CA GLN A 287 31.09 22.11 -1.47
C GLN A 287 31.85 21.56 -0.26
N PRO A 288 32.28 20.31 -0.32
CA PRO A 288 33.09 19.79 0.79
C PRO A 288 34.57 20.13 0.54
N ILE A 289 35.32 20.30 1.62
CA ILE A 289 36.74 20.69 1.53
C ILE A 289 37.60 19.85 2.47
N GLY A 290 38.92 19.84 2.23
CA GLY A 290 39.80 19.12 3.13
C GLY A 290 39.98 19.85 4.44
N PHE A 291 40.35 19.14 5.51
CA PHE A 291 40.43 19.82 6.80
C PHE A 291 41.61 20.80 6.89
N GLN A 292 42.59 20.64 6.01
CA GLN A 292 43.64 21.67 5.92
C GLN A 292 43.08 23.02 5.46
N ASP A 293 42.18 22.99 4.48
CA ASP A 293 41.49 24.18 4.03
C ASP A 293 40.51 24.73 5.08
N ALA A 294 39.82 23.81 5.78
CA ALA A 294 38.98 24.28 6.87
C ALA A 294 39.78 24.94 7.97
N ARG A 295 40.95 24.40 8.30
N ARG A 295 40.96 24.42 8.28
CA ARG A 295 41.81 25.06 9.30
CA ARG A 295 41.80 25.07 9.31
C ARG A 295 42.07 26.52 8.93
C ARG A 295 42.11 26.51 8.94
N ASP A 296 42.46 26.76 7.68
CA ASP A 296 42.79 28.11 7.22
C ASP A 296 41.61 29.05 7.34
N LEU A 297 40.40 28.53 7.10
CA LEU A 297 39.18 29.33 7.22
C LEU A 297 38.78 29.55 8.67
N LEU A 298 38.48 28.45 9.39
CA LEU A 298 37.93 28.56 10.71
C LEU A 298 38.91 29.22 11.68
N CYS A 299 40.20 28.89 11.58
CA CYS A 299 41.18 29.43 12.52
C CYS A 299 41.42 30.94 12.35
N ASN A 300 40.86 31.53 11.30
CA ASN A 300 40.93 32.98 11.07
C ASN A 300 39.59 33.72 11.31
N LEU A 301 38.55 33.01 11.78
CA LEU A 301 37.28 33.68 11.98
C LEU A 301 37.36 34.72 13.14
N ASN A 302 36.60 35.78 12.98
CA ASN A 302 36.42 36.77 14.00
C ASN A 302 35.29 36.39 14.94
N GLY A 303 35.25 37.02 16.12
CA GLY A 303 34.02 37.07 16.89
C GLY A 303 33.99 36.20 18.11
N THR A 304 32.77 35.84 18.52
CA THR A 304 32.52 35.12 19.77
C THR A 304 33.04 33.69 19.72
N LEU A 305 33.64 33.25 20.81
CA LEU A 305 34.05 31.83 20.96
C LEU A 305 32.82 30.91 20.83
N ALA A 306 32.91 29.89 19.98
CA ALA A 306 31.79 28.94 19.84
C ALA A 306 31.59 28.13 21.12
N PRO A 307 30.35 27.63 21.37
CA PRO A 307 30.11 26.75 22.52
C PRO A 307 31.08 25.55 22.61
N ALA A 308 31.31 25.04 23.81
CA ALA A 308 32.27 23.93 24.03
C ALA A 308 32.08 22.75 23.07
N THR A 309 30.82 22.36 22.83
CA THR A 309 30.50 21.22 21.98
C THR A 309 30.75 21.48 20.50
N TRP A 310 30.98 22.74 20.15
CA TRP A 310 31.25 23.12 18.75
C TRP A 310 32.76 23.11 18.46
N GLN A 311 33.56 22.91 19.51
CA GLN A 311 35.02 22.96 19.36
C GLN A 311 35.54 21.71 18.63
N GLY A 312 36.83 21.67 18.32
CA GLY A 312 37.38 20.58 17.52
C GLY A 312 38.90 20.54 17.54
N ALA A 313 39.50 19.84 16.58
CA ALA A 313 40.92 19.60 16.62
C ALA A 313 41.66 20.17 15.43
N LEU A 314 41.10 21.21 14.78
CA LEU A 314 41.78 21.83 13.65
C LEU A 314 43.06 22.55 14.13
N GLY A 315 43.10 22.92 15.42
CA GLY A 315 44.30 23.53 15.99
C GLY A 315 44.14 24.93 16.53
N CYS A 316 42.92 25.41 16.73
CA CYS A 316 42.70 26.76 17.26
C CYS A 316 41.42 26.72 18.07
N HIS A 317 41.13 27.79 18.81
CA HIS A 317 39.80 27.97 19.38
C HIS A 317 38.87 28.31 18.24
N TYR A 318 37.66 27.77 18.23
CA TYR A 318 36.75 28.09 17.13
C TYR A 318 35.86 29.25 17.48
N ARG A 319 35.84 30.25 16.60
CA ARG A 319 34.93 31.39 16.75
C ARG A 319 33.84 31.35 15.69
N LEU A 320 32.82 32.20 15.84
CA LEU A 320 31.60 32.06 15.03
C LEU A 320 31.55 32.84 13.72
N GLY A 321 32.36 33.88 13.61
CA GLY A 321 32.18 34.81 12.51
C GLY A 321 31.14 35.85 12.94
N PRO A 322 30.67 36.66 12.01
CA PRO A 322 31.00 36.65 10.59
C PRO A 322 32.31 37.34 10.25
N GLY A 323 32.95 36.83 9.22
CA GLY A 323 34.17 37.42 8.68
C GLY A 323 35.42 37.04 9.44
N PHE A 324 36.55 37.59 9.02
CA PHE A 324 37.86 37.18 9.56
C PHE A 324 38.42 38.18 10.56
N ARG A 325 39.26 37.71 11.47
CA ARG A 325 39.76 38.58 12.54
C ARG A 325 40.90 39.45 11.98
N PRO A 326 40.98 40.70 12.45
CA PRO A 326 42.01 41.61 11.94
C PRO A 326 43.44 41.17 12.21
N ASP A 327 43.67 40.38 13.26
CA ASP A 327 45.00 39.98 13.62
C ASP A 327 45.38 38.61 13.05
N GLY A 328 44.59 38.12 12.09
CA GLY A 328 44.82 36.79 11.48
C GLY A 328 45.50 36.92 10.12
N ASP A 329 45.30 35.92 9.27
CA ASP A 329 46.05 35.83 8.00
C ASP A 329 45.47 36.69 6.90
N PHE A 330 44.21 37.11 7.05
CA PHE A 330 43.46 37.79 5.97
C PHE A 330 42.94 39.13 6.39
N PRO A 331 42.81 40.06 5.44
CA PRO A 331 42.19 41.32 5.81
C PRO A 331 40.78 41.02 6.31
N ALA A 332 40.32 41.76 7.33
CA ALA A 332 38.97 41.56 7.88
C ALA A 332 37.82 41.93 6.92
N ASP A 333 38.09 42.62 5.83
CA ASP A 333 37.00 42.85 4.84
C ASP A 333 36.83 41.65 3.83
N SER A 334 37.58 40.56 4.00
CA SER A 334 37.64 39.52 2.98
C SER A 334 36.37 38.67 3.04
N GLN A 335 36.01 38.15 1.88
CA GLN A 335 34.83 37.25 1.76
C GLN A 335 35.28 35.90 1.19
N VAL A 336 34.37 34.94 1.23
CA VAL A 336 34.65 33.61 0.68
C VAL A 336 33.76 33.46 -0.52
N ASN A 337 34.33 33.02 -1.64
CA ASN A 337 33.60 32.85 -2.88
C ASN A 337 33.60 31.35 -3.09
N VAL A 338 32.39 30.79 -3.26
CA VAL A 338 32.25 29.35 -3.48
C VAL A 338 31.71 29.20 -4.90
N SER A 339 32.49 28.70 -5.84
CA SER A 339 31.97 28.57 -7.20
C SER A 339 31.84 27.10 -7.52
N VAL A 340 30.61 26.72 -7.83
CA VAL A 340 30.23 25.34 -8.09
C VAL A 340 29.61 25.24 -9.50
N TYR A 341 30.03 24.23 -10.24
CA TYR A 341 29.65 24.02 -11.63
C TYR A 341 29.02 22.64 -11.84
N ASN A 342 28.54 22.03 -10.76
CA ASN A 342 27.87 20.72 -10.85
C ASN A 342 26.72 20.70 -11.83
N ARG A 343 26.58 19.58 -12.55
CA ARG A 343 25.43 19.38 -13.43
C ARG A 343 24.63 18.15 -13.01
N LEU A 344 23.32 18.21 -13.28
CA LEU A 344 22.44 17.04 -13.18
C LEU A 344 22.47 16.38 -14.54
N GLU A 345 22.54 15.05 -14.56
CA GLU A 345 22.68 14.34 -15.83
C GLU A 345 22.02 12.98 -15.72
N LEU A 346 21.19 12.67 -16.71
CA LEU A 346 20.63 11.32 -16.79
C LEU A 346 21.71 10.34 -17.21
N ARG A 347 21.76 9.17 -16.56
CA ARG A 347 22.78 8.17 -16.84
C ARG A 347 22.13 6.80 -16.75
N ASN A 348 22.64 5.85 -17.54
CA ASN A 348 22.31 4.45 -17.34
C ASN A 348 23.10 3.85 -16.20
N SER A 349 22.39 3.13 -15.32
CA SER A 349 23.03 2.38 -14.22
C SER A 349 22.43 1.00 -14.17
N SER A 350 23.30 -0.02 -14.08
CA SER A 350 22.84 -1.38 -14.07
C SER A 350 22.96 -2.04 -12.70
N ASN A 351 21.96 -2.86 -12.43
CA ASN A 351 22.08 -3.93 -11.42
C ASN A 351 22.47 -5.23 -12.11
N VAL A 352 23.15 -6.12 -11.39
CA VAL A 352 23.33 -7.48 -11.90
C VAL A 352 22.67 -8.39 -10.88
N LEU A 353 21.76 -9.25 -11.37
CA LEU A 353 21.09 -10.24 -10.55
C LEU A 353 21.55 -11.63 -10.93
N GLY A 354 21.61 -12.50 -9.93
CA GLY A 354 22.03 -13.89 -10.14
C GLY A 354 21.08 -14.73 -9.32
N ILE A 355 20.86 -15.95 -9.75
CA ILE A 355 20.01 -16.82 -8.95
C ILE A 355 20.46 -18.26 -8.89
N ILE A 356 20.23 -18.86 -7.72
CA ILE A 356 20.27 -20.31 -7.60
C ILE A 356 18.84 -20.74 -7.29
N ARG A 357 18.24 -21.47 -8.22
CA ARG A 357 16.83 -21.81 -8.11
C ARG A 357 16.61 -22.83 -6.98
N GLY A 358 15.60 -22.58 -6.13
CA GLY A 358 15.32 -23.56 -5.11
C GLY A 358 14.82 -24.92 -5.64
N ALA A 359 15.22 -25.98 -4.95
CA ALA A 359 14.85 -27.35 -5.32
C ALA A 359 13.41 -27.63 -4.96
N VAL A 360 12.92 -27.02 -3.88
CA VAL A 360 11.62 -27.42 -3.32
C VAL A 360 10.62 -26.27 -3.30
N GLU A 361 11.09 -25.10 -2.85
CA GLU A 361 10.30 -23.86 -2.78
C GLU A 361 11.01 -22.75 -3.56
N PRO A 362 11.07 -22.92 -4.90
CA PRO A 362 11.76 -21.89 -5.70
C PRO A 362 11.09 -20.51 -5.67
N ASP A 363 9.82 -20.47 -5.25
CA ASP A 363 9.05 -19.23 -5.14
C ASP A 363 9.23 -18.57 -3.76
N ARG A 364 10.29 -18.93 -3.04
CA ARG A 364 10.69 -18.19 -1.82
C ARG A 364 12.12 -17.75 -2.02
N TYR A 365 12.38 -16.47 -1.73
CA TYR A 365 13.67 -15.89 -2.09
C TYR A 365 14.45 -15.51 -0.86
N VAL A 366 15.73 -15.89 -0.83
CA VAL A 366 16.62 -15.34 0.21
C VAL A 366 17.54 -14.48 -0.62
N LEU A 367 17.45 -13.18 -0.37
CA LEU A 367 18.15 -12.20 -1.21
C LEU A 367 19.39 -11.69 -0.50
N TYR A 368 20.53 -11.70 -1.23
CA TYR A 368 21.82 -11.23 -0.67
C TYR A 368 22.34 -10.16 -1.61
N GLY A 369 22.50 -8.94 -1.12
CA GLY A 369 22.93 -7.86 -2.04
C GLY A 369 24.10 -7.05 -1.48
N ASN A 370 24.72 -6.32 -2.39
CA ASN A 370 25.87 -5.48 -2.09
C ASN A 370 25.91 -4.48 -3.25
N HIS A 371 26.11 -3.20 -2.94
CA HIS A 371 26.35 -2.27 -4.05
C HIS A 371 27.75 -2.33 -4.61
N ARG A 372 27.90 -1.84 -5.84
CA ARG A 372 29.10 -2.09 -6.63
C ARG A 372 29.84 -0.78 -6.82
N ASP A 373 29.08 0.32 -6.86
CA ASP A 373 29.62 1.64 -7.26
C ASP A 373 30.25 2.36 -6.09
N SER A 374 31.28 3.18 -6.37
CA SER A 374 32.01 3.86 -5.31
C SER A 374 32.13 5.32 -5.62
N TRP A 375 32.70 6.08 -4.70
CA TRP A 375 33.01 7.49 -4.99
C TRP A 375 34.37 7.59 -5.74
N VAL A 376 35.38 6.93 -5.22
CA VAL A 376 36.68 6.89 -5.92
C VAL A 376 37.06 5.38 -6.12
N HIS A 377 38.14 4.90 -5.51
CA HIS A 377 38.47 3.47 -5.67
C HIS A 377 37.54 2.57 -4.85
N GLY A 378 37.00 3.10 -3.78
CA GLY A 378 36.00 2.36 -2.97
C GLY A 378 36.49 1.03 -2.44
N ALA A 379 37.76 0.94 -2.02
CA ALA A 379 38.27 -0.37 -1.60
C ALA A 379 37.46 -0.90 -0.39
N VAL A 380 37.26 -0.05 0.61
CA VAL A 380 36.42 -0.43 1.75
C VAL A 380 34.96 -0.36 1.32
N ASP A 381 34.55 0.79 0.83
CA ASP A 381 33.13 1.01 0.45
C ASP A 381 32.98 1.13 -1.08
N PRO A 382 32.40 0.10 -1.73
CA PRO A 382 31.75 -1.08 -1.23
C PRO A 382 32.58 -2.34 -1.59
N SER A 383 33.80 -2.13 -2.12
CA SER A 383 34.44 -3.25 -2.81
C SER A 383 34.80 -4.37 -1.83
N SER A 384 34.98 -4.04 -0.55
CA SER A 384 35.28 -5.08 0.44
C SER A 384 34.04 -6.01 0.49
N GLY A 385 32.83 -5.43 0.40
CA GLY A 385 31.59 -6.20 0.31
C GLY A 385 31.53 -6.96 -1.03
N THR A 386 31.86 -6.32 -2.15
CA THR A 386 31.75 -7.03 -3.40
C THR A 386 32.71 -8.22 -3.50
N ALA A 387 33.90 -8.06 -2.89
CA ALA A 387 34.89 -9.14 -2.85
C ALA A 387 34.35 -10.38 -2.13
N VAL A 388 33.65 -10.13 -1.05
CA VAL A 388 32.93 -11.17 -0.31
C VAL A 388 31.75 -11.77 -1.11
N LEU A 389 30.95 -10.90 -1.77
CA LEU A 389 29.84 -11.33 -2.64
C LEU A 389 30.37 -12.30 -3.71
N LEU A 390 31.49 -11.94 -4.34
CA LEU A 390 32.05 -12.82 -5.39
C LEU A 390 32.51 -14.15 -4.84
N GLU A 391 33.15 -14.15 -3.68
CA GLU A 391 33.71 -15.38 -3.10
C GLU A 391 32.59 -16.31 -2.59
N LEU A 392 31.58 -15.75 -1.91
CA LEU A 392 30.46 -16.56 -1.42
C LEU A 392 29.68 -17.16 -2.59
N SER A 393 29.42 -16.33 -3.60
CA SER A 393 28.73 -16.83 -4.77
C SER A 393 29.57 -17.88 -5.54
N ARG A 394 30.88 -17.72 -5.57
CA ARG A 394 31.77 -18.74 -6.16
C ARG A 394 31.61 -20.06 -5.41
N VAL A 395 31.69 -20.02 -4.09
CA VAL A 395 31.61 -21.26 -3.31
C VAL A 395 30.29 -21.96 -3.54
N LEU A 396 29.16 -21.23 -3.42
CA LEU A 396 27.84 -21.83 -3.64
C LEU A 396 27.64 -22.27 -5.08
N GLY A 397 28.08 -21.46 -6.05
CA GLY A 397 27.89 -21.81 -7.46
C GLY A 397 28.68 -23.09 -7.79
N THR A 398 29.87 -23.17 -7.23
CA THR A 398 30.72 -24.34 -7.49
C THR A 398 30.08 -25.62 -6.95
N LEU A 399 29.54 -25.52 -5.73
CA LEU A 399 28.84 -26.61 -5.09
C LEU A 399 27.59 -27.00 -5.90
N LEU A 400 26.86 -26.00 -6.40
CA LEU A 400 25.72 -26.22 -7.28
C LEU A 400 26.12 -26.99 -8.54
N LYS A 401 27.14 -26.49 -9.24
CA LYS A 401 27.58 -27.09 -10.50
C LYS A 401 28.09 -28.52 -10.37
N LYS A 402 28.64 -28.85 -9.21
CA LYS A 402 29.13 -30.19 -8.89
C LYS A 402 27.97 -31.19 -8.78
N GLY A 403 26.78 -30.67 -8.53
N GLY A 403 26.72 -30.72 -8.62
CA GLY A 403 25.66 -31.50 -8.19
CA GLY A 403 25.53 -31.50 -9.01
C GLY A 403 25.63 -31.82 -6.70
C GLY A 403 24.65 -32.25 -8.01
N THR A 404 26.51 -31.22 -5.90
N THR A 404 25.03 -32.26 -6.74
CA THR A 404 26.57 -31.58 -4.48
CA THR A 404 24.22 -32.94 -5.70
C THR A 404 25.31 -31.15 -3.70
C THR A 404 23.36 -31.95 -4.89
N TRP A 405 24.66 -30.10 -4.18
N TRP A 405 24.00 -30.90 -4.36
CA TRP A 405 23.70 -29.38 -3.33
CA TRP A 405 23.28 -29.90 -3.56
C TRP A 405 22.80 -28.49 -4.18
C TRP A 405 22.60 -28.83 -4.40
N ARG A 406 21.50 -28.37 -3.84
CA ARG A 406 20.69 -27.27 -4.40
C ARG A 406 19.85 -26.83 -3.19
N PRO A 407 19.80 -25.50 -2.94
CA PRO A 407 19.09 -25.07 -1.70
C PRO A 407 17.59 -25.36 -1.78
N ARG A 408 16.93 -25.46 -0.62
CA ARG A 408 15.47 -25.71 -0.62
C ARG A 408 14.75 -24.53 -1.29
N ARG A 409 15.09 -23.32 -0.88
CA ARG A 409 14.51 -22.05 -1.44
C ARG A 409 15.51 -21.42 -2.38
N SER A 410 15.04 -20.51 -3.23
CA SER A 410 15.94 -19.81 -4.14
C SER A 410 16.82 -18.81 -3.40
N ILE A 411 18.08 -18.74 -3.81
CA ILE A 411 19.00 -17.71 -3.34
C ILE A 411 19.22 -16.76 -4.48
N VAL A 412 18.92 -15.48 -4.22
CA VAL A 412 19.11 -14.46 -5.23
C VAL A 412 20.24 -13.55 -4.77
N PHE A 413 21.19 -13.30 -5.67
CA PHE A 413 22.37 -12.47 -5.44
C PHE A 413 22.19 -11.19 -6.24
N ALA A 414 22.54 -10.04 -5.64
CA ALA A 414 22.33 -8.77 -6.32
C ALA A 414 23.56 -7.89 -6.20
N SER A 415 24.00 -7.35 -7.33
CA SER A 415 25.02 -6.31 -7.34
C SER A 415 24.31 -5.01 -7.73
N TRP A 416 24.11 -4.10 -6.76
CA TRP A 416 23.31 -2.92 -7.00
C TRP A 416 24.14 -1.80 -7.59
N GLY A 417 23.60 -1.15 -8.61
CA GLY A 417 24.25 0.07 -9.08
C GLY A 417 23.78 1.35 -8.38
N ALA A 418 24.57 2.43 -8.57
CA ALA A 418 24.19 3.78 -8.12
C ALA A 418 23.69 3.91 -6.65
N GLU A 419 24.24 3.11 -5.73
CA GLU A 419 23.88 3.27 -4.36
C GLU A 419 24.43 4.59 -3.79
N GLU A 420 25.61 5.00 -4.24
CA GLU A 420 26.21 6.19 -3.66
C GLU A 420 25.39 7.46 -3.97
N PHE A 421 24.58 7.40 -5.02
CA PHE A 421 23.67 8.51 -5.35
C PHE A 421 22.33 8.43 -4.64
N GLY A 422 22.13 7.44 -3.75
CA GLY A 422 20.90 7.42 -3.04
C GLY A 422 20.18 6.08 -3.15
N LEU A 423 20.92 4.98 -3.02
CA LEU A 423 20.27 3.64 -3.08
C LEU A 423 19.44 3.52 -4.34
N ILE A 424 19.93 4.07 -5.44
CA ILE A 424 19.09 4.11 -6.63
C ILE A 424 18.80 2.74 -7.26
N GLY A 425 19.85 1.94 -7.46
CA GLY A 425 19.66 0.64 -8.14
C GLY A 425 18.75 -0.30 -7.32
N SER A 426 18.95 -0.34 -6.01
CA SER A 426 18.14 -1.25 -5.15
C SER A 426 16.69 -0.72 -5.14
N THR A 427 16.53 0.60 -5.02
CA THR A 427 15.17 1.16 -4.92
C THR A 427 14.41 0.92 -6.23
N GLU A 428 15.05 1.19 -7.37
CA GLU A 428 14.34 0.95 -8.66
C GLU A 428 13.94 -0.53 -8.83
N PHE A 429 14.78 -1.44 -8.35
CA PHE A 429 14.47 -2.90 -8.42
C PHE A 429 13.21 -3.17 -7.55
N THR A 430 13.15 -2.62 -6.33
CA THR A 430 11.96 -2.81 -5.48
C THR A 430 10.68 -2.25 -6.08
N GLU A 431 10.82 -1.14 -6.84
CA GLU A 431 9.66 -0.57 -7.53
C GLU A 431 9.23 -1.42 -8.69
N GLU A 432 10.21 -1.91 -9.41
CA GLU A 432 9.92 -2.74 -10.63
C GLU A 432 9.28 -4.07 -10.24
N PHE A 433 9.73 -4.67 -9.15
CA PHE A 433 9.26 -6.05 -8.82
C PHE A 433 8.55 -6.08 -7.47
N PHE A 434 7.88 -4.98 -7.13
CA PHE A 434 7.26 -4.80 -5.83
C PHE A 434 6.45 -6.03 -5.35
N ASN A 435 5.48 -6.47 -6.15
CA ASN A 435 4.56 -7.52 -5.69
C ASN A 435 5.26 -8.90 -5.60
N LYS A 436 6.05 -9.23 -6.61
CA LYS A 436 6.74 -10.51 -6.61
C LYS A 436 7.65 -10.57 -5.40
N LEU A 437 8.29 -9.45 -5.09
CA LEU A 437 9.20 -9.44 -3.94
C LEU A 437 8.42 -9.50 -2.65
N GLN A 438 7.34 -8.73 -2.55
CA GLN A 438 6.60 -8.70 -1.30
C GLN A 438 5.96 -10.01 -0.96
N GLU A 439 5.52 -10.77 -1.98
CA GLU A 439 4.83 -12.02 -1.65
CA GLU A 439 4.81 -12.00 -1.68
C GLU A 439 5.79 -13.14 -1.31
N ARG A 440 7.03 -13.03 -1.79
CA ARG A 440 7.91 -14.23 -1.81
C ARG A 440 9.25 -14.14 -1.01
N THR A 441 9.67 -12.94 -0.61
CA THR A 441 11.01 -12.79 -0.05
C THR A 441 11.01 -13.12 1.41
N VAL A 442 11.88 -14.07 1.78
CA VAL A 442 12.04 -14.48 3.18
C VAL A 442 12.76 -13.36 3.94
N ALA A 443 13.88 -12.88 3.41
CA ALA A 443 14.70 -11.83 4.08
C ALA A 443 15.62 -11.26 3.08
N TYR A 444 16.13 -10.06 3.41
CA TYR A 444 17.14 -9.41 2.61
C TYR A 444 18.41 -9.31 3.47
N ILE A 445 19.53 -9.82 2.96
CA ILE A 445 20.80 -9.75 3.68
C ILE A 445 21.71 -8.81 2.91
N ASN A 446 22.15 -7.73 3.56
CA ASN A 446 22.99 -6.71 2.89
C ASN A 446 24.42 -6.80 3.43
N VAL A 447 25.41 -6.74 2.56
CA VAL A 447 26.79 -6.47 3.05
C VAL A 447 27.31 -5.38 2.11
N ASP A 448 27.48 -4.17 2.67
CA ASP A 448 27.87 -2.98 1.92
C ASP A 448 29.39 -2.90 2.10
N ILE A 449 29.81 -2.45 3.28
CA ILE A 449 31.23 -2.56 3.65
C ILE A 449 31.40 -3.84 4.46
N SER A 450 32.25 -4.77 4.04
CA SER A 450 32.37 -5.98 4.83
CA SER A 450 32.50 -6.00 4.78
C SER A 450 33.23 -5.68 6.05
N VAL A 451 34.21 -4.79 5.91
CA VAL A 451 35.20 -4.57 6.99
C VAL A 451 35.50 -3.10 7.17
N PHE A 452 35.01 -2.51 8.28
CA PHE A 452 35.44 -1.14 8.73
C PHE A 452 36.78 -1.24 9.50
N ALA A 453 37.11 -2.44 9.97
CA ALA A 453 38.31 -2.73 10.80
C ALA A 453 38.12 -4.15 11.34
N ASN A 454 39.05 -4.64 12.17
CA ASN A 454 39.04 -6.10 12.43
C ASN A 454 38.74 -6.52 13.88
N ALA A 455 38.14 -5.64 14.67
CA ALA A 455 37.96 -5.93 16.08
C ALA A 455 36.74 -6.83 16.34
N THR A 456 35.61 -6.59 15.66
CA THR A 456 34.35 -7.29 16.08
C THR A 456 33.31 -7.25 15.00
N LEU A 457 32.46 -8.25 14.99
CA LEU A 457 31.27 -8.20 14.15
C LEU A 457 30.39 -7.07 14.65
N ARG A 458 29.60 -6.49 13.74
CA ARG A 458 28.44 -5.70 14.16
C ARG A 458 27.32 -6.01 13.16
N VAL A 459 26.08 -6.10 13.63
CA VAL A 459 25.00 -6.49 12.76
C VAL A 459 23.86 -5.53 13.05
N GLN A 460 23.21 -5.08 11.99
CA GLN A 460 22.01 -4.27 12.11
C GLN A 460 20.91 -5.13 11.51
N GLY A 461 19.71 -4.96 12.00
CA GLY A 461 18.60 -5.67 11.33
C GLY A 461 17.33 -5.65 12.17
N THR A 462 16.25 -6.18 11.62
CA THR A 462 14.98 -6.18 12.36
C THR A 462 14.92 -7.45 13.27
N PRO A 463 14.18 -7.36 14.37
CA PRO A 463 14.21 -8.49 15.31
C PRO A 463 13.99 -9.92 14.75
N PRO A 464 13.18 -10.12 13.69
CA PRO A 464 12.96 -11.51 13.28
C PRO A 464 14.25 -12.18 12.77
N VAL A 465 15.28 -11.39 12.46
CA VAL A 465 16.53 -11.99 11.94
C VAL A 465 17.54 -12.23 13.05
N GLN A 466 17.26 -11.79 14.29
CA GLN A 466 18.26 -11.94 15.30
C GLN A 466 18.67 -13.43 15.55
N SER A 467 17.68 -14.30 15.65
CA SER A 467 17.96 -15.67 16.13
C SER A 467 18.89 -16.39 15.13
N VAL A 468 18.74 -16.10 13.85
CA VAL A 468 19.56 -16.83 12.87
C VAL A 468 21.03 -16.38 12.83
N VAL A 469 21.26 -15.08 13.04
CA VAL A 469 22.65 -14.60 13.09
C VAL A 469 23.28 -15.04 14.41
N PHE A 470 22.49 -15.08 15.48
CA PHE A 470 23.04 -15.66 16.75
C PHE A 470 23.47 -17.12 16.51
N SER A 471 22.56 -17.92 15.93
CA SER A 471 22.90 -19.32 15.61
C SER A 471 24.16 -19.44 14.75
N ALA A 472 24.25 -18.64 13.70
CA ALA A 472 25.39 -18.74 12.77
C ALA A 472 26.68 -18.42 13.49
N THR A 473 26.69 -17.37 14.29
CA THR A 473 27.96 -16.81 14.78
C THR A 473 28.51 -17.60 15.98
N LYS A 474 27.64 -18.37 16.63
CA LYS A 474 28.11 -19.29 17.66
C LYS A 474 28.97 -20.44 17.15
N GLU A 475 28.86 -20.76 15.87
N GLU A 475 28.83 -20.77 15.88
CA GLU A 475 29.50 -21.95 15.28
CA GLU A 475 29.48 -21.96 15.32
C GLU A 475 30.60 -21.62 14.26
C GLU A 475 30.75 -21.67 14.50
N ILE A 476 31.10 -20.39 14.34
CA ILE A 476 32.25 -19.96 13.51
C ILE A 476 33.27 -19.29 14.41
N ARG A 477 34.56 -19.58 14.20
CA ARG A 477 35.62 -19.03 15.07
C ARG A 477 36.00 -17.64 14.64
N SER A 478 36.11 -16.79 15.65
CA SER A 478 36.50 -15.41 15.50
C SER A 478 37.97 -15.42 15.06
N PRO A 479 38.34 -14.56 14.11
CA PRO A 479 39.76 -14.45 13.70
C PRO A 479 40.65 -13.76 14.68
N GLY A 480 40.08 -13.25 15.74
CA GLY A 480 40.79 -12.39 16.68
C GLY A 480 41.42 -13.22 17.81
N PRO A 481 41.98 -12.54 18.83
CA PRO A 481 42.66 -13.32 19.89
C PRO A 481 41.69 -14.05 20.83
N GLY A 482 42.29 -15.02 21.51
N GLY A 482 42.16 -15.00 21.63
CA GLY A 482 41.58 -16.09 22.11
CA GLY A 482 41.33 -15.50 22.74
C GLY A 482 41.19 -17.10 21.06
C GLY A 482 40.52 -16.78 22.54
N ASP A 483 40.33 -17.99 21.51
N ASP A 483 40.58 -17.35 21.34
CA ASP A 483 39.77 -19.07 20.77
CA ASP A 483 39.95 -18.62 21.12
C ASP A 483 38.29 -18.85 21.00
C ASP A 483 38.44 -18.51 21.42
N LEU A 484 37.77 -17.67 20.63
CA LEU A 484 36.34 -17.38 20.84
C LEU A 484 35.57 -17.60 19.56
N SER A 485 34.30 -17.94 19.71
CA SER A 485 33.40 -17.86 18.52
C SER A 485 33.21 -16.39 18.13
N ILE A 486 32.70 -16.20 16.92
CA ILE A 486 32.35 -14.87 16.46
C ILE A 486 31.35 -14.22 17.47
N TYR A 487 30.37 -15.00 17.92
CA TYR A 487 29.36 -14.55 18.87
C TYR A 487 29.98 -14.14 20.21
N ASP A 488 30.84 -15.01 20.79
CA ASP A 488 31.43 -14.65 22.07
C ASP A 488 32.42 -13.49 21.97
N ASN A 489 33.06 -13.28 20.82
CA ASN A 489 33.84 -12.03 20.64
C ASN A 489 32.90 -10.79 20.49
N TRP A 490 31.86 -10.93 19.67
CA TRP A 490 30.90 -9.83 19.42
C TRP A 490 30.27 -9.29 20.70
N ILE A 491 29.90 -10.16 21.62
CA ILE A 491 29.18 -9.70 22.81
C ILE A 491 30.12 -8.87 23.69
N ARG A 492 31.44 -9.04 23.55
CA ARG A 492 32.39 -8.19 24.31
C ARG A 492 32.42 -6.72 23.91
N TYR A 493 31.85 -6.43 22.75
CA TYR A 493 31.89 -5.10 22.16
C TYR A 493 30.53 -4.42 22.08
N PHE A 494 29.49 -5.17 21.65
CA PHE A 494 28.16 -4.57 21.48
C PHE A 494 27.18 -5.52 22.16
N ASN A 495 26.64 -5.13 23.31
CA ASN A 495 25.73 -6.02 24.01
C ASN A 495 24.52 -5.29 24.60
N ARG A 496 23.55 -6.05 25.06
CA ARG A 496 22.35 -5.47 25.70
C ARG A 496 21.75 -6.54 26.55
N SER A 497 20.97 -6.10 27.53
CA SER A 497 20.32 -7.03 28.44
C SER A 497 18.90 -7.32 27.95
N SER A 498 18.65 -8.58 27.58
CA SER A 498 17.31 -9.01 27.17
C SER A 498 16.61 -9.67 28.37
N PRO A 499 15.33 -9.33 28.65
CA PRO A 499 14.60 -10.05 29.68
C PRO A 499 14.32 -11.53 29.33
N VAL A 500 14.44 -11.87 28.05
CA VAL A 500 14.26 -13.22 27.61
C VAL A 500 15.58 -13.98 27.69
N TYR A 501 16.65 -13.44 27.14
CA TYR A 501 17.89 -14.21 26.95
C TYR A 501 19.00 -13.86 27.88
N GLY A 502 18.83 -12.81 28.67
CA GLY A 502 19.93 -12.18 29.38
C GLY A 502 20.86 -11.37 28.52
N LEU A 503 22.14 -11.32 28.87
CA LEU A 503 23.07 -10.51 28.06
C LEU A 503 23.29 -11.17 26.69
N VAL A 504 23.08 -10.41 25.61
CA VAL A 504 23.25 -10.91 24.23
C VAL A 504 23.91 -9.79 23.38
N PRO A 505 24.50 -10.13 22.22
CA PRO A 505 24.99 -9.08 21.33
C PRO A 505 23.81 -8.22 20.91
N SER A 506 24.06 -6.93 20.69
CA SER A 506 22.99 -6.03 20.32
CA SER A 506 22.99 -6.01 20.32
C SER A 506 22.92 -5.91 18.80
N LEU A 507 21.72 -5.92 18.26
CA LEU A 507 21.54 -5.63 16.83
C LEU A 507 21.18 -4.20 16.65
N GLY A 508 21.88 -3.49 15.77
CA GLY A 508 21.54 -2.08 15.48
C GLY A 508 20.22 -1.99 14.67
N SER A 509 19.54 -0.84 14.75
CA SER A 509 18.32 -0.61 13.92
CA SER A 509 18.33 -0.67 13.93
C SER A 509 18.71 -0.22 12.52
N LEU A 510 17.76 -0.34 11.59
CA LEU A 510 17.99 -0.01 10.19
C LEU A 510 17.40 1.36 9.84
N GLY A 511 18.24 2.27 9.37
CA GLY A 511 17.76 3.55 8.84
C GLY A 511 17.91 3.53 7.33
N ALA A 512 18.70 4.45 6.77
CA ALA A 512 18.81 4.44 5.28
C ALA A 512 20.29 4.50 4.87
N GLY A 513 21.12 3.82 5.66
CA GLY A 513 22.57 3.84 5.40
C GLY A 513 23.05 2.90 4.30
N SER A 514 22.18 2.05 3.77
CA SER A 514 22.54 1.20 2.64
C SER A 514 21.30 0.60 1.99
N ASP A 515 21.51 -0.34 1.06
CA ASP A 515 20.51 -0.86 0.18
C ASP A 515 19.42 -1.67 0.85
N TYR A 516 19.55 -1.97 2.16
CA TYR A 516 18.41 -2.57 2.87
C TYR A 516 17.24 -1.61 2.99
N ALA A 517 17.48 -0.29 2.79
CA ALA A 517 16.40 0.68 3.09
C ALA A 517 15.09 0.40 2.35
N PRO A 518 15.12 0.27 0.99
CA PRO A 518 13.82 0.07 0.40
C PRO A 518 13.22 -1.31 0.75
N PHE A 519 14.08 -2.30 1.08
CA PHE A 519 13.53 -3.60 1.49
C PHE A 519 12.76 -3.55 2.78
N VAL A 520 13.30 -2.87 3.76
CA VAL A 520 12.63 -2.88 5.06
C VAL A 520 11.52 -1.82 5.11
N HIS A 521 11.81 -0.60 4.60
CA HIS A 521 10.91 0.56 4.86
C HIS A 521 9.76 0.59 3.88
N PHE A 522 9.98 0.07 2.66
CA PHE A 522 9.00 0.20 1.58
C PHE A 522 8.33 -1.16 1.33
N LEU A 523 9.13 -2.23 1.25
N LEU A 523 9.12 -2.24 1.23
CA LEU A 523 8.56 -3.60 0.99
CA LEU A 523 8.56 -3.57 0.98
C LEU A 523 8.17 -4.33 2.26
C LEU A 523 8.12 -4.29 2.26
N GLY A 524 8.69 -3.90 3.40
CA GLY A 524 8.40 -4.60 4.67
C GLY A 524 9.03 -6.00 4.77
N ILE A 525 10.27 -6.16 4.27
CA ILE A 525 10.98 -7.44 4.29
C ILE A 525 11.97 -7.43 5.43
N SER A 526 11.97 -8.50 6.22
CA SER A 526 12.92 -8.55 7.37
C SER A 526 14.33 -8.53 6.77
N SER A 527 15.21 -7.73 7.35
CA SER A 527 16.50 -7.43 6.70
C SER A 527 17.63 -7.42 7.73
N MET A 528 18.85 -7.66 7.21
CA MET A 528 20.06 -7.74 8.06
C MET A 528 21.19 -7.08 7.29
N ASP A 529 22.12 -6.47 8.03
CA ASP A 529 23.34 -5.92 7.45
C ASP A 529 24.49 -6.41 8.34
N ILE A 530 25.51 -7.05 7.73
CA ILE A 530 26.60 -7.68 8.51
C ILE A 530 27.92 -7.01 8.09
N ALA A 531 28.75 -6.70 9.09
CA ALA A 531 30.11 -6.17 8.81
C ALA A 531 31.02 -6.52 9.97
N TYR A 532 32.32 -6.31 9.78
CA TYR A 532 33.26 -6.33 10.95
C TYR A 532 33.68 -4.89 11.16
N THR A 533 33.95 -4.52 12.40
CA THR A 533 34.30 -3.10 12.64
C THR A 533 35.32 -2.89 13.77
N TYR A 534 35.52 -1.63 14.13
CA TYR A 534 36.52 -1.29 15.15
C TYR A 534 35.97 -1.19 16.54
N ASP A 535 36.93 -1.13 17.47
CA ASP A 535 36.69 -1.08 18.92
C ASP A 535 36.48 0.35 19.36
N ARG A 536 35.24 0.69 19.73
CA ARG A 536 34.91 2.06 20.11
C ARG A 536 35.61 2.51 21.37
N SER A 537 36.20 1.60 22.14
CA SER A 537 36.96 2.03 23.31
C SER A 537 38.39 2.47 22.91
N LYS A 538 38.76 2.28 21.65
CA LYS A 538 40.10 2.62 21.19
C LYS A 538 40.10 3.81 20.21
N THR A 539 38.92 4.14 19.68
CA THR A 539 38.80 5.27 18.76
C THR A 539 37.38 5.80 18.83
N SER A 540 37.21 7.10 18.63
CA SER A 540 35.89 7.67 18.51
C SER A 540 35.52 8.03 17.04
N ALA A 541 36.27 7.50 16.08
CA ALA A 541 36.05 7.82 14.65
C ALA A 541 34.59 7.55 14.32
N ARG A 542 33.96 8.53 13.66
N ARG A 542 33.93 8.51 13.68
CA ARG A 542 32.59 8.44 13.19
CA ARG A 542 32.54 8.31 13.25
C ARG A 542 32.35 7.30 12.14
C ARG A 542 32.43 7.08 12.32
N ILE A 543 33.41 6.96 11.41
CA ILE A 543 33.40 5.89 10.40
C ILE A 543 34.87 5.61 10.09
N TYR A 544 35.23 4.63 9.26
CA TYR A 544 36.68 4.45 9.01
C TYR A 544 37.16 5.74 8.30
N PRO A 545 38.36 6.26 8.67
CA PRO A 545 38.56 7.65 8.35
C PRO A 545 38.62 8.05 6.89
N THR A 546 38.97 7.13 5.98
CA THR A 546 39.12 7.54 4.58
C THR A 546 37.81 7.34 3.80
N TYR A 547 36.73 7.05 4.51
CA TYR A 547 35.38 6.92 3.89
C TYR A 547 35.07 8.00 2.82
N HIS A 548 34.72 7.55 1.61
CA HIS A 548 34.23 8.43 0.51
C HIS A 548 35.30 9.41 0.00
N THR A 549 36.58 9.11 0.31
CA THR A 549 37.69 9.95 -0.19
C THR A 549 38.52 9.21 -1.22
N ALA A 550 39.56 9.88 -1.77
CA ALA A 550 40.43 9.20 -2.75
C ALA A 550 41.54 8.41 -2.05
N PHE A 551 41.43 8.27 -0.72
CA PHE A 551 42.36 7.46 0.07
C PHE A 551 41.75 6.13 0.52
N ASP A 552 40.56 5.83 -0.01
CA ASP A 552 39.92 4.53 0.29
C ASP A 552 40.43 3.54 -0.78
N THR A 553 41.60 2.92 -0.52
CA THR A 553 42.33 2.18 -1.53
C THR A 553 42.64 0.77 -1.05
N PHE A 554 43.04 -0.09 -2.00
CA PHE A 554 43.41 -1.46 -1.63
C PHE A 554 44.46 -1.51 -0.52
N ASP A 555 45.53 -0.69 -0.65
CA ASP A 555 46.55 -0.70 0.42
C ASP A 555 46.03 -0.34 1.80
N TYR A 556 45.01 0.55 1.84
CA TYR A 556 44.39 0.92 3.08
C TYR A 556 43.80 -0.31 3.77
N VAL A 557 43.11 -1.14 2.99
CA VAL A 557 42.53 -2.37 3.54
C VAL A 557 43.64 -3.40 3.88
N ASP A 558 44.53 -3.58 2.91
CA ASP A 558 45.54 -4.65 3.01
C ASP A 558 46.53 -4.40 4.16
N LYS A 559 46.87 -3.13 4.39
CA LYS A 559 47.91 -2.79 5.38
C LYS A 559 47.32 -2.49 6.75
N PHE A 560 46.12 -1.90 6.77
CA PHE A 560 45.58 -1.41 8.04
C PHE A 560 44.31 -2.12 8.46
N LEU A 561 43.27 -2.08 7.65
CA LEU A 561 41.97 -2.62 8.16
C LEU A 561 41.93 -4.11 8.40
N ASP A 562 42.50 -4.91 7.49
CA ASP A 562 42.35 -6.35 7.56
C ASP A 562 43.54 -7.09 6.92
N PRO A 563 44.77 -6.85 7.40
CA PRO A 563 45.91 -7.64 6.94
C PRO A 563 45.62 -9.14 7.08
N GLY A 564 45.80 -9.86 5.98
CA GLY A 564 45.55 -11.31 5.98
C GLY A 564 44.10 -11.67 5.60
N PHE A 565 43.22 -10.67 5.67
CA PHE A 565 41.82 -10.82 5.16
C PHE A 565 40.96 -11.81 5.96
N SER A 566 41.34 -12.08 7.20
CA SER A 566 40.58 -13.00 8.05
C SER A 566 39.27 -12.39 8.50
N SER A 567 39.19 -11.04 8.64
CA SER A 567 37.87 -10.47 8.98
C SER A 567 36.92 -10.54 7.77
N HIS A 568 37.44 -10.26 6.57
CA HIS A 568 36.59 -10.47 5.35
C HIS A 568 36.07 -11.91 5.33
N GLN A 569 36.96 -12.88 5.60
CA GLN A 569 36.55 -14.27 5.64
C GLN A 569 35.46 -14.49 6.71
N ALA A 570 35.61 -13.84 7.87
CA ALA A 570 34.66 -14.05 8.97
C ALA A 570 33.26 -13.54 8.55
N VAL A 571 33.21 -12.37 7.92
CA VAL A 571 31.95 -11.85 7.37
C VAL A 571 31.40 -12.79 6.28
N ALA A 572 32.27 -13.25 5.38
CA ALA A 572 31.77 -14.19 4.37
C ALA A 572 31.15 -15.44 4.97
N ARG A 573 31.81 -16.01 5.98
CA ARG A 573 31.24 -17.16 6.73
C ARG A 573 29.92 -16.85 7.42
N THR A 574 29.87 -15.72 8.11
CA THR A 574 28.64 -15.31 8.79
C THR A 574 27.49 -15.16 7.80
N ALA A 575 27.72 -14.39 6.71
CA ALA A 575 26.67 -14.19 5.71
C ALA A 575 26.29 -15.52 5.08
N GLY A 576 27.29 -16.32 4.74
CA GLY A 576 27.03 -17.61 4.10
C GLY A 576 26.21 -18.54 5.00
N SER A 577 26.52 -18.53 6.30
CA SER A 577 25.83 -19.38 7.22
C SER A 577 24.34 -18.90 7.40
N VAL A 578 24.17 -17.59 7.58
CA VAL A 578 22.83 -17.02 7.62
C VAL A 578 22.02 -17.37 6.38
N ILE A 579 22.66 -17.22 5.22
CA ILE A 579 22.00 -17.52 3.93
C ILE A 579 21.56 -18.98 3.83
N LEU A 580 22.45 -19.91 4.19
CA LEU A 580 22.11 -21.30 4.08
C LEU A 580 21.06 -21.68 5.09
N ARG A 581 21.12 -21.10 6.29
CA ARG A 581 20.10 -21.42 7.28
C ARG A 581 18.72 -20.98 6.77
N LEU A 582 18.67 -19.82 6.13
CA LEU A 582 17.39 -19.31 5.59
C LEU A 582 16.95 -20.08 4.34
N SER A 583 17.90 -20.46 3.51
CA SER A 583 17.57 -21.08 2.21
C SER A 583 17.28 -22.57 2.33
N ASP A 584 17.86 -23.23 3.34
CA ASP A 584 17.76 -24.70 3.39
C ASP A 584 16.88 -25.26 4.48
N SER A 585 16.65 -24.48 5.55
CA SER A 585 15.99 -25.06 6.71
C SER A 585 14.52 -25.37 6.39
N PHE A 586 14.02 -26.51 6.81
CA PHE A 586 12.60 -26.86 6.60
C PHE A 586 11.69 -25.84 7.30
N PHE A 587 11.90 -25.66 8.60
CA PHE A 587 11.27 -24.55 9.37
C PHE A 587 12.16 -23.30 9.29
N LEU A 588 11.58 -22.15 8.91
CA LEU A 588 12.40 -20.96 8.76
C LEU A 588 12.93 -20.48 10.12
N PRO A 589 14.24 -20.15 10.17
CA PRO A 589 14.80 -19.69 11.45
C PRO A 589 14.60 -18.16 11.57
N LEU A 590 13.31 -17.79 11.66
CA LEU A 590 12.88 -16.39 11.96
C LEU A 590 12.08 -16.48 13.24
N LYS A 591 12.41 -15.66 14.25
CA LYS A 591 11.66 -15.70 15.49
C LYS A 591 10.92 -14.41 15.66
N VAL A 592 9.66 -14.37 15.22
CA VAL A 592 8.91 -13.10 15.26
C VAL A 592 8.64 -12.71 16.70
N SER A 593 8.66 -13.69 17.62
CA SER A 593 8.47 -13.37 19.05
C SER A 593 9.57 -12.44 19.54
N ASP A 594 10.73 -12.40 18.88
CA ASP A 594 11.76 -11.41 19.27
C ASP A 594 11.34 -9.94 19.08
N TYR A 595 10.30 -9.72 18.24
CA TYR A 595 9.75 -8.37 18.09
C TYR A 595 9.14 -7.87 19.38
N SER A 596 8.72 -8.79 20.24
CA SER A 596 7.98 -8.33 21.42
C SER A 596 8.81 -7.40 22.32
N GLU A 597 10.10 -7.72 22.53
CA GLU A 597 10.98 -6.82 23.31
C GLU A 597 11.04 -5.41 22.76
N THR A 598 11.12 -5.27 21.43
CA THR A 598 11.17 -3.95 20.81
C THR A 598 9.86 -3.22 21.04
N LEU A 599 8.74 -3.92 20.85
CA LEU A 599 7.44 -3.28 20.97
C LEU A 599 7.24 -2.79 22.42
N ARG A 600 7.59 -3.68 23.34
CA ARG A 600 7.42 -3.34 24.76
C ARG A 600 8.33 -2.19 25.13
N SER A 601 9.55 -2.15 24.61
CA SER A 601 10.45 -1.05 24.95
CA SER A 601 10.46 -1.05 24.93
C SER A 601 9.90 0.30 24.44
N PHE A 602 9.38 0.28 23.21
CA PHE A 602 8.76 1.50 22.66
C PHE A 602 7.54 1.90 23.49
N LEU A 603 6.76 0.92 23.96
CA LEU A 603 5.57 1.22 24.75
C LEU A 603 6.02 1.88 26.06
N GLN A 604 7.02 1.27 26.67
CA GLN A 604 7.48 1.82 27.97
C GLN A 604 7.99 3.25 27.87
N ALA A 605 8.71 3.57 26.79
CA ALA A 605 9.23 4.90 26.57
C ALA A 605 8.06 5.87 26.43
N ALA A 606 7.03 5.44 25.68
CA ALA A 606 5.82 6.27 25.57
C ALA A 606 5.13 6.46 26.95
N GLN A 607 4.96 5.38 27.70
CA GLN A 607 4.28 5.49 28.98
C GLN A 607 5.06 6.44 29.88
N GLN A 608 6.39 6.32 29.90
N GLN A 608 6.39 6.32 29.91
CA GLN A 608 7.23 7.06 30.84
CA GLN A 608 7.19 7.10 30.86
C GLN A 608 7.34 8.55 30.49
C GLN A 608 7.22 8.57 30.48
N ASP A 609 7.51 8.84 29.20
CA ASP A 609 7.83 10.18 28.77
C ASP A 609 6.67 10.93 28.10
N LEU A 610 5.65 10.22 27.63
CA LEU A 610 4.52 10.90 26.97
C LEU A 610 3.21 10.71 27.66
N GLY A 611 3.11 9.76 28.58
CA GLY A 611 1.80 9.36 29.08
C GLY A 611 1.02 10.54 29.70
N ALA A 612 1.72 11.38 30.44
CA ALA A 612 1.06 12.49 31.13
C ALA A 612 0.61 13.58 30.17
N LEU A 613 1.52 13.99 29.28
CA LEU A 613 1.15 14.91 28.20
C LEU A 613 -0.04 14.40 27.40
N LEU A 614 -0.02 13.11 27.00
CA LEU A 614 -1.13 12.53 26.28
C LEU A 614 -2.45 12.59 27.09
N GLU A 615 -2.39 12.17 28.35
CA GLU A 615 -3.57 12.22 29.22
C GLU A 615 -4.14 13.65 29.33
N GLN A 616 -3.27 14.64 29.42
CA GLN A 616 -3.66 16.06 29.48
C GLN A 616 -4.38 16.50 28.18
N HIS A 617 -4.11 15.76 27.10
CA HIS A 617 -4.84 15.99 25.86
C HIS A 617 -5.92 14.93 25.53
N SER A 618 -6.41 14.21 26.55
CA SER A 618 -7.49 13.20 26.40
C SER A 618 -7.13 12.08 25.41
N ILE A 619 -5.84 11.73 25.38
CA ILE A 619 -5.36 10.66 24.48
C ILE A 619 -4.85 9.53 25.40
N SER A 620 -5.46 8.35 25.28
CA SER A 620 -5.13 7.18 26.12
C SER A 620 -4.16 6.20 25.45
N LEU A 621 -3.16 5.73 26.21
CA LEU A 621 -2.27 4.62 25.75
C LEU A 621 -2.88 3.21 25.98
N GLY A 622 -4.09 3.14 26.51
CA GLY A 622 -4.76 1.86 26.85
C GLY A 622 -4.84 0.90 25.65
N PRO A 623 -5.29 1.41 24.49
CA PRO A 623 -5.36 0.49 23.32
C PRO A 623 -3.99 0.05 22.86
N LEU A 624 -2.99 0.91 23.04
CA LEU A 624 -1.62 0.55 22.67
C LEU A 624 -1.10 -0.55 23.60
N VAL A 625 -1.31 -0.39 24.90
CA VAL A 625 -0.91 -1.49 25.82
C VAL A 625 -1.58 -2.82 25.41
N THR A 626 -2.90 -2.82 25.13
CA THR A 626 -3.62 -4.00 24.73
C THR A 626 -2.99 -4.58 23.46
N ALA A 627 -2.69 -3.71 22.49
CA ALA A 627 -2.17 -4.23 21.20
C ALA A 627 -0.77 -4.90 21.39
N VAL A 628 0.08 -4.28 22.22
CA VAL A 628 1.38 -4.85 22.51
C VAL A 628 1.22 -6.21 23.22
N GLU A 629 0.29 -6.27 24.17
CA GLU A 629 0.01 -7.50 24.91
C GLU A 629 -0.49 -8.63 23.99
N LYS A 630 -1.34 -8.26 23.01
CA LYS A 630 -1.85 -9.23 22.10
C LYS A 630 -0.74 -9.74 21.20
N PHE A 631 0.14 -8.85 20.72
CA PHE A 631 1.28 -9.31 19.90
C PHE A 631 2.13 -10.27 20.73
N GLU A 632 2.43 -9.88 21.97
CA GLU A 632 3.27 -10.72 22.82
C GLU A 632 2.69 -12.10 22.99
N ALA A 633 1.40 -12.14 23.27
CA ALA A 633 0.70 -13.38 23.52
C ALA A 633 0.68 -14.26 22.25
N GLU A 634 0.31 -13.65 21.13
CA GLU A 634 0.15 -14.43 19.87
C GLU A 634 1.47 -14.92 19.33
N ALA A 635 2.52 -14.10 19.43
CA ALA A 635 3.81 -14.49 18.88
C ALA A 635 4.33 -15.63 19.76
N ALA A 636 4.12 -15.54 21.06
CA ALA A 636 4.62 -16.63 21.93
C ALA A 636 3.90 -17.94 21.65
N ALA A 637 2.58 -17.87 21.46
CA ALA A 637 1.77 -19.08 21.24
C ALA A 637 2.19 -19.68 19.86
N LEU A 638 2.43 -18.84 18.87
CA LEU A 638 2.89 -19.35 17.56
C LEU A 638 4.24 -20.07 17.74
N GLY A 639 5.16 -19.48 18.53
CA GLY A 639 6.46 -20.14 18.74
C GLY A 639 6.22 -21.51 19.37
N GLN A 640 5.28 -21.60 20.33
CA GLN A 640 5.00 -22.90 20.97
C GLN A 640 4.36 -23.89 19.96
N ARG A 641 3.50 -23.40 19.07
CA ARG A 641 2.94 -24.32 18.06
C ARG A 641 4.02 -24.85 17.09
N ILE A 642 4.99 -24.00 16.72
CA ILE A 642 6.06 -24.44 15.86
C ILE A 642 6.90 -25.49 16.58
N SER A 643 7.24 -25.22 17.84
CA SER A 643 8.01 -26.17 18.64
CA SER A 643 7.98 -26.17 18.67
C SER A 643 7.31 -27.53 18.73
N THR A 644 6.02 -27.50 18.94
CA THR A 644 5.20 -28.69 19.06
C THR A 644 5.28 -29.45 17.71
N LEU A 645 5.07 -28.74 16.59
CA LEU A 645 5.07 -29.40 15.31
C LEU A 645 6.47 -30.00 14.97
N GLN A 646 7.53 -29.34 15.39
CA GLN A 646 8.88 -29.82 15.14
C GLN A 646 9.17 -31.17 15.79
N LYS A 647 8.42 -31.56 16.81
CA LYS A 647 8.73 -32.82 17.50
C LYS A 647 8.34 -34.06 16.68
N GLY A 648 7.54 -33.88 15.63
CA GLY A 648 7.04 -35.00 14.78
C GLY A 648 7.66 -34.96 13.39
N SER A 649 6.91 -35.52 12.44
CA SER A 649 7.30 -35.49 11.04
C SER A 649 6.15 -34.77 10.30
N PRO A 650 6.10 -33.43 10.41
CA PRO A 650 4.97 -32.68 9.78
C PRO A 650 4.97 -32.72 8.27
N ASP A 651 3.80 -32.54 7.70
CA ASP A 651 3.59 -32.47 6.25
C ASP A 651 4.24 -31.19 5.74
N PRO A 652 4.91 -31.24 4.58
CA PRO A 652 5.44 -29.98 3.98
C PRO A 652 4.43 -28.80 3.95
N LEU A 653 3.17 -29.05 3.63
CA LEU A 653 2.20 -27.93 3.59
C LEU A 653 1.94 -27.30 4.95
N GLN A 654 1.95 -28.10 6.02
CA GLN A 654 1.79 -27.51 7.35
C GLN A 654 2.94 -26.56 7.66
N VAL A 655 4.13 -26.97 7.27
CA VAL A 655 5.34 -26.15 7.55
C VAL A 655 5.33 -24.89 6.65
N ARG A 656 4.93 -25.05 5.39
CA ARG A 656 4.84 -23.86 4.50
C ARG A 656 3.88 -22.81 5.13
N MET A 657 2.74 -23.25 5.66
N MET A 657 2.74 -23.23 5.67
CA MET A 657 1.79 -22.33 6.27
CA MET A 657 1.83 -22.26 6.28
C MET A 657 2.43 -21.55 7.43
C MET A 657 2.49 -21.51 7.43
N LEU A 658 3.15 -22.24 8.31
CA LEU A 658 3.82 -21.59 9.46
C LEU A 658 4.91 -20.64 8.94
N ASN A 659 5.63 -21.07 7.89
CA ASN A 659 6.72 -20.27 7.39
C ASN A 659 6.18 -18.97 6.76
N ASP A 660 5.02 -19.07 6.16
CA ASP A 660 4.36 -17.87 5.63
C ASP A 660 4.04 -16.91 6.79
N GLN A 661 3.54 -17.43 7.93
CA GLN A 661 3.25 -16.52 9.03
C GLN A 661 4.51 -15.85 9.53
N LEU A 662 5.63 -16.57 9.57
CA LEU A 662 6.87 -15.97 10.05
C LEU A 662 7.42 -14.88 9.08
N MET A 663 7.55 -15.24 7.81
CA MET A 663 8.21 -14.32 6.90
C MET A 663 7.33 -13.13 6.55
N LEU A 664 6.00 -13.27 6.58
CA LEU A 664 5.15 -12.17 6.18
C LEU A 664 4.80 -11.25 7.37
N LEU A 665 5.23 -11.61 8.59
CA LEU A 665 4.88 -10.77 9.73
C LEU A 665 5.45 -9.35 9.55
N GLU A 666 6.67 -9.21 9.02
CA GLU A 666 7.26 -7.86 8.86
C GLU A 666 6.36 -6.96 8.00
N ARG A 667 5.62 -7.55 7.04
CA ARG A 667 4.81 -6.76 6.13
C ARG A 667 3.68 -5.99 6.87
N THR A 668 3.26 -6.52 8.01
CA THR A 668 2.10 -6.00 8.73
C THR A 668 2.39 -4.66 9.35
N PHE A 669 3.67 -4.25 9.42
CA PHE A 669 4.00 -2.95 10.00
C PHE A 669 3.97 -1.85 8.94
N LEU A 670 3.63 -2.17 7.68
CA LEU A 670 3.61 -1.12 6.65
C LEU A 670 2.28 -0.36 6.60
N ASN A 671 2.38 0.94 6.47
CA ASN A 671 1.17 1.72 6.20
C ASN A 671 1.62 2.87 5.31
N PRO A 672 1.26 2.81 4.03
CA PRO A 672 1.71 3.83 3.06
C PRO A 672 1.07 5.20 3.28
N ARG A 673 0.15 5.32 4.24
CA ARG A 673 -0.45 6.64 4.56
C ARG A 673 0.04 7.23 5.84
N ALA A 674 0.94 6.52 6.57
CA ALA A 674 1.40 7.03 7.88
C ALA A 674 2.31 8.24 7.74
N PHE A 675 3.18 8.26 6.70
CA PHE A 675 4.25 9.29 6.60
C PHE A 675 4.24 9.98 5.25
N PRO A 676 3.18 10.75 4.98
CA PRO A 676 3.02 11.45 3.70
C PRO A 676 4.12 12.52 3.46
N GLU A 677 4.81 12.99 4.49
N GLU A 677 4.78 13.00 4.52
CA GLU A 677 5.88 13.99 4.24
CA GLU A 677 5.89 13.98 4.42
C GLU A 677 7.22 13.31 3.95
C GLU A 677 7.26 13.32 4.31
N GLU A 678 7.28 12.00 4.10
CA GLU A 678 8.52 11.24 3.87
C GLU A 678 8.36 10.59 2.49
N ARG A 679 9.44 10.03 1.95
CA ARG A 679 9.32 9.22 0.71
C ARG A 679 9.79 7.79 0.99
N TYR A 680 8.99 6.80 0.57
CA TYR A 680 9.26 5.34 0.75
C TYR A 680 9.15 4.81 2.18
N TYR A 681 9.08 5.69 3.15
CA TYR A 681 8.99 5.13 4.52
C TYR A 681 7.56 4.77 4.82
N SER A 682 7.29 3.48 4.99
CA SER A 682 5.95 2.98 5.27
C SER A 682 6.00 2.17 6.54
N HIS A 683 7.18 1.78 6.96
CA HIS A 683 7.24 0.85 8.13
C HIS A 683 7.10 1.63 9.44
N VAL A 684 6.03 1.37 10.20
CA VAL A 684 5.71 2.32 11.32
C VAL A 684 6.60 2.09 12.52
N LEU A 685 7.48 1.08 12.50
CA LEU A 685 8.49 0.93 13.55
C LEU A 685 9.81 1.62 13.31
N TRP A 686 10.19 1.77 12.03
CA TRP A 686 11.58 2.15 11.71
C TRP A 686 11.71 3.41 10.86
N ALA A 687 10.59 4.10 10.63
CA ALA A 687 10.64 5.42 9.95
C ALA A 687 11.53 6.41 10.76
N PRO A 688 12.08 7.46 10.09
CA PRO A 688 13.00 8.38 10.79
C PRO A 688 12.35 9.02 12.02
N ARG A 689 13.05 9.00 13.15
CA ARG A 689 12.55 9.65 14.36
C ARG A 689 13.31 10.94 14.58
N THR A 690 12.57 12.04 14.73
CA THR A 690 13.17 13.32 15.11
C THR A 690 12.75 13.75 16.50
N GLY A 691 11.67 13.17 17.02
CA GLY A 691 11.19 13.45 18.38
C GLY A 691 12.19 12.91 19.40
N SER A 692 12.20 13.49 20.59
CA SER A 692 13.14 13.02 21.61
C SER A 692 12.76 11.73 22.29
N VAL A 693 11.48 11.37 22.35
CA VAL A 693 11.10 10.12 23.03
C VAL A 693 11.37 8.92 22.13
N VAL A 694 12.07 7.92 22.68
CA VAL A 694 12.52 6.75 21.90
C VAL A 694 11.38 5.74 21.89
N THR A 695 10.37 6.08 21.08
CA THR A 695 9.17 5.25 20.99
C THR A 695 8.87 5.08 19.49
N PHE A 696 7.67 4.57 19.18
CA PHE A 696 7.22 4.43 17.78
C PHE A 696 7.42 5.77 17.06
N PRO A 697 8.11 5.77 15.93
CA PRO A 697 8.63 7.05 15.45
C PRO A 697 7.52 8.02 15.03
N GLY A 698 6.42 7.52 14.49
CA GLY A 698 5.28 8.42 14.12
C GLY A 698 4.69 9.11 15.33
N LEU A 699 4.59 8.34 16.41
CA LEU A 699 4.10 8.87 17.65
C LEU A 699 5.10 9.86 18.22
N SER A 700 6.38 9.50 18.23
CA SER A 700 7.39 10.40 18.80
C SER A 700 7.41 11.74 18.06
N ASN A 701 7.36 11.64 16.74
CA ASN A 701 7.51 12.81 15.91
C ASN A 701 6.26 13.68 16.06
N ALA A 702 5.08 13.05 16.08
CA ALA A 702 3.82 13.82 16.18
C ALA A 702 3.77 14.55 17.54
N CYS A 703 4.20 13.89 18.60
CA CYS A 703 4.13 14.56 19.93
C CYS A 703 5.12 15.71 20.02
N SER A 704 6.29 15.54 19.39
CA SER A 704 7.26 16.59 19.40
C SER A 704 6.72 17.83 18.62
N ARG A 705 6.05 17.63 17.49
CA ARG A 705 5.38 18.75 16.76
C ARG A 705 4.17 19.33 17.54
N ALA A 706 3.45 18.51 18.31
CA ALA A 706 2.19 18.95 18.88
C ALA A 706 2.41 19.68 20.20
N ARG A 707 3.57 19.43 20.80
CA ARG A 707 3.89 19.85 22.16
C ARG A 707 3.75 21.38 22.32
N ASP A 708 4.10 22.14 21.28
N ASP A 708 4.04 22.12 21.26
CA ASP A 708 4.05 23.62 21.35
CA ASP A 708 4.09 23.58 21.33
C ASP A 708 2.88 24.19 20.54
C ASP A 708 2.80 24.25 20.76
N THR A 709 1.80 23.41 20.51
CA THR A 709 0.45 23.82 19.95
C THR A 709 -0.66 23.70 20.97
N ALA A 710 -1.75 24.44 20.74
CA ALA A 710 -2.87 24.48 21.68
C ALA A 710 -3.70 23.22 21.74
N SER A 711 -4.42 23.01 22.83
CA SER A 711 -5.37 21.88 22.89
C SER A 711 -6.29 21.92 21.70
N GLY A 712 -6.58 20.76 21.12
CA GLY A 712 -7.54 20.69 20.05
C GLY A 712 -6.98 21.14 18.71
N SER A 713 -5.65 21.35 18.62
CA SER A 713 -4.99 21.73 17.39
C SER A 713 -4.98 20.56 16.36
N GLU A 714 -4.72 20.87 15.09
N GLU A 714 -4.71 20.87 15.09
CA GLU A 714 -4.58 19.82 14.09
CA GLU A 714 -4.54 19.84 14.06
C GLU A 714 -3.38 18.91 14.44
C GLU A 714 -3.37 18.92 14.42
N ALA A 715 -2.33 19.49 15.03
CA ALA A 715 -1.15 18.69 15.47
C ALA A 715 -1.54 17.66 16.52
N TRP A 716 -2.42 18.02 17.47
CA TRP A 716 -2.90 17.05 18.44
C TRP A 716 -3.76 15.96 17.80
N ALA A 717 -4.57 16.31 16.81
CA ALA A 717 -5.37 15.29 16.10
C ALA A 717 -4.42 14.31 15.39
N GLU A 718 -3.32 14.83 14.87
CA GLU A 718 -2.37 13.98 14.16
C GLU A 718 -1.63 13.05 15.12
N VAL A 719 -1.36 13.51 16.35
CA VAL A 719 -0.90 12.55 17.39
C VAL A 719 -1.83 11.35 17.52
N GLN A 720 -3.14 11.58 17.65
CA GLN A 720 -4.05 10.48 17.77
C GLN A 720 -4.03 9.62 16.48
N ARG A 721 -3.93 10.24 15.29
CA ARG A 721 -3.91 9.45 14.05
C ARG A 721 -2.67 8.51 14.11
N GLN A 722 -1.51 9.08 14.50
CA GLN A 722 -0.27 8.29 14.49
C GLN A 722 -0.37 7.16 15.55
N LEU A 723 -0.95 7.47 16.71
CA LEU A 723 -1.15 6.44 17.74
C LEU A 723 -2.07 5.32 17.20
N SER A 724 -3.19 5.67 16.54
CA SER A 724 -4.12 4.67 16.06
C SER A 724 -3.49 3.88 14.92
N ILE A 725 -2.60 4.51 14.16
CA ILE A 725 -1.84 3.77 13.09
C ILE A 725 -1.01 2.66 13.76
N VAL A 726 -0.33 2.98 14.88
CA VAL A 726 0.47 1.97 15.53
C VAL A 726 -0.40 0.86 16.11
N VAL A 727 -1.50 1.22 16.82
CA VAL A 727 -2.37 0.27 17.45
C VAL A 727 -2.93 -0.68 16.37
N THR A 728 -3.38 -0.09 15.28
CA THR A 728 -3.97 -0.89 14.19
C THR A 728 -2.92 -1.85 13.60
N ALA A 729 -1.69 -1.36 13.40
CA ALA A 729 -0.62 -2.21 12.84
C ALA A 729 -0.36 -3.39 13.75
N LEU A 730 -0.28 -3.13 15.05
CA LEU A 730 0.07 -4.23 15.99
C LEU A 730 -1.07 -5.18 16.14
N GLU A 731 -2.30 -4.67 16.17
CA GLU A 731 -3.47 -5.57 16.22
C GLU A 731 -3.49 -6.44 14.96
N GLY A 732 -3.24 -5.81 13.80
CA GLY A 732 -3.21 -6.61 12.56
C GLY A 732 -2.08 -7.66 12.52
N ALA A 733 -0.90 -7.32 13.06
CA ALA A 733 0.25 -8.20 13.14
C ALA A 733 -0.14 -9.38 14.03
N ALA A 734 -0.69 -9.07 15.21
CA ALA A 734 -1.12 -10.15 16.14
C ALA A 734 -2.12 -11.11 15.44
N ALA A 735 -3.06 -10.53 14.69
CA ALA A 735 -4.09 -11.30 14.00
C ALA A 735 -3.49 -12.30 13.01
N THR A 736 -2.34 -11.92 12.38
CA THR A 736 -1.70 -12.85 11.43
C THR A 736 -0.95 -14.00 12.14
N LEU A 737 -0.64 -13.81 13.43
CA LEU A 737 0.15 -14.83 14.17
C LEU A 737 -0.73 -15.84 14.87
N ARG A 738 -2.02 -15.51 15.03
CA ARG A 738 -3.02 -16.41 15.66
C ARG A 738 -3.22 -17.66 14.84
N PRO A 739 -3.79 -18.72 15.43
CA PRO A 739 -4.19 -19.88 14.61
C PRO A 739 -5.08 -19.38 13.45
N VAL A 740 -4.81 -19.88 12.24
CA VAL A 740 -5.25 -19.16 11.06
C VAL A 740 -6.74 -19.28 10.83
N ALA A 741 -7.38 -20.27 11.48
CA ALA A 741 -8.83 -20.37 11.31
C ALA A 741 -9.62 -20.09 12.56
N ASP A 742 -8.99 -19.41 13.52
CA ASP A 742 -9.71 -18.88 14.68
C ASP A 742 -10.35 -17.54 14.37
N LEU A 743 -11.59 -17.36 14.81
CA LEU A 743 -12.22 -16.05 14.72
C LEU A 743 -11.89 -15.20 15.94
N LEU B 38 -5.45 -41.43 -0.05
CA LEU B 38 -4.04 -40.93 -0.13
C LEU B 38 -3.78 -39.85 -1.23
N ALA B 39 -4.62 -39.74 -2.27
CA ALA B 39 -4.39 -38.67 -3.26
C ALA B 39 -4.73 -37.33 -2.55
N PRO B 40 -4.05 -36.23 -2.92
CA PRO B 40 -4.41 -34.95 -2.26
C PRO B 40 -5.88 -34.64 -2.44
N GLN B 41 -6.48 -34.04 -1.42
CA GLN B 41 -7.89 -33.66 -1.49
C GLN B 41 -8.21 -32.78 -2.71
N ASP B 42 -9.29 -33.10 -3.41
CA ASP B 42 -9.66 -32.38 -4.62
C ASP B 42 -11.19 -32.21 -4.64
N LEU B 43 -11.72 -31.61 -5.71
CA LEU B 43 -13.14 -31.42 -5.82
C LEU B 43 -13.81 -32.80 -5.86
N ASP B 44 -14.80 -32.98 -5.01
CA ASP B 44 -15.46 -34.30 -4.93
C ASP B 44 -16.86 -34.10 -5.47
N LEU B 45 -17.15 -34.67 -6.65
CA LEU B 45 -18.39 -34.34 -7.34
C LEU B 45 -19.59 -34.98 -6.62
N GLU B 46 -19.34 -36.05 -5.88
CA GLU B 46 -20.43 -36.61 -5.05
C GLU B 46 -20.86 -35.65 -3.93
N ILE B 47 -19.88 -35.04 -3.27
CA ILE B 47 -20.18 -34.01 -2.26
C ILE B 47 -20.91 -32.86 -2.94
N LEU B 48 -20.40 -32.41 -4.08
CA LEU B 48 -21.05 -31.29 -4.77
C LEU B 48 -22.55 -31.60 -5.04
N GLU B 49 -22.85 -32.77 -5.61
CA GLU B 49 -24.23 -33.10 -5.95
C GLU B 49 -25.10 -33.27 -4.73
N THR B 50 -24.54 -33.81 -3.65
CA THR B 50 -25.28 -33.90 -2.39
C THR B 50 -25.69 -32.52 -1.92
N VAL B 51 -24.74 -31.59 -1.90
CA VAL B 51 -25.03 -30.22 -1.46
C VAL B 51 -26.07 -29.59 -2.36
N MET B 52 -25.93 -29.73 -3.69
CA MET B 52 -26.89 -29.08 -4.61
C MET B 52 -28.31 -29.60 -4.35
N GLY B 53 -28.37 -30.91 -4.09
CA GLY B 53 -29.67 -31.60 -3.89
C GLY B 53 -30.32 -31.29 -2.56
N GLN B 54 -29.55 -30.80 -1.59
CA GLN B 54 -30.07 -30.50 -0.23
C GLN B 54 -30.56 -29.08 -0.05
N LEU B 55 -30.16 -28.16 -0.93
CA LEU B 55 -30.60 -26.77 -0.79
C LEU B 55 -32.13 -26.67 -1.06
N ASP B 56 -32.85 -26.27 -0.03
CA ASP B 56 -34.32 -26.45 0.02
C ASP B 56 -35.03 -25.11 -0.16
N ALA B 57 -35.81 -25.00 -1.24
CA ALA B 57 -36.52 -23.76 -1.53
C ALA B 57 -37.48 -23.37 -0.40
N HIS B 58 -38.09 -24.37 0.25
CA HIS B 58 -39.05 -24.08 1.32
C HIS B 58 -38.34 -23.49 2.53
N ARG B 59 -37.15 -24.00 2.84
CA ARG B 59 -36.36 -23.44 3.95
C ARG B 59 -35.95 -22.03 3.67
N ILE B 60 -35.57 -21.75 2.42
CA ILE B 60 -35.23 -20.38 2.01
C ILE B 60 -36.43 -19.45 2.19
N ARG B 61 -37.60 -19.91 1.75
CA ARG B 61 -38.82 -19.12 1.90
C ARG B 61 -39.08 -18.77 3.36
N GLU B 62 -39.01 -19.77 4.23
CA GLU B 62 -39.28 -19.50 5.63
C GLU B 62 -38.23 -18.63 6.28
N ASN B 63 -36.96 -18.75 5.81
CA ASN B 63 -35.93 -17.85 6.29
C ASN B 63 -36.34 -16.41 5.97
N LEU B 64 -36.74 -16.20 4.71
CA LEU B 64 -37.05 -14.89 4.23
C LEU B 64 -38.24 -14.33 5.05
N ARG B 65 -39.22 -15.19 5.35
CA ARG B 65 -40.36 -14.70 6.11
C ARG B 65 -39.92 -14.10 7.44
N GLU B 66 -39.01 -14.79 8.14
CA GLU B 66 -38.54 -14.33 9.45
C GLU B 66 -37.65 -13.09 9.30
N LEU B 67 -36.75 -13.12 8.33
CA LEU B 67 -35.82 -11.99 8.14
C LEU B 67 -36.50 -10.66 7.80
N SER B 68 -37.60 -10.72 7.06
CA SER B 68 -38.26 -9.53 6.53
C SER B 68 -39.57 -9.17 7.23
N ARG B 69 -39.84 -9.86 8.33
CA ARG B 69 -41.11 -9.65 9.06
C ARG B 69 -41.21 -8.24 9.65
N GLU B 70 -40.08 -7.67 10.09
CA GLU B 70 -40.10 -6.34 10.65
C GLU B 70 -39.04 -5.48 9.95
N PRO B 71 -39.21 -4.16 9.96
CA PRO B 71 -38.06 -3.34 9.50
C PRO B 71 -36.78 -3.61 10.28
N HIS B 72 -35.65 -3.57 9.59
CA HIS B 72 -34.36 -3.93 10.22
C HIS B 72 -33.24 -3.02 9.79
N LEU B 73 -33.45 -1.72 10.04
CA LEU B 73 -32.44 -0.71 9.79
C LEU B 73 -31.14 -0.98 10.59
N ALA B 74 -29.98 -0.68 10.01
CA ALA B 74 -28.69 -0.88 10.75
C ALA B 74 -28.76 -0.25 12.14
N SER B 75 -28.36 -1.02 13.16
CA SER B 75 -28.19 -0.60 14.58
C SER B 75 -29.52 -0.56 15.31
N SER B 76 -30.61 -0.92 14.63
CA SER B 76 -31.93 -0.99 15.31
C SER B 76 -32.01 -2.23 16.21
N PRO B 77 -32.98 -2.24 17.14
CA PRO B 77 -33.15 -3.46 17.93
C PRO B 77 -33.41 -4.70 17.06
N ARG B 78 -34.17 -4.55 15.98
CA ARG B 78 -34.42 -5.69 15.07
C ARG B 78 -33.13 -6.16 14.40
N ASP B 79 -32.26 -5.21 14.02
CA ASP B 79 -30.92 -5.61 13.52
C ASP B 79 -30.21 -6.51 14.53
N GLU B 80 -30.24 -6.13 15.81
CA GLU B 80 -29.62 -6.95 16.79
C GLU B 80 -30.30 -8.34 16.97
N ASP B 81 -31.64 -8.42 16.84
CA ASP B 81 -32.30 -9.72 16.82
C ASP B 81 -31.72 -10.60 15.68
N LEU B 82 -31.46 -10.01 14.50
CA LEU B 82 -31.00 -10.80 13.36
C LEU B 82 -29.52 -11.22 13.56
N VAL B 83 -28.71 -10.36 14.17
CA VAL B 83 -27.35 -10.77 14.61
C VAL B 83 -27.48 -12.03 15.49
N GLN B 84 -28.43 -12.02 16.41
CA GLN B 84 -28.55 -13.18 17.30
C GLN B 84 -29.07 -14.42 16.59
N LEU B 85 -29.95 -14.22 15.62
CA LEU B 85 -30.42 -15.33 14.78
C LEU B 85 -29.24 -15.98 14.04
N LEU B 86 -28.37 -15.15 13.43
CA LEU B 86 -27.23 -15.70 12.71
C LEU B 86 -26.33 -16.48 13.64
N LEU B 87 -26.03 -15.89 14.81
CA LEU B 87 -25.17 -16.55 15.77
C LEU B 87 -25.77 -17.90 16.18
N GLN B 88 -27.07 -17.90 16.44
CA GLN B 88 -27.72 -19.14 16.88
C GLN B 88 -27.64 -20.23 15.80
N ARG B 89 -27.93 -19.87 14.56
CA ARG B 89 -27.86 -20.79 13.42
C ARG B 89 -26.42 -21.30 13.23
N TRP B 90 -25.44 -20.42 13.35
CA TRP B 90 -24.06 -20.83 13.07
C TRP B 90 -23.35 -21.52 14.24
N LYS B 91 -23.92 -21.41 15.44
CA LYS B 91 -23.39 -22.14 16.64
C LYS B 91 -24.11 -23.45 16.94
N ASP B 92 -25.10 -23.78 16.14
CA ASP B 92 -25.87 -25.02 16.37
C ASP B 92 -24.98 -26.28 16.32
N PRO B 93 -25.06 -27.15 17.36
CA PRO B 93 -24.16 -28.30 17.37
C PRO B 93 -24.36 -29.32 16.25
N GLU B 94 -25.53 -29.34 15.61
CA GLU B 94 -25.84 -30.31 14.51
C GLU B 94 -25.79 -29.72 13.09
N SER B 95 -26.05 -28.43 12.98
CA SER B 95 -26.12 -27.81 11.64
C SER B 95 -25.26 -26.54 11.52
N GLY B 96 -24.54 -26.22 12.60
CA GLY B 96 -23.68 -25.01 12.62
C GLY B 96 -22.29 -25.20 12.03
N LEU B 97 -21.46 -24.19 12.22
CA LEU B 97 -20.11 -24.15 11.64
C LEU B 97 -19.09 -24.54 12.70
N ASP B 98 -17.79 -24.46 12.38
CA ASP B 98 -16.81 -24.67 13.45
C ASP B 98 -16.86 -23.61 14.55
N SER B 99 -16.91 -22.34 14.15
CA SER B 99 -17.16 -21.26 15.12
C SER B 99 -17.83 -20.08 14.45
N ALA B 100 -18.39 -19.22 15.29
CA ALA B 100 -19.08 -18.02 14.79
C ALA B 100 -19.00 -16.96 15.88
N GLU B 101 -18.78 -15.70 15.51
CA GLU B 101 -18.63 -14.62 16.51
C GLU B 101 -19.08 -13.33 15.89
N ALA B 102 -19.67 -12.48 16.73
CA ALA B 102 -20.01 -11.11 16.30
C ALA B 102 -18.87 -10.18 16.58
N SER B 103 -18.68 -9.20 15.70
CA SER B 103 -17.73 -8.10 15.97
C SER B 103 -18.43 -6.77 15.72
N THR B 104 -18.11 -5.76 16.52
CA THR B 104 -18.91 -4.56 16.53
C THR B 104 -17.98 -3.37 16.30
N TYR B 105 -18.45 -2.44 15.48
CA TYR B 105 -17.80 -1.17 15.24
C TYR B 105 -18.74 -0.02 15.61
N GLU B 106 -18.18 1.08 16.12
N GLU B 106 -18.15 1.08 16.10
CA GLU B 106 -19.00 2.25 16.43
CA GLU B 106 -18.86 2.32 16.41
C GLU B 106 -18.74 3.25 15.31
C GLU B 106 -18.71 3.28 15.26
N VAL B 107 -19.80 3.47 14.51
CA VAL B 107 -19.72 4.14 13.23
C VAL B 107 -20.75 5.26 13.14
N LEU B 108 -20.48 6.25 12.30
CA LEU B 108 -21.35 7.44 12.20
C LEU B 108 -22.46 7.15 11.17
N LEU B 109 -23.70 6.99 11.67
CA LEU B 109 -24.86 6.81 10.78
C LEU B 109 -25.70 8.12 10.79
N SER B 110 -26.88 8.08 10.18
CA SER B 110 -27.70 9.29 9.99
C SER B 110 -29.14 8.86 10.03
N PHE B 111 -30.01 9.64 10.69
CA PHE B 111 -31.43 9.27 10.80
C PHE B 111 -32.27 10.53 10.79
N PRO B 112 -33.54 10.40 10.36
CA PRO B 112 -34.48 11.52 10.49
C PRO B 112 -35.04 11.55 11.90
N SER B 113 -35.75 12.63 12.19
CA SER B 113 -36.31 12.80 13.56
C SER B 113 -37.74 12.27 13.63
N GLN B 114 -38.02 11.39 14.61
CA GLN B 114 -39.42 10.96 14.88
C GLN B 114 -40.31 12.14 15.32
N GLU B 115 -39.74 13.04 16.11
CA GLU B 115 -40.47 14.22 16.65
C GLU B 115 -40.75 15.34 15.63
N GLN B 116 -39.82 15.58 14.71
CA GLN B 116 -39.98 16.59 13.67
C GLN B 116 -39.71 15.93 12.32
N PRO B 117 -40.75 15.42 11.68
CA PRO B 117 -40.58 14.80 10.35
C PRO B 117 -40.06 15.78 9.32
N ASN B 118 -39.34 15.27 8.33
CA ASN B 118 -38.96 16.07 7.20
C ASN B 118 -40.20 16.43 6.41
N VAL B 119 -40.28 17.66 5.93
CA VAL B 119 -41.51 18.08 5.23
C VAL B 119 -41.17 18.86 3.99
N VAL B 120 -41.98 18.67 2.96
CA VAL B 120 -41.87 19.47 1.74
C VAL B 120 -43.21 20.21 1.56
N ASP B 121 -43.14 21.54 1.61
CA ASP B 121 -44.37 22.36 1.51
C ASP B 121 -44.27 23.37 0.40
N ILE B 122 -45.42 23.71 -0.18
CA ILE B 122 -45.51 24.83 -1.13
C ILE B 122 -46.03 25.97 -0.26
N VAL B 123 -45.34 27.11 -0.30
CA VAL B 123 -45.60 28.23 0.61
C VAL B 123 -45.82 29.53 -0.18
N GLY B 124 -46.61 30.45 0.37
CA GLY B 124 -46.84 31.75 -0.26
C GLY B 124 -45.80 32.77 0.18
N PRO B 125 -45.91 34.02 -0.32
CA PRO B 125 -45.10 35.19 0.04
C PRO B 125 -44.94 35.50 1.55
N THR B 126 -45.95 35.20 2.36
CA THR B 126 -45.86 35.52 3.81
C THR B 126 -45.44 34.27 4.65
N GLY B 127 -45.34 33.11 3.99
CA GLY B 127 -44.98 31.87 4.68
C GLY B 127 -46.15 30.91 4.90
N GLY B 128 -47.34 31.31 4.46
CA GLY B 128 -48.50 30.42 4.53
C GLY B 128 -48.34 29.20 3.64
N ILE B 129 -48.71 28.03 4.17
CA ILE B 129 -48.61 26.75 3.48
C ILE B 129 -49.83 26.58 2.59
N ILE B 130 -49.56 26.30 1.32
CA ILE B 130 -50.58 26.17 0.30
C ILE B 130 -50.84 24.70 -0.01
N HIS B 131 -49.82 23.85 0.19
CA HIS B 131 -49.93 22.43 -0.15
C HIS B 131 -48.76 21.70 0.48
N SER B 132 -49.05 20.51 1.02
CA SER B 132 -48.05 19.70 1.68
C SER B 132 -47.92 18.42 0.91
N CYS B 133 -46.69 17.94 0.82
CA CYS B 133 -46.45 16.68 0.16
C CYS B 133 -46.65 15.55 1.19
N HIS B 134 -46.75 14.31 0.71
CA HIS B 134 -46.93 13.16 1.60
C HIS B 134 -45.62 12.91 2.34
N ARG B 135 -45.72 12.39 3.55
CA ARG B 135 -44.54 12.29 4.44
C ARG B 135 -43.79 10.97 4.38
N THR B 136 -44.53 9.93 4.04
CA THR B 136 -44.06 8.55 4.08
C THR B 136 -45.00 7.72 3.22
N GLU B 137 -44.63 6.45 2.97
CA GLU B 137 -45.49 5.57 2.14
C GLU B 137 -46.90 5.40 2.71
N GLU B 138 -47.87 5.33 1.83
N GLU B 138 -47.89 5.38 1.81
CA GLU B 138 -49.26 5.09 2.22
CA GLU B 138 -49.27 5.06 2.18
C GLU B 138 -49.44 3.60 2.53
C GLU B 138 -49.33 3.59 2.63
N ASN B 139 -50.24 3.30 3.55
CA ASN B 139 -50.44 1.92 4.03
C ASN B 139 -51.25 1.12 3.01
N VAL B 140 -50.68 0.90 1.84
CA VAL B 140 -51.40 0.25 0.76
C VAL B 140 -51.43 -1.27 0.91
N THR B 141 -50.40 -1.87 1.52
CA THR B 141 -50.33 -3.34 1.56
C THR B 141 -50.34 -3.89 2.98
N GLY B 142 -50.55 -3.03 3.98
CA GLY B 142 -50.63 -3.51 5.38
C GLY B 142 -49.40 -3.40 6.28
N GLU B 143 -48.26 -3.08 5.68
CA GLU B 143 -46.98 -3.06 6.40
C GLU B 143 -46.33 -1.67 6.44
N GLN B 144 -47.04 -0.64 5.99
CA GLN B 144 -46.46 0.70 5.90
C GLN B 144 -47.12 1.58 6.92
N GLY B 145 -46.49 2.71 7.24
CA GLY B 145 -47.23 3.79 7.88
C GLY B 145 -47.22 3.76 9.40
N GLY B 146 -46.62 2.71 9.97
CA GLY B 146 -46.49 2.60 11.43
C GLY B 146 -45.14 3.15 11.90
N PRO B 147 -44.94 3.26 13.23
CA PRO B 147 -43.76 3.99 13.73
C PRO B 147 -42.45 3.20 13.59
N ASP B 148 -42.56 1.93 13.18
CA ASP B 148 -41.44 1.04 12.88
C ASP B 148 -40.70 1.40 11.57
N VAL B 149 -41.37 2.15 10.70
CA VAL B 149 -40.88 2.45 9.37
C VAL B 149 -40.19 3.79 9.37
N VAL B 150 -38.91 3.78 9.00
CA VAL B 150 -38.18 5.03 8.98
C VAL B 150 -38.80 5.92 7.89
N GLN B 151 -39.00 7.19 8.22
CA GLN B 151 -39.52 8.13 7.22
C GLN B 151 -38.54 8.12 6.02
N PRO B 152 -39.04 8.26 4.78
CA PRO B 152 -38.06 8.53 3.70
C PRO B 152 -37.17 9.71 4.04
N TYR B 153 -35.88 9.58 3.72
CA TYR B 153 -34.97 10.69 3.92
C TYR B 153 -33.69 10.37 3.16
N ALA B 154 -32.81 11.35 3.07
CA ALA B 154 -31.54 11.18 2.36
C ALA B 154 -30.47 11.02 3.44
N ALA B 155 -30.01 9.79 3.65
CA ALA B 155 -29.07 9.56 4.77
C ALA B 155 -27.77 10.34 4.51
N TYR B 156 -27.33 11.07 5.55
CA TYR B 156 -26.16 11.98 5.62
C TYR B 156 -26.40 13.37 5.04
N ALA B 157 -27.58 13.61 4.46
CA ALA B 157 -27.92 14.98 4.03
C ALA B 157 -28.19 15.78 5.32
N PRO B 158 -27.71 17.04 5.35
CA PRO B 158 -27.81 17.87 6.57
C PRO B 158 -29.20 18.39 6.86
N SER B 159 -29.45 18.70 8.15
CA SER B 159 -30.64 19.45 8.53
CA SER B 159 -30.63 19.47 8.56
C SER B 159 -30.57 20.88 7.96
N GLY B 160 -31.72 21.45 7.66
CA GLY B 160 -31.79 22.85 7.23
C GLY B 160 -33.22 23.13 6.84
N THR B 161 -33.55 24.40 6.58
CA THR B 161 -34.93 24.74 6.14
C THR B 161 -34.90 25.70 4.96
N PRO B 162 -34.24 25.31 3.86
CA PRO B 162 -34.23 26.16 2.67
C PRO B 162 -35.61 26.32 2.04
N GLN B 163 -35.80 27.46 1.41
CA GLN B 163 -37.03 27.73 0.71
C GLN B 163 -36.71 28.61 -0.49
N GLY B 164 -37.25 28.29 -1.65
CA GLY B 164 -37.00 29.05 -2.85
C GLY B 164 -37.83 28.61 -4.02
N LEU B 165 -37.65 29.27 -5.14
CA LEU B 165 -38.35 28.90 -6.36
C LEU B 165 -37.85 27.51 -6.84
N LEU B 166 -38.76 26.68 -7.33
CA LEU B 166 -38.39 25.37 -7.86
C LEU B 166 -37.86 25.38 -9.29
N VAL B 167 -36.81 24.58 -9.53
CA VAL B 167 -36.36 24.28 -10.89
C VAL B 167 -36.35 22.76 -11.07
N TYR B 168 -36.32 22.31 -12.32
CA TYR B 168 -36.16 20.88 -12.59
C TYR B 168 -34.78 20.66 -13.24
N ALA B 169 -33.98 19.80 -12.64
CA ALA B 169 -32.57 19.67 -13.09
C ALA B 169 -32.24 18.25 -13.52
N ASN B 170 -33.24 17.51 -14.04
CA ASN B 170 -33.02 16.20 -14.68
C ASN B 170 -32.43 15.20 -13.70
N ARG B 171 -31.26 14.63 -14.00
CA ARG B 171 -30.66 13.70 -13.00
C ARG B 171 -29.70 14.38 -12.02
N GLY B 172 -29.54 15.69 -12.13
CA GLY B 172 -28.71 16.45 -11.20
C GLY B 172 -27.20 16.21 -11.49
N ALA B 173 -26.90 15.80 -12.72
CA ALA B 173 -25.49 15.76 -13.18
C ALA B 173 -24.94 17.19 -13.34
N GLU B 174 -23.61 17.33 -13.36
CA GLU B 174 -23.00 18.63 -13.59
C GLU B 174 -23.53 19.22 -14.92
N GLU B 175 -23.66 18.40 -15.95
CA GLU B 175 -24.13 18.86 -17.26
C GLU B 175 -25.60 19.36 -17.21
N ASP B 176 -26.39 18.77 -16.31
CA ASP B 176 -27.79 19.19 -16.15
C ASP B 176 -27.86 20.60 -15.54
N PHE B 177 -27.12 20.84 -14.44
CA PHE B 177 -27.10 22.20 -13.88
C PHE B 177 -26.49 23.24 -14.85
N LYS B 178 -25.47 22.79 -15.60
CA LYS B 178 -24.87 23.63 -16.62
C LYS B 178 -25.89 24.02 -17.67
N GLU B 179 -26.76 23.09 -18.08
CA GLU B 179 -27.80 23.41 -19.06
C GLU B 179 -28.74 24.51 -18.53
N LEU B 180 -29.13 24.39 -17.27
CA LEU B 180 -30.00 25.44 -16.69
C LEU B 180 -29.30 26.81 -16.68
N GLN B 181 -28.05 26.84 -16.26
CA GLN B 181 -27.26 28.06 -16.21
C GLN B 181 -27.12 28.67 -17.62
N THR B 182 -26.83 27.82 -18.61
CA THR B 182 -26.62 28.28 -19.99
C THR B 182 -27.89 28.93 -20.51
N GLN B 183 -29.05 28.46 -20.04
CA GLN B 183 -30.33 29.03 -20.44
C GLN B 183 -30.72 30.30 -19.71
N GLY B 184 -29.86 30.76 -18.83
CA GLY B 184 -30.07 32.03 -18.16
C GLY B 184 -30.94 31.88 -16.93
N ILE B 185 -31.16 30.64 -16.48
CA ILE B 185 -32.00 30.38 -15.29
C ILE B 185 -31.16 30.64 -14.06
N LYS B 186 -31.63 31.54 -13.19
CA LYS B 186 -30.93 31.84 -11.96
C LYS B 186 -31.08 30.66 -10.97
N LEU B 187 -29.98 30.03 -10.61
CA LEU B 187 -30.00 28.88 -9.72
C LEU B 187 -29.79 29.19 -8.25
N GLU B 188 -29.18 30.33 -7.96
N GLU B 188 -29.18 30.33 -7.96
CA GLU B 188 -28.90 30.71 -6.59
CA GLU B 188 -28.92 30.71 -6.60
C GLU B 188 -30.19 30.82 -5.77
C GLU B 188 -30.21 30.78 -5.80
N GLY B 189 -30.24 30.07 -4.67
CA GLY B 189 -31.38 30.09 -3.76
C GLY B 189 -32.57 29.20 -4.14
N THR B 190 -32.50 28.48 -5.25
CA THR B 190 -33.62 27.68 -5.72
C THR B 190 -33.66 26.34 -4.98
N ILE B 191 -34.77 25.63 -5.17
CA ILE B 191 -34.87 24.21 -4.79
C ILE B 191 -34.87 23.47 -6.12
N ALA B 192 -33.99 22.47 -6.27
CA ALA B 192 -33.92 21.73 -7.54
C ALA B 192 -34.52 20.34 -7.37
N LEU B 193 -35.44 20.01 -8.25
CA LEU B 193 -36.01 18.69 -8.29
C LEU B 193 -35.20 17.84 -9.31
N THR B 194 -34.79 16.64 -8.86
CA THR B 194 -34.02 15.69 -9.72
C THR B 194 -34.64 14.31 -9.59
N ARG B 195 -34.31 13.45 -10.56
CA ARG B 195 -34.74 12.07 -10.50
C ARG B 195 -33.55 11.19 -10.19
N TYR B 196 -33.84 10.07 -9.52
CA TYR B 196 -32.80 9.07 -9.24
C TYR B 196 -32.23 8.53 -10.55
N GLY B 197 -30.95 8.15 -10.51
CA GLY B 197 -30.23 7.58 -11.66
C GLY B 197 -29.21 8.55 -12.22
N GLY B 198 -28.40 8.08 -13.18
CA GLY B 198 -27.42 8.96 -13.86
C GLY B 198 -26.16 9.21 -13.05
N VAL B 199 -26.30 9.91 -11.92
CA VAL B 199 -25.20 10.15 -10.99
C VAL B 199 -25.65 9.66 -9.63
N GLY B 200 -24.69 9.48 -8.72
CA GLY B 200 -24.96 8.96 -7.36
C GLY B 200 -25.85 9.92 -6.55
N ARG B 201 -26.39 9.41 -5.45
CA ARG B 201 -27.39 10.18 -4.68
C ARG B 201 -26.84 11.52 -4.20
N GLY B 202 -25.72 11.48 -3.49
CA GLY B 202 -25.13 12.70 -2.92
C GLY B 202 -24.59 13.64 -3.99
N ALA B 203 -24.19 13.09 -5.14
CA ALA B 203 -23.61 13.90 -6.19
C ALA B 203 -24.66 14.90 -6.65
N LYS B 204 -25.94 14.54 -6.56
CA LYS B 204 -26.98 15.51 -7.03
C LYS B 204 -26.92 16.81 -6.20
N ALA B 205 -26.71 16.68 -4.91
CA ALA B 205 -26.63 17.81 -4.01
C ALA B 205 -25.29 18.54 -4.15
N VAL B 206 -24.21 17.78 -4.33
CA VAL B 206 -22.95 18.41 -4.58
C VAL B 206 -22.98 19.26 -5.85
N ASN B 207 -23.53 18.73 -6.93
CA ASN B 207 -23.52 19.46 -8.22
C ASN B 207 -24.47 20.68 -8.11
N ALA B 208 -25.58 20.49 -7.39
CA ALA B 208 -26.55 21.61 -7.20
C ALA B 208 -25.90 22.76 -6.48
N ALA B 209 -25.21 22.41 -5.39
CA ALA B 209 -24.65 23.39 -4.50
C ALA B 209 -23.59 24.26 -5.16
N LYS B 210 -22.91 23.74 -6.19
CA LYS B 210 -21.89 24.50 -6.92
C LYS B 210 -22.53 25.67 -7.64
N HIS B 211 -23.84 25.57 -7.87
CA HIS B 211 -24.54 26.70 -8.46
C HIS B 211 -25.34 27.50 -7.46
N GLY B 212 -25.12 27.24 -6.17
CA GLY B 212 -25.82 28.00 -5.11
C GLY B 212 -27.28 27.58 -4.92
N VAL B 213 -27.64 26.43 -5.49
CA VAL B 213 -28.94 25.83 -5.14
C VAL B 213 -29.01 25.64 -3.63
N ALA B 214 -30.18 25.90 -3.04
CA ALA B 214 -30.34 25.89 -1.61
C ALA B 214 -30.79 24.53 -1.03
N GLY B 215 -31.52 23.75 -1.81
CA GLY B 215 -32.01 22.43 -1.37
C GLY B 215 -32.32 21.58 -2.60
N VAL B 216 -32.32 20.26 -2.39
CA VAL B 216 -32.61 19.32 -3.46
C VAL B 216 -33.69 18.32 -3.10
N LEU B 217 -34.54 18.04 -4.10
CA LEU B 217 -35.59 17.02 -3.99
C LEU B 217 -35.24 15.94 -5.01
N VAL B 218 -35.49 14.68 -4.65
CA VAL B 218 -35.20 13.55 -5.57
C VAL B 218 -36.43 12.65 -5.63
N TYR B 219 -36.79 12.17 -6.83
CA TYR B 219 -37.93 11.26 -6.95
C TYR B 219 -37.52 10.17 -7.94
N THR B 220 -38.30 9.11 -8.02
CA THR B 220 -38.09 8.10 -9.07
C THR B 220 -39.14 8.29 -10.14
N ASP B 221 -38.70 8.53 -11.37
CA ASP B 221 -39.67 8.78 -12.42
C ASP B 221 -40.26 7.45 -12.90
N PRO B 222 -41.61 7.41 -13.04
CA PRO B 222 -42.21 6.22 -13.59
C PRO B 222 -41.65 5.78 -14.93
N ALA B 223 -41.11 6.68 -15.75
CA ALA B 223 -40.49 6.23 -17.00
C ALA B 223 -39.26 5.35 -16.74
N ASP B 224 -38.62 5.59 -15.61
CA ASP B 224 -37.30 5.02 -15.31
C ASP B 224 -37.41 3.71 -14.56
N ILE B 225 -38.54 3.46 -13.92
CA ILE B 225 -38.67 2.29 -13.07
C ILE B 225 -39.91 1.44 -13.30
N ASN B 226 -40.96 2.07 -13.87
CA ASN B 226 -42.26 1.42 -13.99
C ASN B 226 -42.73 1.29 -15.45
N ASP B 227 -41.81 1.40 -16.41
CA ASP B 227 -42.18 1.31 -17.83
C ASP B 227 -43.34 2.27 -18.10
N GLY B 228 -43.33 3.36 -17.35
CA GLY B 228 -44.27 4.47 -17.60
C GLY B 228 -45.61 4.36 -16.87
N LEU B 229 -45.78 3.32 -16.06
CA LEU B 229 -47.02 3.14 -15.30
C LEU B 229 -46.97 3.86 -13.97
N SER B 230 -48.11 4.44 -13.55
CA SER B 230 -48.12 5.20 -12.31
C SER B 230 -49.33 4.99 -11.36
N SER B 231 -50.34 4.25 -11.79
CA SER B 231 -51.58 4.22 -11.01
C SER B 231 -51.53 3.21 -9.86
N PRO B 232 -52.34 3.42 -8.83
CA PRO B 232 -52.48 2.40 -7.79
C PRO B 232 -52.79 0.99 -8.36
N ASP B 233 -53.72 0.87 -9.32
CA ASP B 233 -54.12 -0.45 -9.81
C ASP B 233 -53.02 -1.09 -10.66
N GLU B 234 -52.10 -0.25 -11.12
CA GLU B 234 -51.00 -0.72 -12.02
C GLU B 234 -49.79 -1.12 -11.21
N THR B 235 -49.81 -0.85 -9.90
CA THR B 235 -48.58 -0.98 -9.11
C THR B 235 -48.79 -1.94 -7.92
N PHE B 236 -47.72 -2.27 -7.21
CA PHE B 236 -47.83 -3.15 -6.05
C PHE B 236 -48.97 -2.66 -5.09
N PRO B 237 -49.85 -3.59 -4.61
CA PRO B 237 -49.83 -5.06 -4.63
C PRO B 237 -50.39 -5.77 -5.88
N ASN B 238 -50.61 -5.01 -6.96
CA ASN B 238 -51.18 -5.60 -8.16
C ASN B 238 -50.12 -6.10 -9.14
N SER B 239 -48.89 -5.61 -8.96
CA SER B 239 -47.80 -5.94 -9.88
C SER B 239 -46.50 -5.70 -9.10
N TRP B 240 -45.36 -5.94 -9.78
CA TRP B 240 -44.08 -5.60 -9.13
C TRP B 240 -43.75 -4.08 -9.16
N TYR B 241 -44.64 -3.25 -9.74
CA TYR B 241 -44.26 -1.85 -9.97
C TYR B 241 -44.36 -0.97 -8.73
N LEU B 242 -43.66 0.16 -8.76
CA LEU B 242 -43.50 1.05 -7.61
C LEU B 242 -44.78 1.89 -7.44
N PRO B 243 -45.37 1.81 -6.25
CA PRO B 243 -46.57 2.65 -5.98
C PRO B 243 -46.22 4.13 -5.91
N PRO B 244 -47.23 4.98 -6.13
CA PRO B 244 -46.99 6.42 -6.19
C PRO B 244 -46.47 7.03 -4.92
N SER B 245 -46.63 6.35 -3.78
CA SER B 245 -46.12 6.93 -2.53
C SER B 245 -44.80 6.28 -2.10
N GLY B 246 -44.31 5.32 -2.89
CA GLY B 246 -43.04 4.66 -2.51
C GLY B 246 -41.86 5.61 -2.62
N VAL B 247 -40.88 5.51 -1.72
CA VAL B 247 -39.75 6.45 -1.80
C VAL B 247 -38.44 5.72 -1.58
N GLU B 248 -37.55 5.82 -2.57
CA GLU B 248 -36.19 5.25 -2.41
C GLU B 248 -35.43 6.01 -1.32
N ARG B 249 -35.12 5.33 -0.21
CA ARG B 249 -34.13 5.79 0.79
C ARG B 249 -32.72 5.36 0.32
N GLY B 250 -31.67 5.86 0.99
CA GLY B 250 -30.31 5.46 0.57
C GLY B 250 -29.25 6.36 1.13
N SER B 251 -28.04 5.89 1.09
CA SER B 251 -26.91 6.71 1.48
C SER B 251 -26.64 7.77 0.40
N TYR B 252 -26.45 9.01 0.91
CA TYR B 252 -26.01 10.13 0.05
C TYR B 252 -24.54 10.53 0.37
N TYR B 253 -23.83 9.62 1.04
N TYR B 253 -23.82 9.66 1.09
CA TYR B 253 -22.42 9.76 1.33
CA TYR B 253 -22.40 9.91 1.34
C TYR B 253 -21.60 9.59 0.03
C TYR B 253 -21.62 9.63 0.04
N GLU B 254 -20.57 10.42 -0.16
CA GLU B 254 -19.79 10.37 -1.42
C GLU B 254 -18.94 9.07 -1.50
N TYR B 255 -18.55 8.55 -0.36
CA TYR B 255 -17.53 7.49 -0.29
C TYR B 255 -18.18 6.26 0.26
N PHE B 256 -17.40 5.22 0.47
CA PHE B 256 -17.91 4.11 1.32
C PHE B 256 -17.06 3.99 2.55
N GLY B 257 -17.44 3.11 3.48
CA GLY B 257 -16.75 2.98 4.79
C GLY B 257 -17.34 3.98 5.78
N ASP B 258 -17.09 3.72 7.06
CA ASP B 258 -17.49 4.72 8.10
C ASP B 258 -16.92 6.12 7.77
N PRO B 259 -17.77 7.18 7.75
CA PRO B 259 -17.28 8.53 7.41
C PRO B 259 -16.14 9.04 8.33
N LEU B 260 -16.11 8.61 9.61
CA LEU B 260 -15.19 9.21 10.58
C LEU B 260 -13.83 8.54 10.59
N THR B 261 -13.68 7.40 9.90
CA THR B 261 -12.41 6.64 10.11
C THR B 261 -11.84 6.17 8.79
N PRO B 262 -11.51 7.11 7.88
CA PRO B 262 -10.90 6.67 6.62
C PRO B 262 -9.57 5.93 6.86
N TYR B 263 -9.45 4.75 6.28
CA TYR B 263 -8.28 3.88 6.37
C TYR B 263 -7.92 3.37 7.76
N LEU B 264 -8.84 3.47 8.71
CA LEU B 264 -8.59 2.90 10.06
C LEU B 264 -9.87 2.20 10.53
N PRO B 265 -9.74 1.09 11.27
CA PRO B 265 -10.95 0.40 11.72
C PRO B 265 -11.66 1.16 12.86
N ALA B 266 -13.00 1.22 12.82
CA ALA B 266 -13.80 1.99 13.79
C ALA B 266 -13.97 1.23 15.11
N VAL B 267 -12.84 0.92 15.73
CA VAL B 267 -12.81 0.22 17.03
C VAL B 267 -12.87 1.26 18.14
N PRO B 268 -13.31 0.90 19.35
N PRO B 268 -13.00 0.79 19.40
CA PRO B 268 -13.79 2.05 20.18
CA PRO B 268 -13.02 1.66 20.60
C PRO B 268 -12.82 3.21 20.26
C PRO B 268 -11.72 2.39 20.76
N SER B 269 -11.54 2.87 20.37
N SER B 269 -11.82 3.72 20.80
CA SER B 269 -10.40 3.77 20.70
CA SER B 269 -10.69 4.61 20.89
C SER B 269 -9.93 4.71 19.61
C SER B 269 -9.91 4.91 19.56
N SER B 270 -10.32 4.39 18.38
CA SER B 270 -9.76 4.90 17.07
C SER B 270 -9.81 6.40 16.98
N PHE B 271 -8.73 6.96 16.46
CA PHE B 271 -8.76 8.26 15.80
C PHE B 271 -10.06 8.37 14.98
N ARG B 272 -10.79 9.45 15.18
CA ARG B 272 -11.94 9.81 14.34
C ARG B 272 -11.69 11.22 13.85
N VAL B 273 -11.93 11.46 12.56
CA VAL B 273 -11.89 12.79 11.96
C VAL B 273 -12.88 13.69 12.73
N ASP B 274 -12.51 14.96 12.88
CA ASP B 274 -13.40 15.85 13.56
C ASP B 274 -14.68 16.02 12.73
N LEU B 275 -15.85 16.00 13.39
CA LEU B 275 -17.11 16.13 12.67
C LEU B 275 -17.09 17.30 11.66
N ALA B 276 -16.44 18.39 12.03
CA ALA B 276 -16.12 19.51 11.09
C ALA B 276 -15.15 19.17 9.94
N ASN B 277 -14.22 18.25 10.15
CA ASN B 277 -13.28 17.95 9.07
C ASN B 277 -13.77 16.81 8.12
N VAL B 278 -15.00 16.30 8.31
CA VAL B 278 -15.50 15.15 7.53
C VAL B 278 -15.76 15.57 6.10
N SER B 279 -15.27 14.79 5.15
CA SER B 279 -15.44 15.04 3.74
C SER B 279 -16.53 14.08 3.23
N GLY B 280 -17.32 14.51 2.23
CA GLY B 280 -18.23 13.54 1.58
C GLY B 280 -19.72 13.65 1.85
N PHE B 281 -20.15 14.52 2.76
N PHE B 281 -20.11 14.54 2.77
CA PHE B 281 -21.59 14.65 2.98
CA PHE B 281 -21.55 14.78 3.06
C PHE B 281 -22.17 15.72 2.07
C PHE B 281 -22.13 15.70 1.98
N PRO B 282 -23.42 15.52 1.63
CA PRO B 282 -24.10 16.50 0.75
C PRO B 282 -24.05 17.85 1.47
N PRO B 283 -23.76 18.89 0.71
CA PRO B 283 -23.54 20.19 1.33
C PRO B 283 -24.84 20.94 1.67
N ILE B 284 -25.95 20.49 1.10
CA ILE B 284 -27.26 21.17 1.29
C ILE B 284 -28.33 20.13 1.61
N PRO B 285 -29.40 20.54 2.33
CA PRO B 285 -30.48 19.62 2.64
C PRO B 285 -31.08 19.01 1.37
N THR B 286 -31.41 17.73 1.47
CA THR B 286 -31.84 16.98 0.32
C THR B 286 -32.87 16.00 0.86
N GLN B 287 -33.94 15.81 0.11
CA GLN B 287 -35.07 14.94 0.58
C GLN B 287 -35.70 14.17 -0.60
N PRO B 288 -35.87 12.85 -0.46
CA PRO B 288 -36.53 12.12 -1.58
C PRO B 288 -38.06 12.13 -1.35
N ILE B 289 -38.78 12.10 -2.43
CA ILE B 289 -40.26 12.20 -2.39
C ILE B 289 -40.90 11.16 -3.31
N GLY B 290 -42.18 10.88 -3.06
CA GLY B 290 -42.93 9.98 -3.94
C GLY B 290 -43.20 10.60 -5.30
N PHE B 291 -43.42 9.76 -6.31
CA PHE B 291 -43.62 10.33 -7.64
C PHE B 291 -44.95 11.07 -7.76
N GLN B 292 -45.90 10.74 -6.88
CA GLN B 292 -47.18 11.51 -6.86
C GLN B 292 -46.92 12.98 -6.44
N ASP B 293 -46.07 13.17 -5.44
CA ASP B 293 -45.63 14.52 -5.06
C ASP B 293 -44.76 15.18 -6.12
N ALA B 294 -43.83 14.42 -6.74
CA ALA B 294 -43.11 14.95 -7.90
C ALA B 294 -44.03 15.41 -9.01
N ARG B 295 -45.10 14.66 -9.28
CA ARG B 295 -46.03 15.04 -10.34
C ARG B 295 -46.63 16.43 -10.05
N ASP B 296 -47.07 16.61 -8.81
CA ASP B 296 -47.67 17.91 -8.41
C ASP B 296 -46.70 19.09 -8.60
N LEU B 297 -45.41 18.84 -8.35
CA LEU B 297 -44.41 19.89 -8.48
C LEU B 297 -44.05 20.10 -9.95
N LEU B 298 -43.55 19.06 -10.62
CA LEU B 298 -43.01 19.21 -11.96
C LEU B 298 -44.11 19.66 -12.92
N CYS B 299 -45.28 19.07 -12.80
CA CYS B 299 -46.34 19.35 -13.79
C CYS B 299 -46.95 20.73 -13.65
N ASN B 300 -46.56 21.45 -12.61
CA ASN B 300 -46.90 22.87 -12.49
C ASN B 300 -45.78 23.87 -12.77
N LEU B 301 -44.62 23.39 -13.22
CA LEU B 301 -43.52 24.35 -13.40
C LEU B 301 -43.75 25.27 -14.61
N ASN B 302 -43.25 26.49 -14.48
CA ASN B 302 -43.25 27.45 -15.56
C ASN B 302 -41.98 27.32 -16.44
N GLY B 303 -41.99 27.91 -17.63
CA GLY B 303 -40.76 28.12 -18.40
C GLY B 303 -40.60 27.24 -19.63
N THR B 304 -39.34 27.13 -20.03
CA THR B 304 -38.96 26.42 -21.23
C THR B 304 -39.15 24.93 -21.06
N LEU B 305 -39.58 24.31 -22.15
CA LEU B 305 -39.65 22.86 -22.26
C LEU B 305 -38.25 22.27 -22.04
N ALA B 306 -38.17 21.25 -21.20
CA ALA B 306 -36.89 20.57 -21.01
C ALA B 306 -36.54 19.75 -22.26
N PRO B 307 -35.22 19.46 -22.50
CA PRO B 307 -34.86 18.58 -23.62
C PRO B 307 -35.58 17.25 -23.62
N ALA B 308 -35.73 16.66 -24.82
CA ALA B 308 -36.41 15.37 -24.94
C ALA B 308 -35.85 14.33 -24.00
N THR B 309 -34.54 14.35 -23.79
CA THR B 309 -33.91 13.33 -22.94
C THR B 309 -34.21 13.54 -21.45
N TRP B 310 -34.80 14.69 -21.12
CA TRP B 310 -35.15 14.98 -19.73
C TRP B 310 -36.63 14.69 -19.43
N GLN B 311 -37.38 14.26 -20.44
CA GLN B 311 -38.81 14.00 -20.26
C GLN B 311 -39.05 12.71 -19.47
N GLY B 312 -40.30 12.41 -19.13
CA GLY B 312 -40.64 11.23 -18.28
C GLY B 312 -42.10 10.87 -18.36
N ALA B 313 -42.59 10.13 -17.39
CA ALA B 313 -43.92 9.60 -17.48
C ALA B 313 -44.75 10.06 -16.28
N LEU B 314 -44.42 11.21 -15.70
CA LEU B 314 -45.23 11.74 -14.59
C LEU B 314 -46.64 12.14 -15.04
N GLY B 315 -46.76 12.51 -16.32
CA GLY B 315 -48.05 12.77 -16.93
C GLY B 315 -48.18 14.09 -17.69
N CYS B 316 -47.10 14.85 -17.84
CA CYS B 316 -47.13 16.16 -18.48
C CYS B 316 -45.84 16.32 -19.25
N HIS B 317 -45.75 17.35 -20.11
CA HIS B 317 -44.45 17.76 -20.61
C HIS B 317 -43.71 18.43 -19.46
N TYR B 318 -42.39 18.19 -19.38
CA TYR B 318 -41.60 18.79 -18.31
C TYR B 318 -40.98 20.10 -18.71
N ARG B 319 -41.20 21.12 -17.89
CA ARG B 319 -40.55 22.42 -18.04
C ARG B 319 -39.51 22.62 -16.99
N LEU B 320 -38.71 23.70 -17.15
CA LEU B 320 -37.47 23.85 -16.35
C LEU B 320 -37.62 24.67 -15.08
N GLY B 321 -38.67 25.48 -15.00
CA GLY B 321 -38.72 26.52 -13.98
C GLY B 321 -37.90 27.73 -14.43
N PRO B 322 -37.63 28.69 -13.53
CA PRO B 322 -37.94 28.66 -12.11
C PRO B 322 -39.40 29.05 -11.81
N GLY B 323 -39.94 28.43 -10.77
CA GLY B 323 -41.27 28.77 -10.25
C GLY B 323 -42.38 28.10 -10.99
N PHE B 324 -43.61 28.37 -10.55
CA PHE B 324 -44.78 27.70 -11.12
C PHE B 324 -45.55 28.56 -12.13
N ARG B 325 -46.29 27.90 -13.00
CA ARG B 325 -46.96 28.57 -14.10
C ARG B 325 -48.27 29.16 -13.62
N PRO B 326 -48.58 30.36 -14.10
CA PRO B 326 -49.77 31.09 -13.59
C PRO B 326 -51.07 30.35 -13.91
N ASP B 327 -51.09 29.47 -14.91
CA ASP B 327 -52.33 28.78 -15.28
C ASP B 327 -52.43 27.41 -14.62
N GLY B 328 -51.53 27.15 -13.65
CA GLY B 328 -51.49 25.83 -12.98
C GLY B 328 -52.20 25.81 -11.64
N ASP B 329 -51.84 24.86 -10.77
CA ASP B 329 -52.52 24.71 -9.49
C ASP B 329 -52.17 25.73 -8.42
N PHE B 330 -51.02 26.41 -8.57
CA PHE B 330 -50.44 27.24 -7.51
C PHE B 330 -50.26 28.67 -8.00
N PRO B 331 -50.31 29.64 -7.10
CA PRO B 331 -49.93 31.01 -7.49
C PRO B 331 -48.47 30.99 -8.00
N ALA B 332 -48.19 31.76 -9.04
CA ALA B 332 -46.82 31.90 -9.60
C ALA B 332 -45.78 32.51 -8.64
N ASP B 333 -46.18 33.14 -7.55
CA ASP B 333 -45.18 33.63 -6.60
C ASP B 333 -44.82 32.55 -5.53
N SER B 334 -45.29 31.31 -5.69
CA SER B 334 -45.17 30.32 -4.61
C SER B 334 -43.76 29.72 -4.64
N GLN B 335 -43.29 29.33 -3.47
CA GLN B 335 -41.95 28.77 -3.28
C GLN B 335 -42.10 27.39 -2.66
N VAL B 336 -41.00 26.64 -2.64
CA VAL B 336 -41.01 25.31 -2.04
C VAL B 336 -40.08 25.37 -0.87
N ASN B 337 -40.57 24.89 0.27
CA ASN B 337 -39.85 24.92 1.52
C ASN B 337 -39.52 23.45 1.79
N VAL B 338 -38.24 23.17 2.01
CA VAL B 338 -37.81 21.81 2.28
C VAL B 338 -37.22 21.85 3.68
N SER B 339 -37.89 21.23 4.64
CA SER B 339 -37.43 21.27 6.04
C SER B 339 -36.93 19.89 6.42
N VAL B 340 -35.67 19.83 6.76
CA VAL B 340 -35.01 18.57 7.06
C VAL B 340 -34.45 18.65 8.47
N TYR B 341 -34.64 17.57 9.22
CA TYR B 341 -34.23 17.47 10.62
C TYR B 341 -33.31 16.26 10.91
N ASN B 342 -32.69 15.73 9.87
CA ASN B 342 -31.72 14.62 10.04
C ASN B 342 -30.60 14.91 11.01
N ARG B 343 -30.24 13.88 11.79
CA ARG B 343 -29.09 13.95 12.68
C ARG B 343 -28.00 12.93 12.30
N LEU B 344 -26.75 13.27 12.58
CA LEU B 344 -25.62 12.29 12.50
C LEU B 344 -25.54 11.72 13.89
N GLU B 345 -25.34 10.41 13.99
CA GLU B 345 -25.35 9.73 15.31
C GLU B 345 -24.42 8.56 15.29
N LEU B 346 -23.52 8.48 16.28
CA LEU B 346 -22.64 7.28 16.37
C LEU B 346 -23.49 6.10 16.80
N ARG B 347 -23.30 4.94 16.14
CA ARG B 347 -24.09 3.75 16.50
C ARG B 347 -23.19 2.54 16.46
N ASN B 348 -23.51 1.54 17.29
CA ASN B 348 -22.84 0.24 17.15
C ASN B 348 -23.46 -0.58 16.04
N SER B 349 -22.62 -1.13 15.15
CA SER B 349 -23.09 -2.04 14.10
C SER B 349 -22.23 -3.29 14.10
N SER B 350 -22.87 -4.46 14.12
CA SER B 350 -22.12 -5.71 14.19
C SER B 350 -22.07 -6.45 12.85
N ASN B 351 -20.91 -7.07 12.62
CA ASN B 351 -20.79 -8.13 11.61
C ASN B 351 -20.90 -9.47 12.33
N VAL B 352 -21.35 -10.51 11.64
CA VAL B 352 -21.23 -11.86 12.23
C VAL B 352 -20.37 -12.66 11.27
N LEU B 353 -19.32 -13.28 11.78
CA LEU B 353 -18.45 -14.11 11.00
C LEU B 353 -18.61 -15.56 11.44
N GLY B 354 -18.51 -16.46 10.47
CA GLY B 354 -18.55 -17.91 10.79
C GLY B 354 -17.49 -18.60 9.96
N ILE B 355 -16.96 -19.71 10.45
CA ILE B 355 -15.90 -20.36 9.67
C ILE B 355 -16.04 -21.88 9.71
N ILE B 356 -15.73 -22.47 8.56
CA ILE B 356 -15.44 -23.91 8.46
C ILE B 356 -13.96 -24.00 8.19
N ARG B 357 -13.23 -24.57 9.14
N ARG B 357 -13.21 -24.53 9.15
CA ARG B 357 -11.77 -24.65 9.03
CA ARG B 357 -11.73 -24.58 9.02
C ARG B 357 -11.32 -25.61 7.91
C ARG B 357 -11.29 -25.59 7.96
N GLY B 358 -10.40 -25.17 7.07
CA GLY B 358 -9.87 -26.07 6.02
C GLY B 358 -9.09 -27.27 6.59
N ALA B 359 -9.25 -28.42 5.95
CA ALA B 359 -8.59 -29.66 6.41
C ALA B 359 -7.12 -29.68 6.07
N VAL B 360 -6.76 -29.02 4.97
CA VAL B 360 -5.42 -29.13 4.42
C VAL B 360 -4.73 -27.75 4.35
N GLU B 361 -5.46 -26.76 3.83
CA GLU B 361 -4.94 -25.38 3.72
C GLU B 361 -5.86 -24.44 4.48
N PRO B 362 -5.87 -24.57 5.80
CA PRO B 362 -6.75 -23.68 6.55
C PRO B 362 -6.39 -22.20 6.52
N ASP B 363 -5.17 -21.87 6.07
CA ASP B 363 -4.72 -20.46 5.92
C ASP B 363 -5.03 -19.93 4.49
N ARG B 364 -5.98 -20.57 3.80
CA ARG B 364 -6.51 -20.02 2.54
C ARG B 364 -8.00 -19.86 2.79
N TYR B 365 -8.53 -18.68 2.47
CA TYR B 365 -9.92 -18.39 2.78
C TYR B 365 -10.74 -18.22 1.52
N VAL B 366 -11.90 -18.88 1.48
CA VAL B 366 -12.91 -18.60 0.45
C VAL B 366 -14.02 -17.89 1.21
N LEU B 367 -14.20 -16.59 0.95
CA LEU B 367 -15.10 -15.77 1.73
C LEU B 367 -16.40 -15.55 0.99
N TYR B 368 -17.51 -15.77 1.72
CA TYR B 368 -18.83 -15.64 1.14
C TYR B 368 -19.61 -14.70 2.05
N GLY B 369 -20.09 -13.60 1.51
CA GLY B 369 -20.69 -12.57 2.41
C GLY B 369 -22.00 -12.06 1.84
N ASN B 370 -22.81 -11.47 2.75
CA ASN B 370 -24.11 -10.89 2.41
C ASN B 370 -24.39 -9.85 3.48
N HIS B 371 -24.84 -8.66 3.10
CA HIS B 371 -25.28 -7.75 4.17
C HIS B 371 -26.66 -8.10 4.75
N ARG B 372 -26.90 -7.63 5.98
CA ARG B 372 -28.03 -8.09 6.78
C ARG B 372 -29.01 -6.95 6.89
N ASP B 373 -28.50 -5.71 6.85
CA ASP B 373 -29.33 -4.52 7.19
C ASP B 373 -30.09 -3.99 5.98
N SER B 374 -31.27 -3.38 6.23
CA SER B 374 -32.18 -2.94 5.14
C SER B 374 -32.59 -1.52 5.43
N TRP B 375 -33.28 -0.89 4.48
CA TRP B 375 -33.89 0.38 4.75
C TRP B 375 -35.25 0.22 5.49
N VAL B 376 -36.10 -0.68 5.00
CA VAL B 376 -37.36 -0.99 5.70
C VAL B 376 -37.39 -2.52 5.97
N HIS B 377 -38.31 -3.29 5.35
CA HIS B 377 -38.34 -4.73 5.61
C HIS B 377 -37.23 -5.44 4.80
N GLY B 378 -36.86 -4.83 3.67
CA GLY B 378 -35.74 -5.35 2.85
C GLY B 378 -35.88 -6.82 2.46
N ALA B 379 -37.10 -7.24 2.10
CA ALA B 379 -37.30 -8.62 1.70
C ALA B 379 -36.39 -8.99 0.51
N VAL B 380 -36.37 -8.13 -0.53
CA VAL B 380 -35.47 -8.33 -1.64
C VAL B 380 -34.05 -7.97 -1.22
N ASP B 381 -33.89 -6.71 -0.79
CA ASP B 381 -32.58 -6.19 -0.45
C ASP B 381 -32.46 -5.98 1.08
N PRO B 382 -31.67 -6.82 1.79
CA PRO B 382 -30.77 -7.90 1.29
C PRO B 382 -31.28 -9.26 1.76
N SER B 383 -32.52 -9.30 2.28
CA SER B 383 -32.94 -10.51 2.98
C SER B 383 -33.09 -11.69 2.06
N SER B 384 -33.31 -11.47 0.77
CA SER B 384 -33.30 -12.61 -0.18
C SER B 384 -31.89 -13.28 -0.21
N GLY B 385 -30.86 -12.45 -0.12
CA GLY B 385 -29.50 -12.97 0.02
C GLY B 385 -29.29 -13.61 1.37
N THR B 386 -29.76 -12.97 2.46
CA THR B 386 -29.50 -13.56 3.77
C THR B 386 -30.18 -14.93 3.92
N ALA B 387 -31.33 -15.08 3.28
CA ALA B 387 -32.09 -16.34 3.34
C ALA B 387 -31.29 -17.46 2.67
N VAL B 388 -30.62 -17.08 1.59
CA VAL B 388 -29.71 -18.01 0.86
C VAL B 388 -28.45 -18.28 1.67
N LEU B 389 -27.86 -17.22 2.23
CA LEU B 389 -26.71 -17.38 3.14
C LEU B 389 -27.02 -18.42 4.24
N LEU B 390 -28.19 -18.28 4.88
CA LEU B 390 -28.55 -19.22 5.95
C LEU B 390 -28.71 -20.62 5.43
N GLU B 391 -29.33 -20.78 4.26
CA GLU B 391 -29.61 -22.12 3.75
C GLU B 391 -28.30 -22.83 3.27
N LEU B 392 -27.43 -22.08 2.59
CA LEU B 392 -26.15 -22.68 2.13
C LEU B 392 -25.33 -23.06 3.37
N SER B 393 -25.28 -22.15 4.37
CA SER B 393 -24.44 -22.44 5.52
C SER B 393 -25.01 -23.60 6.36
N ARG B 394 -26.34 -23.74 6.34
CA ARG B 394 -26.97 -24.92 6.99
C ARG B 394 -26.55 -26.21 6.31
N VAL B 395 -26.61 -26.24 4.98
CA VAL B 395 -26.27 -27.47 4.26
C VAL B 395 -24.80 -27.86 4.51
N LEU B 396 -23.90 -26.88 4.38
CA LEU B 396 -22.49 -27.19 4.56
C LEU B 396 -22.20 -27.50 6.05
N GLY B 397 -22.83 -26.77 6.98
CA GLY B 397 -22.56 -27.01 8.41
C GLY B 397 -23.04 -28.40 8.82
N THR B 398 -24.22 -28.77 8.32
CA THR B 398 -24.81 -30.09 8.57
C THR B 398 -23.91 -31.21 8.08
N LEU B 399 -23.37 -31.05 6.88
N LEU B 399 -23.38 -31.08 6.87
CA LEU B 399 -22.46 -32.00 6.26
CA LEU B 399 -22.43 -32.04 6.33
C LEU B 399 -21.13 -32.07 7.06
C LEU B 399 -21.20 -32.09 7.22
N LEU B 400 -20.68 -30.91 7.55
CA LEU B 400 -19.48 -30.81 8.38
C LEU B 400 -19.72 -31.60 9.71
N LYS B 401 -20.83 -31.32 10.36
CA LYS B 401 -21.14 -31.94 11.66
C LYS B 401 -21.36 -33.47 11.55
N LYS B 402 -21.85 -33.95 10.42
CA LYS B 402 -21.91 -35.40 10.18
C LYS B 402 -20.57 -36.14 10.16
N GLY B 403 -19.49 -35.40 9.94
N GLY B 403 -19.44 -35.42 10.06
CA GLY B 403 -18.23 -36.01 9.62
CA GLY B 403 -18.10 -35.96 10.43
C GLY B 403 -18.12 -36.35 8.14
C GLY B 403 -17.09 -36.48 9.42
N THR B 404 -19.09 -35.98 7.32
N THR B 404 -17.47 -36.55 8.15
CA THR B 404 -19.03 -36.41 5.91
CA THR B 404 -16.56 -37.09 7.13
C THR B 404 -17.96 -35.69 5.10
C THR B 404 -15.93 -35.99 6.27
N TRP B 405 -17.60 -34.50 5.53
N TRP B 405 -16.77 -35.09 5.75
CA TRP B 405 -16.81 -33.63 4.67
CA TRP B 405 -16.27 -34.05 4.83
C TRP B 405 -16.13 -32.53 5.45
C TRP B 405 -15.89 -32.81 5.61
N ARG B 406 -14.89 -32.15 5.06
CA ARG B 406 -14.32 -30.88 5.55
C ARG B 406 -13.60 -30.35 4.33
N PRO B 407 -13.80 -29.06 4.05
CA PRO B 407 -13.23 -28.53 2.79
C PRO B 407 -11.68 -28.47 2.88
N ARG B 408 -11.01 -28.46 1.72
CA ARG B 408 -9.55 -28.41 1.71
C ARG B 408 -9.08 -27.06 2.33
N ARG B 409 -9.68 -25.95 1.86
CA ARG B 409 -9.41 -24.58 2.36
C ARG B 409 -10.53 -24.16 3.28
N SER B 410 -10.26 -23.13 4.09
CA SER B 410 -11.28 -22.61 4.99
C SER B 410 -12.36 -21.85 4.20
N ILE B 411 -13.60 -22.06 4.61
CA ILE B 411 -14.71 -21.27 4.11
C ILE B 411 -15.17 -20.33 5.19
N VAL B 412 -15.21 -19.03 4.86
CA VAL B 412 -15.56 -18.04 5.88
C VAL B 412 -16.85 -17.39 5.41
N PHE B 413 -17.85 -17.33 6.29
CA PHE B 413 -19.16 -16.77 5.95
C PHE B 413 -19.28 -15.46 6.70
N ALA B 414 -19.87 -14.46 6.05
CA ALA B 414 -19.95 -13.17 6.72
C ALA B 414 -21.33 -12.53 6.55
N SER B 415 -21.89 -12.06 7.67
CA SER B 415 -23.12 -11.27 7.64
C SER B 415 -22.71 -9.83 7.96
N TRP B 416 -22.66 -8.95 6.95
CA TRP B 416 -22.18 -7.61 7.15
C TRP B 416 -23.23 -6.67 7.72
N GLY B 417 -22.83 -5.86 8.68
CA GLY B 417 -23.74 -4.79 9.14
C GLY B 417 -23.58 -3.49 8.35
N ALA B 418 -24.58 -2.59 8.47
CA ALA B 418 -24.53 -1.21 7.98
C ALA B 418 -24.08 -1.05 6.54
N GLU B 419 -24.43 -2.00 5.65
CA GLU B 419 -24.11 -1.84 4.24
C GLU B 419 -24.88 -0.69 3.59
N GLU B 420 -26.12 -0.48 4.02
CA GLU B 420 -26.96 0.56 3.43
C GLU B 420 -26.40 1.99 3.70
N PHE B 421 -25.59 2.14 4.73
CA PHE B 421 -24.99 3.44 4.98
C PHE B 421 -23.66 3.62 4.27
N GLY B 422 -23.22 2.63 3.48
CA GLY B 422 -21.99 2.85 2.77
C GLY B 422 -21.01 1.70 2.95
N LEU B 423 -21.50 0.45 2.84
CA LEU B 423 -20.59 -0.72 2.91
C LEU B 423 -19.78 -0.62 4.21
N ILE B 424 -20.38 -0.12 5.28
CA ILE B 424 -19.57 0.15 6.47
C ILE B 424 -18.99 -1.10 7.14
N GLY B 425 -19.83 -2.07 7.43
CA GLY B 425 -19.38 -3.29 8.14
C GLY B 425 -18.32 -4.07 7.34
N SER B 426 -18.51 -4.22 6.02
CA SER B 426 -17.47 -4.92 5.25
C SER B 426 -16.19 -4.09 5.21
N THR B 427 -16.31 -2.79 4.94
CA THR B 427 -15.13 -1.93 4.88
C THR B 427 -14.34 -1.97 6.17
N GLU B 428 -15.01 -1.79 7.32
CA GLU B 428 -14.28 -1.83 8.61
C GLU B 428 -13.56 -3.17 8.85
N PHE B 429 -14.16 -4.25 8.39
CA PHE B 429 -13.55 -5.59 8.50
C PHE B 429 -12.26 -5.63 7.66
N THR B 430 -12.32 -5.13 6.43
CA THR B 430 -11.11 -5.11 5.61
C THR B 430 -9.99 -4.23 6.19
N GLU B 431 -10.35 -3.15 6.90
CA GLU B 431 -9.35 -2.33 7.54
C GLU B 431 -8.77 -3.04 8.74
N GLU B 432 -9.62 -3.71 9.48
CA GLU B 432 -9.12 -4.36 10.70
C GLU B 432 -8.19 -5.58 10.38
N PHE B 433 -8.47 -6.32 9.31
CA PHE B 433 -7.76 -7.58 9.06
C PHE B 433 -7.08 -7.51 7.70
N PHE B 434 -6.64 -6.29 7.37
CA PHE B 434 -6.09 -6.00 6.05
C PHE B 434 -5.01 -7.02 5.62
N ASN B 435 -3.97 -7.20 6.43
CA ASN B 435 -2.85 -8.10 6.01
C ASN B 435 -3.23 -9.57 5.98
N LYS B 436 -3.93 -10.01 7.01
CA LYS B 436 -4.32 -11.39 7.04
C LYS B 436 -5.21 -11.73 5.83
N LEU B 437 -6.11 -10.80 5.49
CA LEU B 437 -6.97 -11.07 4.32
C LEU B 437 -6.20 -11.01 2.99
N GLN B 438 -5.28 -10.04 2.86
CA GLN B 438 -4.58 -9.89 1.60
C GLN B 438 -3.68 -11.04 1.30
N GLU B 439 -3.11 -11.65 2.35
CA GLU B 439 -2.14 -12.70 2.09
CA GLU B 439 -2.12 -12.70 2.13
C GLU B 439 -2.80 -14.04 1.80
N ARG B 440 -4.05 -14.19 2.24
CA ARG B 440 -4.69 -15.50 2.38
C ARG B 440 -5.97 -15.72 1.59
N THR B 441 -6.61 -14.64 1.15
CA THR B 441 -7.98 -14.83 0.59
C THR B 441 -7.89 -15.22 -0.87
N VAL B 442 -8.50 -16.36 -1.18
CA VAL B 442 -8.60 -16.87 -2.56
C VAL B 442 -9.55 -15.97 -3.38
N ALA B 443 -10.74 -15.71 -2.86
CA ALA B 443 -11.76 -14.93 -3.61
C ALA B 443 -12.82 -14.53 -2.64
N TYR B 444 -13.57 -13.48 -3.02
CA TYR B 444 -14.68 -13.01 -2.19
C TYR B 444 -15.95 -13.21 -3.02
N ILE B 445 -16.91 -13.94 -2.49
CA ILE B 445 -18.16 -14.20 -3.21
C ILE B 445 -19.28 -13.43 -2.49
N ASN B 446 -19.96 -12.55 -3.20
CA ASN B 446 -21.00 -11.66 -2.57
C ASN B 446 -22.36 -12.05 -3.12
N VAL B 447 -23.34 -12.18 -2.25
CA VAL B 447 -24.76 -12.26 -2.71
C VAL B 447 -25.51 -11.23 -1.87
N ASP B 448 -25.93 -10.13 -2.50
CA ASP B 448 -26.55 -9.00 -1.79
C ASP B 448 -28.05 -9.26 -1.93
N ILE B 449 -28.56 -9.00 -3.13
CA ILE B 449 -29.95 -9.39 -3.47
C ILE B 449 -29.81 -10.70 -4.20
N SER B 450 -30.43 -11.76 -3.72
CA SER B 450 -30.32 -13.03 -4.48
C SER B 450 -31.21 -13.02 -5.74
N VAL B 451 -32.33 -12.34 -5.65
N VAL B 451 -32.38 -12.41 -5.63
CA VAL B 451 -33.34 -12.38 -6.73
CA VAL B 451 -33.34 -12.34 -6.75
C VAL B 451 -33.97 -11.00 -7.00
C VAL B 451 -33.90 -10.95 -6.96
N PHE B 452 -33.62 -10.39 -8.15
CA PHE B 452 -34.28 -9.17 -8.61
C PHE B 452 -35.57 -9.58 -9.35
N ALA B 453 -35.62 -10.83 -9.83
CA ALA B 453 -36.75 -11.41 -10.63
C ALA B 453 -36.26 -12.76 -11.07
N ASN B 454 -37.01 -13.47 -11.90
CA ASN B 454 -36.70 -14.89 -12.09
C ASN B 454 -36.33 -15.31 -13.50
N ALA B 455 -35.92 -14.37 -14.34
CA ALA B 455 -35.69 -14.70 -15.74
C ALA B 455 -34.32 -15.32 -15.97
N THR B 456 -33.27 -14.78 -15.33
CA THR B 456 -31.87 -15.19 -15.72
C THR B 456 -30.87 -14.92 -14.62
N LEU B 457 -29.84 -15.77 -14.55
CA LEU B 457 -28.68 -15.38 -13.74
C LEU B 457 -28.07 -14.11 -14.28
N ARG B 458 -27.41 -13.34 -13.41
CA ARG B 458 -26.45 -12.31 -13.88
C ARG B 458 -25.30 -12.33 -12.88
N VAL B 459 -24.08 -12.17 -13.36
CA VAL B 459 -22.92 -12.27 -12.47
C VAL B 459 -22.02 -11.09 -12.78
N GLN B 460 -21.48 -10.50 -11.71
CA GLN B 460 -20.47 -9.47 -11.89
C GLN B 460 -19.21 -10.02 -11.26
N GLY B 461 -18.04 -9.61 -11.74
CA GLY B 461 -16.84 -10.21 -11.14
C GLY B 461 -15.61 -9.80 -11.92
N THR B 462 -14.44 -9.99 -11.31
CA THR B 462 -13.20 -9.78 -12.05
C THR B 462 -12.87 -11.03 -12.91
N PRO B 463 -12.20 -10.84 -14.03
CA PRO B 463 -11.97 -12.00 -14.94
C PRO B 463 -11.43 -13.31 -14.34
N PRO B 464 -10.53 -13.28 -13.33
CA PRO B 464 -10.08 -14.57 -12.74
C PRO B 464 -11.22 -15.48 -12.23
N VAL B 465 -12.40 -14.91 -11.90
CA VAL B 465 -13.47 -15.75 -11.39
C VAL B 465 -14.43 -16.27 -12.47
N GLN B 466 -14.26 -15.87 -13.73
CA GLN B 466 -15.19 -16.29 -14.78
C GLN B 466 -15.26 -17.80 -14.96
N SER B 467 -14.08 -18.42 -14.94
CA SER B 467 -14.04 -19.82 -15.35
C SER B 467 -14.81 -20.70 -14.38
N VAL B 468 -14.76 -20.33 -13.11
CA VAL B 468 -15.39 -21.22 -12.13
C VAL B 468 -16.91 -21.07 -12.13
N VAL B 469 -17.40 -19.86 -12.40
CA VAL B 469 -18.87 -19.70 -12.45
C VAL B 469 -19.42 -20.28 -13.77
N PHE B 470 -18.65 -20.19 -14.85
CA PHE B 470 -19.02 -20.97 -16.07
C PHE B 470 -19.12 -22.47 -15.77
N SER B 471 -18.08 -23.04 -15.16
CA SER B 471 -18.09 -24.46 -14.77
C SER B 471 -19.30 -24.80 -13.92
N ALA B 472 -19.57 -23.99 -12.91
CA ALA B 472 -20.61 -24.32 -11.96
C ALA B 472 -21.97 -24.32 -12.70
N THR B 473 -22.21 -23.30 -13.51
CA THR B 473 -23.58 -23.07 -14.01
C THR B 473 -23.90 -24.00 -15.16
N LYS B 474 -22.86 -24.56 -15.78
CA LYS B 474 -23.12 -25.61 -16.79
C LYS B 474 -23.78 -26.89 -16.24
N GLU B 475 -23.63 -27.16 -14.96
CA GLU B 475 -24.02 -28.47 -14.35
C GLU B 475 -25.21 -28.35 -13.40
N ILE B 476 -25.88 -27.19 -13.43
CA ILE B 476 -27.08 -26.99 -12.63
C ILE B 476 -28.22 -26.64 -13.55
N ARG B 477 -29.40 -27.25 -13.34
CA ARG B 477 -30.56 -26.92 -14.17
C ARG B 477 -31.24 -25.62 -13.84
N SER B 478 -31.55 -24.87 -14.88
CA SER B 478 -32.26 -23.61 -14.76
C SER B 478 -33.70 -23.94 -14.32
N PRO B 479 -34.28 -23.10 -13.43
CA PRO B 479 -35.66 -23.32 -12.95
C PRO B 479 -36.69 -22.86 -13.96
N GLY B 480 -36.24 -22.20 -15.01
CA GLY B 480 -37.14 -21.68 -16.00
C GLY B 480 -37.50 -22.71 -17.07
N PRO B 481 -38.22 -22.26 -18.11
CA PRO B 481 -38.68 -23.21 -19.16
C PRO B 481 -37.60 -23.68 -20.13
N GLY B 482 -37.99 -24.74 -20.85
N GLY B 482 -37.86 -24.74 -20.91
CA GLY B 482 -37.08 -25.56 -21.59
CA GLY B 482 -36.96 -25.02 -22.04
C GLY B 482 -36.55 -26.54 -20.57
C GLY B 482 -35.85 -26.04 -21.81
N ASP B 483 -35.39 -27.09 -20.89
N ASP B 483 -35.80 -26.59 -20.60
CA ASP B 483 -34.66 -27.96 -20.01
CA ASP B 483 -34.87 -27.66 -20.30
C ASP B 483 -33.22 -27.50 -20.19
C ASP B 483 -33.43 -27.23 -20.59
N LEU B 484 -32.96 -26.24 -19.84
CA LEU B 484 -31.62 -25.67 -20.04
C LEU B 484 -30.82 -25.71 -18.73
N SER B 485 -29.51 -25.77 -18.84
CA SER B 485 -28.70 -25.44 -17.66
C SER B 485 -28.82 -23.94 -17.34
N ILE B 486 -28.36 -23.58 -16.16
CA ILE B 486 -28.27 -22.15 -15.77
C ILE B 486 -27.42 -21.39 -16.77
N TYR B 487 -26.32 -21.99 -17.22
CA TYR B 487 -25.42 -21.33 -18.17
C TYR B 487 -26.13 -21.13 -19.51
N ASP B 488 -26.76 -22.17 -20.04
CA ASP B 488 -27.42 -22.02 -21.34
C ASP B 488 -28.64 -21.10 -21.34
N ASN B 489 -29.31 -20.96 -20.19
CA ASN B 489 -30.34 -19.92 -20.07
C ASN B 489 -29.70 -18.52 -19.98
N TRP B 490 -28.64 -18.42 -19.15
CA TRP B 490 -27.93 -17.11 -18.89
C TRP B 490 -27.49 -16.48 -20.21
N ILE B 491 -26.89 -17.28 -21.09
CA ILE B 491 -26.28 -16.74 -22.32
C ILE B 491 -27.38 -16.15 -23.22
N ARG B 492 -28.64 -16.58 -23.04
CA ARG B 492 -29.72 -16.04 -23.88
C ARG B 492 -30.07 -14.60 -23.51
N TYR B 493 -29.61 -14.17 -22.33
CA TYR B 493 -29.94 -12.85 -21.82
C TYR B 493 -28.74 -11.87 -21.81
N PHE B 494 -27.56 -12.33 -21.36
CA PHE B 494 -26.40 -11.44 -21.21
C PHE B 494 -25.23 -12.19 -21.82
N ASN B 495 -24.80 -11.76 -22.99
CA ASN B 495 -23.69 -12.44 -23.68
C ASN B 495 -22.69 -11.47 -24.32
N ARG B 496 -21.54 -11.99 -24.70
CA ARG B 496 -20.53 -11.24 -25.43
C ARG B 496 -19.69 -12.20 -26.25
N SER B 497 -19.02 -11.65 -27.24
CA SER B 497 -18.15 -12.43 -28.11
C SER B 497 -16.71 -12.42 -27.59
N SER B 498 -16.19 -13.58 -27.23
CA SER B 498 -14.80 -13.67 -26.82
C SER B 498 -13.97 -14.24 -27.97
N PRO B 499 -12.77 -13.66 -28.25
CA PRO B 499 -11.84 -14.17 -29.26
C PRO B 499 -11.32 -15.55 -28.89
N VAL B 500 -11.37 -15.88 -27.61
CA VAL B 500 -10.90 -17.13 -27.09
C VAL B 500 -12.03 -18.18 -27.10
N TYR B 501 -13.18 -17.82 -26.53
CA TYR B 501 -14.23 -18.84 -26.32
C TYR B 501 -15.40 -18.77 -27.27
N GLY B 502 -15.47 -17.73 -28.08
CA GLY B 502 -16.68 -17.47 -28.84
C GLY B 502 -17.76 -16.80 -28.01
N LEU B 503 -19.02 -17.07 -28.33
CA LEU B 503 -20.10 -16.41 -27.57
C LEU B 503 -20.19 -17.04 -26.16
N VAL B 504 -20.13 -16.20 -25.13
CA VAL B 504 -20.22 -16.68 -23.77
C VAL B 504 -21.10 -15.69 -22.97
N PRO B 505 -21.59 -16.10 -21.78
CA PRO B 505 -22.29 -15.12 -20.94
C PRO B 505 -21.33 -14.02 -20.53
N SER B 506 -21.85 -12.82 -20.39
N SER B 506 -21.88 -12.83 -20.31
CA SER B 506 -20.99 -11.72 -20.01
CA SER B 506 -21.08 -11.64 -19.99
C SER B 506 -20.97 -11.60 -18.49
C SER B 506 -21.03 -11.30 -18.50
N LEU B 507 -19.81 -11.23 -17.94
CA LEU B 507 -19.69 -10.83 -16.52
C LEU B 507 -19.64 -9.32 -16.44
N GLY B 508 -20.46 -8.77 -15.55
CA GLY B 508 -20.44 -7.34 -15.34
C GLY B 508 -19.19 -6.94 -14.55
N SER B 509 -18.76 -5.68 -14.70
N SER B 509 -18.82 -5.65 -14.67
CA SER B 509 -17.64 -5.18 -13.88
CA SER B 509 -17.71 -5.09 -13.85
C SER B 509 -18.14 -4.72 -12.50
C SER B 509 -18.18 -4.79 -12.45
N LEU B 510 -17.21 -4.65 -11.55
CA LEU B 510 -17.54 -4.33 -10.13
C LEU B 510 -17.24 -2.87 -9.85
N GLY B 511 -18.28 -2.13 -9.43
CA GLY B 511 -18.09 -0.75 -8.97
C GLY B 511 -18.21 -0.76 -7.47
N ALA B 512 -19.18 0.01 -6.93
CA ALA B 512 -19.30 0.04 -5.47
C ALA B 512 -20.75 -0.20 -5.07
N GLY B 513 -21.39 -1.11 -5.79
CA GLY B 513 -22.82 -1.37 -5.55
C GLY B 513 -23.10 -2.31 -4.39
N SER B 514 -22.08 -2.93 -3.79
CA SER B 514 -22.28 -3.80 -2.64
C SER B 514 -20.92 -4.11 -1.96
N ASP B 515 -20.93 -5.06 -1.03
CA ASP B 515 -19.82 -5.28 -0.15
C ASP B 515 -18.57 -5.87 -0.78
N TYR B 516 -18.65 -6.24 -2.06
CA TYR B 516 -17.41 -6.62 -2.75
C TYR B 516 -16.46 -5.43 -2.90
N ALA B 517 -16.98 -4.20 -2.74
CA ALA B 517 -16.13 -3.02 -3.12
C ALA B 517 -14.78 -2.97 -2.32
N PRO B 518 -14.79 -3.08 -0.96
CA PRO B 518 -13.46 -2.96 -0.35
C PRO B 518 -12.59 -4.17 -0.71
N PHE B 519 -13.21 -5.33 -0.97
CA PHE B 519 -12.39 -6.54 -1.33
C PHE B 519 -11.67 -6.38 -2.65
N VAL B 520 -12.37 -5.89 -3.65
CA VAL B 520 -11.70 -5.78 -4.97
C VAL B 520 -10.84 -4.48 -5.08
N HIS B 521 -11.36 -3.36 -4.57
CA HIS B 521 -10.73 -2.04 -4.84
C HIS B 521 -9.63 -1.69 -3.88
N PHE B 522 -9.69 -2.19 -2.66
CA PHE B 522 -8.79 -1.80 -1.57
C PHE B 522 -7.87 -3.00 -1.24
N LEU B 523 -8.42 -4.22 -1.15
CA LEU B 523 -7.56 -5.40 -0.86
C LEU B 523 -7.04 -6.11 -2.10
N GLY B 524 -7.67 -5.87 -3.25
CA GLY B 524 -7.23 -6.49 -4.52
C GLY B 524 -7.48 -8.01 -4.53
N ILE B 525 -8.64 -8.40 -4.01
CA ILE B 525 -9.05 -9.81 -3.94
C ILE B 525 -10.02 -10.09 -5.09
N SER B 526 -9.77 -11.15 -5.86
CA SER B 526 -10.71 -11.44 -6.99
C SER B 526 -12.10 -11.69 -6.38
N SER B 527 -13.12 -11.11 -6.97
CA SER B 527 -14.45 -11.09 -6.35
C SER B 527 -15.53 -11.40 -7.38
N MET B 528 -16.69 -11.84 -6.87
CA MET B 528 -17.84 -12.20 -7.73
C MET B 528 -19.11 -11.79 -7.02
N ASP B 529 -20.15 -11.45 -7.78
CA ASP B 529 -21.44 -11.14 -7.15
C ASP B 529 -22.46 -11.87 -8.03
N ILE B 530 -23.32 -12.68 -7.39
CA ILE B 530 -24.23 -13.60 -8.11
C ILE B 530 -25.68 -13.22 -7.77
N ALA B 531 -26.56 -13.13 -8.76
CA ALA B 531 -28.01 -12.89 -8.51
C ALA B 531 -28.82 -13.50 -9.66
N TYR B 532 -30.14 -13.57 -9.47
CA TYR B 532 -31.06 -13.85 -10.58
C TYR B 532 -31.80 -12.53 -10.85
N THR B 533 -32.15 -12.29 -12.10
CA THR B 533 -32.72 -10.95 -12.43
C THR B 533 -33.73 -11.04 -13.60
N TYR B 534 -34.25 -9.85 -13.99
CA TYR B 534 -35.33 -9.78 -14.98
C TYR B 534 -34.83 -9.64 -16.40
N ASP B 535 -35.75 -9.83 -17.31
CA ASP B 535 -35.49 -9.75 -18.76
C ASP B 535 -35.57 -8.32 -19.30
N ARG B 536 -34.43 -7.74 -19.68
CA ARG B 536 -34.40 -6.34 -20.15
C ARG B 536 -35.17 -6.11 -21.45
N SER B 537 -35.60 -7.18 -22.14
CA SER B 537 -36.42 -6.99 -23.34
C SER B 537 -37.89 -6.83 -22.95
N LYS B 538 -38.23 -7.06 -21.69
CA LYS B 538 -39.62 -6.92 -21.25
C LYS B 538 -39.85 -5.75 -20.29
N THR B 539 -38.77 -5.14 -19.81
CA THR B 539 -38.88 -4.01 -18.90
C THR B 539 -37.60 -3.18 -19.00
N SER B 540 -37.72 -1.87 -18.85
CA SER B 540 -36.52 -1.05 -18.77
C SER B 540 -36.29 -0.61 -17.31
N ALA B 541 -36.94 -1.26 -16.35
CA ALA B 541 -36.73 -0.82 -14.96
C ALA B 541 -35.26 -0.72 -14.57
N ARG B 542 -34.90 0.37 -13.90
CA ARG B 542 -33.52 0.58 -13.50
C ARG B 542 -33.08 -0.45 -12.46
N ILE B 543 -34.04 -0.89 -11.65
CA ILE B 543 -33.79 -1.86 -10.58
C ILE B 543 -35.16 -2.45 -10.23
N TYR B 544 -35.28 -3.46 -9.38
CA TYR B 544 -36.66 -3.94 -9.11
C TYR B 544 -37.41 -2.75 -8.46
N PRO B 545 -38.70 -2.51 -8.86
CA PRO B 545 -39.25 -1.19 -8.61
C PRO B 545 -39.40 -0.76 -7.15
N THR B 546 -39.57 -1.71 -6.23
CA THR B 546 -39.75 -1.29 -4.84
C THR B 546 -38.44 -1.17 -4.02
N TYR B 547 -37.32 -1.21 -4.74
CA TYR B 547 -35.98 -1.08 -4.10
C TYR B 547 -35.94 0.11 -3.09
N HIS B 548 -35.49 -0.20 -1.87
CA HIS B 548 -35.21 0.79 -0.80
C HIS B 548 -36.48 1.53 -0.35
N THR B 549 -37.64 0.93 -0.61
CA THR B 549 -38.90 1.55 -0.16
C THR B 549 -39.57 0.70 0.89
N ALA B 550 -40.70 1.19 1.44
CA ALA B 550 -41.45 0.38 2.40
C ALA B 550 -42.37 -0.62 1.73
N PHE B 551 -42.20 -0.84 0.42
CA PHE B 551 -42.94 -1.88 -0.30
C PHE B 551 -42.06 -3.07 -0.70
N ASP B 552 -40.82 -3.08 -0.20
CA ASP B 552 -39.92 -4.23 -0.39
C ASP B 552 -40.23 -5.24 0.74
N THR B 553 -41.25 -6.08 0.53
CA THR B 553 -41.80 -6.93 1.59
C THR B 553 -41.83 -8.38 1.15
N PHE B 554 -42.01 -9.29 2.11
CA PHE B 554 -42.10 -10.69 1.80
C PHE B 554 -43.10 -11.03 0.70
N ASP B 555 -44.31 -10.45 0.75
CA ASP B 555 -45.29 -10.75 -0.30
C ASP B 555 -44.83 -10.35 -1.69
N TYR B 556 -44.04 -9.27 -1.78
CA TYR B 556 -43.50 -8.83 -3.04
C TYR B 556 -42.67 -9.94 -3.69
N VAL B 557 -41.83 -10.60 -2.89
CA VAL B 557 -41.01 -11.69 -3.42
C VAL B 557 -41.86 -12.92 -3.69
N ASP B 558 -42.72 -13.23 -2.73
CA ASP B 558 -43.45 -14.51 -2.76
C ASP B 558 -44.47 -14.56 -3.88
N LYS B 559 -45.10 -13.42 -4.17
N LYS B 559 -45.06 -13.40 -4.19
CA LYS B 559 -46.11 -13.35 -5.22
CA LYS B 559 -46.13 -13.29 -5.20
C LYS B 559 -45.50 -13.05 -6.59
C LYS B 559 -45.70 -12.79 -6.58
N PHE B 560 -44.59 -12.08 -6.64
CA PHE B 560 -44.12 -11.56 -7.92
C PHE B 560 -42.73 -12.01 -8.32
N LEU B 561 -41.75 -11.76 -7.46
CA LEU B 561 -40.36 -11.98 -7.96
C LEU B 561 -40.01 -13.45 -8.17
N ASP B 562 -40.36 -14.29 -7.18
CA ASP B 562 -39.94 -15.69 -7.17
C ASP B 562 -40.93 -16.64 -6.51
N PRO B 563 -42.18 -16.65 -7.01
CA PRO B 563 -43.11 -17.67 -6.46
C PRO B 563 -42.53 -19.08 -6.58
N GLY B 564 -42.57 -19.83 -5.48
CA GLY B 564 -41.95 -21.15 -5.50
C GLY B 564 -40.50 -21.17 -5.05
N PHE B 565 -39.85 -19.99 -5.10
CA PHE B 565 -38.47 -19.83 -4.60
C PHE B 565 -37.42 -20.64 -5.35
N SER B 566 -37.73 -21.05 -6.59
CA SER B 566 -36.77 -21.81 -7.39
C SER B 566 -35.63 -20.92 -7.88
N SER B 567 -35.85 -19.61 -8.06
CA SER B 567 -34.70 -18.76 -8.40
C SER B 567 -33.75 -18.57 -7.20
N HIS B 568 -34.29 -18.39 -5.99
CA HIS B 568 -33.43 -18.35 -4.79
C HIS B 568 -32.59 -19.65 -4.72
N GLN B 569 -33.25 -20.78 -4.96
CA GLN B 569 -32.54 -22.04 -4.94
C GLN B 569 -31.46 -22.10 -6.03
N ALA B 570 -31.74 -21.52 -7.21
CA ALA B 570 -30.73 -21.57 -8.28
C ALA B 570 -29.47 -20.75 -7.88
N VAL B 571 -29.70 -19.60 -7.21
CA VAL B 571 -28.60 -18.77 -6.76
C VAL B 571 -27.86 -19.49 -5.65
N ALA B 572 -28.60 -20.12 -4.73
CA ALA B 572 -27.92 -20.90 -3.69
C ALA B 572 -27.01 -21.98 -4.26
N ARG B 573 -27.51 -22.73 -5.26
CA ARG B 573 -26.75 -23.78 -5.91
C ARG B 573 -25.54 -23.23 -6.62
N THR B 574 -25.73 -22.13 -7.36
CA THR B 574 -24.59 -21.51 -8.09
C THR B 574 -23.51 -21.06 -7.12
N ALA B 575 -23.91 -20.33 -6.09
CA ALA B 575 -22.95 -19.86 -5.07
C ALA B 575 -22.32 -21.04 -4.36
N GLY B 576 -23.11 -22.04 -3.98
CA GLY B 576 -22.55 -23.23 -3.33
C GLY B 576 -21.55 -23.98 -4.19
N SER B 577 -21.82 -24.11 -5.49
CA SER B 577 -20.95 -24.84 -6.39
C SER B 577 -19.62 -24.03 -6.59
N VAL B 578 -19.75 -22.72 -6.81
CA VAL B 578 -18.55 -21.87 -6.89
C VAL B 578 -17.69 -22.02 -5.63
N ILE B 579 -18.35 -21.90 -4.48
CA ILE B 579 -17.64 -22.00 -3.17
C ILE B 579 -16.92 -23.32 -2.99
N LEU B 580 -17.59 -24.44 -3.32
CA LEU B 580 -16.95 -25.71 -3.14
C LEU B 580 -15.84 -25.93 -4.18
N ARG B 581 -15.99 -25.39 -5.38
CA ARG B 581 -14.93 -25.53 -6.38
C ARG B 581 -13.70 -24.77 -5.90
N LEU B 582 -13.90 -23.61 -5.29
CA LEU B 582 -12.76 -22.82 -4.79
C LEU B 582 -12.19 -23.42 -3.50
N SER B 583 -13.04 -23.98 -2.64
CA SER B 583 -12.57 -24.46 -1.33
C SER B 583 -11.98 -25.87 -1.36
N ASP B 584 -12.38 -26.67 -2.34
CA ASP B 584 -11.98 -28.09 -2.35
C ASP B 584 -11.01 -28.46 -3.44
N SER B 585 -10.98 -27.74 -4.57
CA SER B 585 -10.14 -28.23 -5.65
C SER B 585 -8.65 -28.16 -5.30
N PHE B 586 -7.89 -29.16 -5.74
CA PHE B 586 -6.44 -29.19 -5.47
C PHE B 586 -5.77 -28.03 -6.21
N PHE B 587 -6.04 -27.93 -7.52
CA PHE B 587 -5.63 -26.77 -8.34
C PHE B 587 -6.77 -25.74 -8.27
N LEU B 588 -6.44 -24.49 -7.95
CA LEU B 588 -7.53 -23.48 -7.86
C LEU B 588 -8.13 -23.20 -9.24
N PRO B 589 -9.49 -23.14 -9.32
CA PRO B 589 -10.13 -22.90 -10.62
C PRO B 589 -10.25 -21.34 -10.81
N LEU B 590 -9.09 -20.70 -10.97
CA LEU B 590 -8.99 -19.26 -11.28
C LEU B 590 -8.16 -19.24 -12.56
N LYS B 591 -8.67 -18.59 -13.61
N LYS B 591 -8.63 -18.55 -13.59
CA LYS B 591 -7.93 -18.48 -14.86
CA LYS B 591 -7.90 -18.55 -14.83
C LYS B 591 -7.49 -17.04 -15.04
C LYS B 591 -7.44 -17.13 -15.14
N VAL B 592 -6.25 -16.75 -14.64
CA VAL B 592 -5.81 -15.36 -14.73
C VAL B 592 -5.61 -14.98 -16.18
N SER B 593 -5.42 -15.96 -17.04
CA SER B 593 -5.29 -15.67 -18.48
C SER B 593 -6.55 -14.98 -19.03
N ASP B 594 -7.71 -15.19 -18.40
CA ASP B 594 -8.92 -14.49 -18.81
C ASP B 594 -8.82 -12.96 -18.66
N TYR B 595 -7.88 -12.48 -17.83
CA TYR B 595 -7.66 -11.03 -17.75
C TYR B 595 -7.14 -10.46 -19.09
N SER B 596 -6.47 -11.30 -19.86
CA SER B 596 -5.87 -10.76 -21.10
C SER B 596 -6.88 -10.06 -22.00
N GLU B 597 -8.09 -10.61 -22.15
CA GLU B 597 -9.08 -10.02 -23.04
C GLU B 597 -9.46 -8.62 -22.57
N THR B 598 -9.62 -8.45 -21.25
CA THR B 598 -9.93 -7.15 -20.65
C THR B 598 -8.80 -6.15 -20.91
N LEU B 599 -7.56 -6.56 -20.65
CA LEU B 599 -6.43 -5.65 -20.82
C LEU B 599 -6.34 -5.24 -22.30
N ARG B 600 -6.51 -6.23 -23.17
CA ARG B 600 -6.41 -5.94 -24.60
C ARG B 600 -7.53 -5.00 -25.05
N SER B 601 -8.73 -5.21 -24.57
CA SER B 601 -9.85 -4.33 -24.86
CA SER B 601 -9.85 -4.33 -24.88
C SER B 601 -9.58 -2.88 -24.41
N PHE B 602 -9.06 -2.74 -23.19
CA PHE B 602 -8.74 -1.38 -22.73
C PHE B 602 -7.62 -0.78 -23.58
N LEU B 603 -6.64 -1.61 -23.98
CA LEU B 603 -5.54 -1.07 -24.76
C LEU B 603 -6.08 -0.58 -26.13
N GLN B 604 -6.93 -1.40 -26.74
CA GLN B 604 -7.49 -1.03 -28.06
C GLN B 604 -8.28 0.29 -28.03
N ALA B 605 -9.07 0.51 -26.98
CA ALA B 605 -9.87 1.71 -26.84
C ALA B 605 -8.91 2.90 -26.71
N ALA B 606 -7.83 2.72 -25.94
CA ALA B 606 -6.80 3.77 -25.83
C ALA B 606 -6.14 4.03 -27.20
N GLN B 607 -5.76 2.98 -27.94
CA GLN B 607 -5.11 3.21 -29.22
C GLN B 607 -6.06 3.93 -30.16
N GLN B 608 -7.33 3.51 -30.17
CA GLN B 608 -8.27 4.02 -31.17
C GLN B 608 -8.69 5.46 -30.84
N ASP B 609 -8.97 5.75 -29.57
CA ASP B 609 -9.60 7.00 -29.20
C ASP B 609 -8.63 8.00 -28.56
N LEU B 610 -7.45 7.55 -28.12
CA LEU B 610 -6.51 8.45 -27.44
C LEU B 610 -5.15 8.54 -28.11
N GLY B 611 -4.85 7.61 -29.02
CA GLY B 611 -3.49 7.45 -29.47
C GLY B 611 -2.96 8.72 -30.14
N ALA B 612 -3.80 9.34 -30.96
CA ALA B 612 -3.35 10.52 -31.71
C ALA B 612 -3.19 11.75 -30.78
N LEU B 613 -4.12 11.92 -29.86
CA LEU B 613 -4.08 12.98 -28.83
C LEU B 613 -2.84 12.82 -28.00
N LEU B 614 -2.58 11.59 -27.53
CA LEU B 614 -1.37 11.33 -26.81
C LEU B 614 -0.07 11.65 -27.56
N GLU B 615 0.03 11.18 -28.80
CA GLU B 615 1.16 11.47 -29.66
C GLU B 615 1.40 13.00 -29.78
N GLN B 616 0.32 13.75 -29.88
CA GLN B 616 0.36 15.23 -30.01
C GLN B 616 1.05 15.85 -28.78
N HIS B 617 0.94 15.14 -27.66
CA HIS B 617 1.54 15.55 -26.40
C HIS B 617 2.78 14.77 -26.03
N SER B 618 3.42 14.11 -27.01
CA SER B 618 4.71 13.41 -26.81
C SER B 618 4.58 12.24 -25.80
N ILE B 619 3.41 11.62 -25.81
CA ILE B 619 3.16 10.49 -24.88
C ILE B 619 2.92 9.24 -25.78
N SER B 620 3.75 8.23 -25.55
CA SER B 620 3.71 6.97 -26.36
C SER B 620 2.94 5.86 -25.63
N LEU B 621 2.07 5.17 -26.38
CA LEU B 621 1.45 3.92 -25.92
C LEU B 621 2.34 2.67 -26.11
N GLY B 622 3.55 2.85 -26.64
CA GLY B 622 4.44 1.71 -26.94
C GLY B 622 4.70 0.85 -25.71
N PRO B 623 5.01 1.49 -24.56
CA PRO B 623 5.25 0.64 -23.35
C PRO B 623 3.99 -0.07 -22.89
N LEU B 624 2.84 0.55 -23.09
CA LEU B 624 1.59 -0.12 -22.70
C LEU B 624 1.32 -1.34 -23.58
N VAL B 625 1.50 -1.17 -24.90
CA VAL B 625 1.39 -2.35 -25.81
C VAL B 625 2.31 -3.48 -25.32
N THR B 626 3.59 -3.18 -25.04
CA THR B 626 4.55 -4.15 -24.60
C THR B 626 4.07 -4.84 -23.30
N ALA B 627 3.61 -4.02 -22.35
CA ALA B 627 3.19 -4.60 -21.05
C ALA B 627 1.95 -5.52 -21.24
N VAL B 628 0.99 -5.16 -22.11
CA VAL B 628 -0.17 -6.00 -22.29
C VAL B 628 0.30 -7.32 -22.95
N GLU B 629 1.21 -7.20 -23.93
CA GLU B 629 1.75 -8.40 -24.64
C GLU B 629 2.46 -9.35 -23.68
N LYS B 630 3.22 -8.76 -22.75
CA LYS B 630 3.93 -9.55 -21.74
C LYS B 630 2.94 -10.24 -20.82
N PHE B 631 1.92 -9.52 -20.34
CA PHE B 631 0.88 -10.20 -19.55
C PHE B 631 0.25 -11.35 -20.35
N GLU B 632 -0.10 -11.08 -21.62
CA GLU B 632 -0.75 -12.13 -22.43
C GLU B 632 0.13 -13.35 -22.55
N ALA B 633 1.41 -13.15 -22.80
CA ALA B 633 2.35 -14.24 -23.01
C ALA B 633 2.50 -14.99 -21.69
N GLU B 634 2.71 -14.28 -20.60
CA GLU B 634 3.06 -14.99 -19.34
C GLU B 634 1.87 -15.70 -18.73
N ALA B 635 0.68 -15.10 -18.83
CA ALA B 635 -0.51 -15.77 -18.30
C ALA B 635 -0.80 -17.02 -19.13
N ALA B 636 -0.63 -16.93 -20.45
CA ALA B 636 -0.81 -18.14 -21.29
C ALA B 636 0.19 -19.26 -20.95
N ALA B 637 1.46 -18.89 -20.76
CA ALA B 637 2.50 -19.88 -20.49
C ALA B 637 2.21 -20.49 -19.08
N LEU B 638 1.78 -19.67 -18.12
CA LEU B 638 1.45 -20.21 -16.79
C LEU B 638 0.31 -21.23 -16.93
N GLY B 639 -0.70 -20.93 -17.75
CA GLY B 639 -1.82 -21.86 -17.87
C GLY B 639 -1.34 -23.16 -18.48
N GLN B 640 -0.39 -23.11 -19.44
CA GLN B 640 0.18 -24.32 -20.01
C GLN B 640 1.02 -25.15 -18.97
N ARG B 641 1.75 -24.44 -18.10
CA ARG B 641 2.54 -25.15 -17.08
C ARG B 641 1.58 -25.85 -16.09
N ILE B 642 0.43 -25.20 -15.77
CA ILE B 642 -0.57 -25.78 -14.90
C ILE B 642 -1.15 -27.05 -15.58
N SER B 643 -1.51 -26.92 -16.85
N SER B 643 -1.50 -26.93 -16.85
CA SER B 643 -2.09 -28.05 -17.57
CA SER B 643 -2.04 -28.05 -17.62
C SER B 643 -1.15 -29.23 -17.63
C SER B 643 -1.13 -29.23 -17.61
N THR B 644 0.16 -28.96 -17.82
CA THR B 644 1.20 -29.96 -17.89
C THR B 644 1.27 -30.68 -16.52
N LEU B 645 1.28 -29.90 -15.43
CA LEU B 645 1.46 -30.47 -14.11
C LEU B 645 0.23 -31.34 -13.76
N GLN B 646 -0.96 -30.94 -14.19
CA GLN B 646 -2.18 -31.69 -13.93
C GLN B 646 -2.18 -33.09 -14.52
N LYS B 647 -1.32 -33.35 -15.50
CA LYS B 647 -1.32 -34.67 -16.14
C LYS B 647 -0.68 -35.73 -15.25
N GLY B 648 0.08 -35.31 -14.23
CA GLY B 648 0.78 -36.27 -13.35
C GLY B 648 0.15 -36.31 -11.96
N SER B 649 1.00 -36.63 -10.98
CA SER B 649 0.61 -36.60 -9.58
C SER B 649 1.59 -35.64 -8.89
N PRO B 650 1.39 -34.32 -9.06
CA PRO B 650 2.32 -33.34 -8.48
C PRO B 650 2.31 -33.30 -6.96
N ASP B 651 3.41 -32.81 -6.39
CA ASP B 651 3.55 -32.68 -4.94
C ASP B 651 2.62 -31.53 -4.51
N PRO B 652 1.98 -31.67 -3.33
CA PRO B 652 1.19 -30.57 -2.74
C PRO B 652 1.90 -29.21 -2.75
N LEU B 653 3.19 -29.16 -2.43
CA LEU B 653 3.89 -27.88 -2.42
C LEU B 653 3.98 -27.25 -3.83
N GLN B 654 4.16 -28.09 -4.86
CA GLN B 654 4.22 -27.53 -6.21
C GLN B 654 2.89 -26.87 -6.58
N VAL B 655 1.81 -27.47 -6.18
CA VAL B 655 0.48 -26.94 -6.52
C VAL B 655 0.23 -25.71 -5.66
N ARG B 656 0.66 -25.73 -4.40
CA ARG B 656 0.48 -24.54 -3.57
C ARG B 656 1.20 -23.33 -4.20
N MET B 657 2.40 -23.54 -4.77
N MET B 657 2.40 -23.52 -4.75
CA MET B 657 3.15 -22.44 -5.40
CA MET B 657 3.07 -22.38 -5.38
C MET B 657 2.37 -21.86 -6.59
C MET B 657 2.25 -21.84 -6.55
N LEU B 658 1.81 -22.73 -7.44
CA LEU B 658 0.99 -22.28 -8.56
C LEU B 658 -0.30 -21.57 -8.09
N ASN B 659 -0.92 -22.13 -7.05
CA ASN B 659 -2.20 -21.53 -6.54
C ASN B 659 -1.94 -20.14 -5.96
N ASP B 660 -0.76 -19.93 -5.39
CA ASP B 660 -0.39 -18.59 -4.90
C ASP B 660 -0.28 -17.64 -6.11
N GLN B 661 0.34 -18.10 -7.20
CA GLN B 661 0.42 -17.18 -8.39
C GLN B 661 -0.95 -16.81 -8.90
N LEU B 662 -1.87 -17.78 -8.94
CA LEU B 662 -3.23 -17.50 -9.38
C LEU B 662 -4.00 -16.54 -8.48
N MET B 663 -4.04 -16.85 -7.19
CA MET B 663 -4.86 -16.04 -6.33
C MET B 663 -4.27 -14.67 -6.01
N LEU B 664 -2.95 -14.50 -6.06
CA LEU B 664 -2.37 -13.20 -5.68
C LEU B 664 -2.21 -12.29 -6.93
N LEU B 665 -2.57 -12.82 -8.11
CA LEU B 665 -2.44 -11.96 -9.31
C LEU B 665 -3.27 -10.68 -9.19
N GLU B 666 -4.49 -10.80 -8.70
CA GLU B 666 -5.33 -9.62 -8.56
C GLU B 666 -4.65 -8.52 -7.73
N ARG B 667 -3.80 -8.89 -6.79
CA ARG B 667 -3.19 -7.88 -5.87
C ARG B 667 -2.25 -6.95 -6.64
N THR B 668 -1.75 -7.44 -7.77
CA THR B 668 -0.71 -6.68 -8.50
C THR B 668 -1.27 -5.45 -9.17
N PHE B 669 -2.60 -5.31 -9.26
CA PHE B 669 -3.19 -4.13 -9.88
C PHE B 669 -3.44 -3.03 -8.88
N LEU B 670 -3.09 -3.24 -7.62
CA LEU B 670 -3.27 -2.18 -6.64
C LEU B 670 -2.09 -1.15 -6.66
N ASN B 671 -2.47 0.11 -6.53
CA ASN B 671 -1.47 1.16 -6.32
C ASN B 671 -2.17 2.23 -5.47
N PRO B 672 -1.77 2.33 -4.19
CA PRO B 672 -2.48 3.25 -3.30
C PRO B 672 -2.15 4.72 -3.55
N ARG B 673 -1.26 5.00 -4.50
CA ARG B 673 -0.97 6.40 -4.86
C ARG B 673 -1.59 6.82 -6.17
N ALA B 674 -2.30 5.88 -6.84
CA ALA B 674 -2.85 6.23 -8.15
C ALA B 674 -4.03 7.22 -8.09
N PHE B 675 -4.89 7.10 -7.09
CA PHE B 675 -6.17 7.83 -7.04
C PHE B 675 -6.32 8.58 -5.71
N PRO B 676 -5.46 9.58 -5.50
CA PRO B 676 -5.47 10.37 -4.25
C PRO B 676 -6.74 11.20 -4.04
N GLU B 677 -7.50 11.50 -5.10
CA GLU B 677 -8.79 12.22 -4.91
C GLU B 677 -9.95 11.25 -4.67
N GLU B 678 -9.70 9.94 -4.63
CA GLU B 678 -10.78 8.97 -4.33
C GLU B 678 -10.45 8.42 -2.96
N ARG B 679 -11.36 7.67 -2.38
CA ARG B 679 -11.06 6.96 -1.14
C ARG B 679 -11.24 5.43 -1.35
N TYR B 680 -10.26 4.65 -0.87
CA TYR B 680 -10.21 3.16 -0.94
C TYR B 680 -9.93 2.62 -2.34
N TYR B 681 -10.16 3.40 -3.37
CA TYR B 681 -9.89 2.84 -4.71
C TYR B 681 -8.40 2.82 -5.03
N SER B 682 -7.85 1.62 -5.17
CA SER B 682 -6.43 1.43 -5.47
C SER B 682 -6.28 0.54 -6.64
N HIS B 683 -7.38 -0.10 -7.06
CA HIS B 683 -7.26 -1.08 -8.18
C HIS B 683 -7.25 -0.34 -9.53
N VAL B 684 -6.14 -0.37 -10.25
CA VAL B 684 -5.99 0.51 -11.44
C VAL B 684 -6.82 0.07 -12.62
N LEU B 685 -7.43 -1.09 -12.55
CA LEU B 685 -8.39 -1.54 -13.61
C LEU B 685 -9.83 -1.10 -13.39
N TRP B 686 -10.25 -0.97 -12.11
CA TRP B 686 -11.68 -0.90 -11.82
C TRP B 686 -12.09 0.34 -11.03
N ALA B 687 -11.18 1.27 -10.81
CA ALA B 687 -11.54 2.56 -10.14
C ALA B 687 -12.62 3.30 -11.00
N PRO B 688 -13.41 4.22 -10.37
CA PRO B 688 -14.49 4.86 -11.14
C PRO B 688 -13.95 5.60 -12.39
N ARG B 689 -14.64 5.43 -13.51
CA ARG B 689 -14.22 6.09 -14.76
C ARG B 689 -15.25 7.19 -15.05
N THR B 690 -14.77 8.43 -15.17
CA THR B 690 -15.62 9.51 -15.65
C THR B 690 -15.27 10.00 -17.04
N GLY B 691 -14.07 9.66 -17.55
CA GLY B 691 -13.66 10.00 -18.94
C GLY B 691 -14.51 9.22 -19.95
N SER B 692 -14.58 9.72 -21.18
CA SER B 692 -15.47 9.07 -22.16
C SER B 692 -14.84 7.82 -22.79
N VAL B 693 -13.51 7.74 -22.83
CA VAL B 693 -12.88 6.58 -23.46
C VAL B 693 -12.90 5.36 -22.52
N VAL B 694 -13.33 4.22 -23.04
CA VAL B 694 -13.52 3.01 -22.21
C VAL B 694 -12.18 2.25 -22.16
N THR B 695 -11.28 2.81 -21.37
CA THR B 695 -9.97 2.21 -21.24
C THR B 695 -9.62 2.24 -19.73
N PHE B 696 -8.34 2.00 -19.40
CA PHE B 696 -7.90 2.02 -17.98
C PHE B 696 -8.41 3.34 -17.33
N PRO B 697 -9.09 3.25 -16.18
CA PRO B 697 -9.88 4.40 -15.75
C PRO B 697 -9.02 5.61 -15.40
N GLY B 698 -7.84 5.38 -14.82
CA GLY B 698 -6.93 6.50 -14.46
C GLY B 698 -6.49 7.22 -15.71
N LEU B 699 -6.18 6.45 -16.75
CA LEU B 699 -5.81 7.02 -18.04
C LEU B 699 -7.00 7.75 -18.64
N SER B 700 -8.17 7.11 -18.67
CA SER B 700 -9.35 7.78 -19.25
C SER B 700 -9.69 9.12 -18.56
N ASN B 701 -9.68 9.10 -17.23
CA ASN B 701 -10.04 10.27 -16.47
C ASN B 701 -9.00 11.37 -16.65
N ALA B 702 -7.71 11.01 -16.62
CA ALA B 702 -6.64 12.00 -16.77
C ALA B 702 -6.72 12.65 -18.16
N CYS B 703 -6.99 11.85 -19.20
CA CYS B 703 -7.03 12.44 -20.56
C CYS B 703 -8.23 13.39 -20.66
N SER B 704 -9.35 13.02 -20.03
N SER B 704 -9.34 13.05 -20.00
CA SER B 704 -10.53 13.86 -20.05
CA SER B 704 -10.56 13.88 -20.04
C SER B 704 -10.22 15.23 -19.44
C SER B 704 -10.46 15.18 -19.24
N ARG B 705 -9.55 15.21 -18.29
CA ARG B 705 -9.20 16.46 -17.59
C ARG B 705 -8.15 17.25 -18.35
N ALA B 706 -7.24 16.58 -19.06
CA ALA B 706 -6.11 17.28 -19.69
C ALA B 706 -6.49 17.84 -21.04
N ARG B 707 -7.55 17.30 -21.65
CA ARG B 707 -7.80 17.52 -23.09
C ARG B 707 -7.75 19.00 -23.50
N ASP B 708 -8.31 19.88 -22.69
CA ASP B 708 -8.36 21.30 -23.12
C ASP B 708 -7.30 22.18 -22.47
N THR B 709 -6.37 21.54 -21.76
CA THR B 709 -5.28 22.26 -21.17
C THR B 709 -4.11 22.36 -22.12
N ALA B 710 -3.25 23.36 -21.87
CA ALA B 710 -2.13 23.61 -22.73
C ALA B 710 -1.06 22.53 -22.61
N SER B 711 -0.33 22.24 -23.68
CA SER B 711 0.79 21.30 -23.55
C SER B 711 1.63 21.77 -22.40
N GLY B 712 2.29 20.80 -21.77
CA GLY B 712 3.20 21.08 -20.65
C GLY B 712 2.47 21.40 -19.34
N SER B 713 1.15 21.29 -19.33
CA SER B 713 0.34 21.55 -18.12
C SER B 713 0.52 20.42 -17.07
N GLU B 714 0.13 20.71 -15.84
CA GLU B 714 0.14 19.68 -14.77
C GLU B 714 -0.77 18.55 -15.17
N ALA B 715 -1.87 18.88 -15.85
CA ALA B 715 -2.85 17.85 -16.22
C ALA B 715 -2.24 16.89 -17.23
N TRP B 716 -1.41 17.40 -18.16
CA TRP B 716 -0.73 16.50 -19.11
C TRP B 716 0.31 15.62 -18.42
N ALA B 717 1.00 16.17 -17.42
CA ALA B 717 2.01 15.40 -16.68
C ALA B 717 1.27 14.25 -15.96
N GLU B 718 0.07 14.53 -15.48
CA GLU B 718 -0.71 13.51 -14.76
C GLU B 718 -1.22 12.40 -15.68
N VAL B 719 -1.55 12.76 -16.93
CA VAL B 719 -1.75 11.69 -17.95
C VAL B 719 -0.57 10.72 -18.05
N GLN B 720 0.65 11.25 -18.17
CA GLN B 720 1.80 10.40 -18.22
C GLN B 720 1.95 9.57 -16.91
N ARG B 721 1.70 10.20 -15.76
CA ARG B 721 1.79 9.44 -14.50
C ARG B 721 0.79 8.26 -14.51
N GLN B 722 -0.45 8.54 -14.87
CA GLN B 722 -1.50 7.49 -14.88
C GLN B 722 -1.15 6.39 -15.88
N LEU B 723 -0.61 6.78 -17.03
CA LEU B 723 -0.20 5.78 -18.02
C LEU B 723 0.95 4.93 -17.45
N SER B 724 1.95 5.55 -16.79
CA SER B 724 3.09 4.79 -16.29
C SER B 724 2.64 3.90 -15.12
N ILE B 725 1.60 4.34 -14.41
CA ILE B 725 1.05 3.49 -13.30
C ILE B 725 0.46 2.18 -13.88
N VAL B 726 -0.24 2.31 -15.01
CA VAL B 726 -0.79 1.09 -15.64
C VAL B 726 0.31 0.21 -16.18
N VAL B 727 1.30 0.80 -16.88
CA VAL B 727 2.33 0.02 -17.51
C VAL B 727 3.09 -0.75 -16.37
N THR B 728 3.40 -0.03 -15.31
CA THR B 728 4.15 -0.64 -14.19
C THR B 728 3.33 -1.77 -13.53
N ALA B 729 2.04 -1.55 -13.40
CA ALA B 729 1.17 -2.53 -12.75
C ALA B 729 1.16 -3.79 -13.62
N LEU B 730 0.98 -3.60 -14.93
CA LEU B 730 0.93 -4.79 -15.85
C LEU B 730 2.26 -5.52 -15.97
N GLU B 731 3.37 -4.77 -16.08
CA GLU B 731 4.67 -5.41 -16.03
C GLU B 731 4.86 -6.17 -14.72
N GLY B 732 4.42 -5.60 -13.61
CA GLY B 732 4.67 -6.30 -12.33
C GLY B 732 3.76 -7.55 -12.26
N ALA B 733 2.55 -7.46 -12.79
CA ALA B 733 1.62 -8.58 -12.83
C ALA B 733 2.24 -9.69 -13.67
N ALA B 734 2.69 -9.34 -14.89
CA ALA B 734 3.38 -10.35 -15.73
C ALA B 734 4.54 -11.02 -15.01
N ALA B 735 5.37 -10.23 -14.31
CA ALA B 735 6.52 -10.74 -13.61
C ALA B 735 6.13 -11.80 -12.54
N THR B 736 4.92 -11.68 -11.98
CA THR B 736 4.49 -12.66 -10.94
C THR B 736 4.00 -13.94 -11.60
N LEU B 737 3.68 -13.88 -12.89
CA LEU B 737 3.15 -15.08 -13.58
C LEU B 737 4.22 -15.89 -14.26
N ARG B 738 5.41 -15.31 -14.46
CA ARG B 738 6.57 -16.01 -15.06
C ARG B 738 7.03 -17.13 -14.17
N PRO B 739 7.80 -18.10 -14.71
CA PRO B 739 8.43 -19.09 -13.84
C PRO B 739 9.17 -18.35 -12.71
N VAL B 740 9.03 -18.85 -11.49
CA VAL B 740 9.31 -18.02 -10.32
C VAL B 740 10.80 -17.80 -10.09
N ALA B 741 11.64 -18.64 -10.70
CA ALA B 741 13.09 -18.46 -10.55
C ALA B 741 13.76 -18.03 -11.82
N ASP B 742 12.99 -17.58 -12.81
CA ASP B 742 13.58 -16.92 -13.96
C ASP B 742 13.92 -15.44 -13.71
N LEU B 743 15.11 -15.03 -14.16
CA LEU B 743 15.46 -13.63 -14.13
C LEU B 743 14.97 -12.95 -15.42
C1 NAG C . 32.60 34.21 -7.30
C2 NAG C . 31.86 35.45 -7.79
C3 NAG C . 31.48 35.34 -9.27
C4 NAG C . 32.60 34.82 -10.17
C5 NAG C . 33.29 33.61 -9.51
C6 NAG C . 34.51 33.05 -10.24
C7 NAG C . 30.26 36.93 -6.64
C8 NAG C . 28.98 37.04 -5.88
N2 NAG C . 30.66 35.71 -7.03
O3 NAG C . 30.96 36.59 -9.70
O4 NAG C . 31.97 34.37 -11.36
O5 NAG C . 33.65 33.85 -8.15
O6 NAG C . 35.48 34.06 -10.43
O7 NAG C . 30.94 37.93 -6.87
C1 NAG C . 32.40 35.16 -12.49
C2 NAG C . 32.32 34.39 -13.82
C3 NAG C . 32.59 35.33 -15.02
C4 NAG C . 31.81 36.65 -14.92
C5 NAG C . 32.17 37.25 -13.56
C6 NAG C . 31.67 38.68 -13.35
C7 NAG C . 33.21 32.05 -13.77
C8 NAG C . 34.50 31.30 -13.98
N2 NAG C . 33.35 33.37 -13.93
O3 NAG C . 32.33 34.71 -16.28
O4 NAG C . 32.13 37.48 -16.01
O5 NAG C . 31.68 36.38 -12.56
O6 NAG C . 32.82 39.48 -13.15
O7 NAG C . 32.15 31.45 -13.47
C1 NAG D . 43.93 -6.35 13.07
C2 NAG D . 45.02 -7.39 12.86
C3 NAG D . 46.25 -6.91 13.65
C4 NAG D . 46.68 -5.52 13.14
C5 NAG D . 45.47 -4.56 13.25
C6 NAG D . 45.75 -3.14 12.72
C7 NAG D . 44.75 -9.79 12.48
C8 NAG D . 44.24 -11.12 12.96
N2 NAG D . 44.60 -8.72 13.30
O3 NAG D . 47.27 -7.85 13.43
O4 NAG D . 47.72 -5.04 13.98
O5 NAG D . 44.35 -5.11 12.53
O6 NAG D . 46.25 -3.20 11.40
O7 NAG D . 45.26 -9.77 11.37
C1 NAG D . 48.84 -4.61 13.20
C2 NAG D . 49.77 -3.85 14.15
C3 NAG D . 50.95 -3.27 13.37
C4 NAG D . 51.61 -4.34 12.48
C5 NAG D . 50.56 -5.07 11.65
C6 NAG D . 51.17 -6.15 10.77
C7 NAG D . 48.68 -3.05 16.21
C8 NAG D . 47.98 -1.91 16.92
N2 NAG D . 49.10 -2.82 14.93
O3 NAG D . 51.85 -2.74 14.32
O4 NAG D . 52.54 -3.74 11.59
O5 NAG D . 49.54 -5.61 12.48
O6 NAG D . 50.18 -6.60 9.85
O7 NAG D . 48.82 -4.13 16.80
C1 BMA D . 53.89 -3.65 12.08
C2 BMA D . 54.90 -3.74 10.93
C3 BMA D . 56.32 -3.29 11.33
C4 BMA D . 56.33 -2.07 12.27
C5 BMA D . 55.28 -2.16 13.39
C6 BMA D . 55.22 -0.88 14.23
O2 BMA D . 54.44 -2.96 9.80
O3 BMA D . 57.05 -3.02 10.12
O4 BMA D . 57.64 -1.92 12.85
O5 BMA D . 54.00 -2.39 12.79
O6 BMA D . 54.89 -1.17 15.61
C1 NAG E . 29.31 -5.28 27.03
C2 NAG E . 30.48 -6.09 27.56
C3 NAG E . 31.45 -5.13 28.31
C4 NAG E . 31.89 -3.95 27.43
C5 NAG E . 30.69 -3.30 26.76
C6 NAG E . 31.19 -2.39 25.64
C7 NAG E . 30.46 -8.37 28.40
C8 NAG E . 29.93 -9.29 29.44
N2 NAG E . 30.01 -7.11 28.47
O3 NAG E . 32.62 -5.82 28.71
O4 NAG E . 32.51 -2.95 28.23
O5 NAG E . 29.86 -4.31 26.15
O6 NAG E . 30.06 -1.64 25.25
O7 NAG E . 31.24 -8.84 27.55
C1 NAG E . 33.90 -2.79 27.96
C2 NAG E . 34.31 -1.35 28.34
C3 NAG E . 35.74 -1.14 27.81
C4 NAG E . 36.69 -2.25 28.27
C5 NAG E . 36.07 -3.64 28.57
C6 NAG E . 36.69 -4.25 29.83
C7 NAG E . 32.40 0.15 28.75
C8 NAG E . 31.51 1.24 28.23
N2 NAG E . 33.38 -0.27 27.93
O3 NAG E . 36.25 0.12 28.22
O4 NAG E . 37.66 -2.30 27.22
O5 NAG E . 34.66 -3.69 28.73
O6 NAG E . 35.77 -4.37 30.89
O7 NAG E . 32.20 -0.33 29.89
C1 NAG F . -41.43 -16.23 -12.70
C2 NAG F . -42.29 -17.47 -12.45
C3 NAG F . -43.59 -17.33 -13.24
C4 NAG F . -44.30 -16.06 -12.79
C5 NAG F . -43.35 -14.85 -12.94
C6 NAG F . -43.94 -13.54 -12.48
C7 NAG F . -41.50 -19.75 -11.98
C8 NAG F . -40.71 -20.94 -12.47
N2 NAG F . -41.56 -18.70 -12.81
O3 NAG F . -44.41 -18.45 -12.93
O4 NAG F . -45.45 -15.89 -13.64
O5 NAG F . -42.13 -15.12 -12.21
O6 NAG F . -44.36 -13.65 -11.14
O7 NAG F . -42.04 -19.77 -10.87
C1 NAG F . -46.57 -15.53 -12.82
C2 NAG F . -47.65 -15.10 -13.80
C3 NAG F . -48.94 -14.81 -13.04
C4 NAG F . -49.35 -15.98 -12.12
C5 NAG F . -48.16 -16.34 -11.24
C6 NAG F . -48.41 -17.57 -10.38
C7 NAG F . -46.82 -14.11 -15.89
C8 NAG F . -46.40 -12.89 -16.63
N2 NAG F . -47.24 -13.95 -14.61
O3 NAG F . -49.91 -14.58 -14.02
O4 NAG F . -50.40 -15.56 -11.28
O5 NAG F . -47.03 -16.62 -12.05
O6 NAG F . -47.40 -17.68 -9.40
O7 NAG F . -46.71 -15.22 -16.45
C1 NAG G . -27.39 -12.62 -26.69
C2 NAG G . -28.36 -13.67 -27.17
C3 NAG G . -29.50 -12.97 -27.95
C4 NAG G . -30.20 -11.91 -27.11
C5 NAG G . -29.17 -10.96 -26.51
C6 NAG G . -29.89 -10.12 -25.43
C7 NAG G . -27.80 -15.88 -27.99
C8 NAG G . -27.11 -16.67 -29.05
N2 NAG G . -27.68 -14.56 -28.08
O3 NAG G . -30.42 -13.93 -28.38
O4 NAG G . -31.05 -11.07 -27.90
O5 NAG G . -28.10 -11.71 -25.88
O6 NAG G . -28.93 -9.17 -25.05
O7 NAG G . -28.43 -16.48 -27.10
C1 NAG G . -32.45 -11.25 -27.70
C2 NAG G . -33.21 -10.00 -28.16
C3 NAG G . -34.67 -10.13 -27.73
C4 NAG G . -35.27 -11.47 -28.14
C5 NAG G . -34.27 -12.65 -28.23
C6 NAG G . -34.71 -13.66 -29.28
C7 NAG G . -31.75 -8.04 -28.43
C8 NAG G . -31.24 -6.78 -27.80
N2 NAG G . -32.63 -8.73 -27.69
O3 NAG G . -35.48 -9.06 -28.19
O4 NAG G . -36.22 -11.70 -27.11
O5 NAG G . -32.90 -12.29 -28.51
O6 NAG G . -34.11 -13.30 -30.51
O7 NAG G . -31.36 -8.41 -29.57
ZN ZN H . 29.45 4.96 0.26
ZN ZN I . 28.56 1.55 0.60
CA CA J . 11.98 5.25 -9.09
C1 NAG K . 51.12 10.06 -8.17
C2 NAG K . 51.28 10.35 -9.67
C3 NAG K . 51.80 9.13 -10.45
C4 NAG K . 53.03 8.54 -9.77
C5 NAG K . 52.62 8.17 -8.33
C6 NAG K . 53.64 7.36 -7.52
C7 NAG K . 49.81 12.04 -10.66
C8 NAG K . 48.45 12.33 -11.21
N2 NAG K . 50.02 10.80 -10.23
O3 NAG K . 52.13 9.56 -11.74
O4 NAG K . 53.51 7.44 -10.53
O5 NAG K . 52.25 9.36 -7.64
O6 NAG K . 54.86 8.04 -7.34
O7 NAG K . 50.67 12.93 -10.63
C1 NAG L . 35.15 40.98 15.52
C2 NAG L . 34.08 42.05 15.38
C3 NAG L . 34.11 43.03 16.56
C4 NAG L . 33.94 42.33 17.88
C5 NAG L . 34.96 41.20 17.98
C6 NAG L . 34.56 40.24 19.10
C7 NAG L . 33.24 42.77 13.26
C8 NAG L . 33.46 43.50 11.96
N2 NAG L . 34.25 42.73 14.12
O3 NAG L . 33.06 43.94 16.45
O4 NAG L . 34.12 43.28 18.94
O5 NAG L . 35.04 40.39 16.80
O6 NAG L . 35.76 39.72 19.63
O7 NAG L . 32.16 42.25 13.50
C1 NAG M . 20.97 4.40 -21.91
C2 NAG M . 21.14 5.72 -22.67
C3 NAG M . 20.23 5.81 -23.89
C4 NAG M . 20.47 4.58 -24.79
C5 NAG M . 20.18 3.33 -23.93
C6 NAG M . 20.25 2.01 -24.70
C7 NAG M . 21.98 7.63 -21.51
C8 NAG M . 21.74 8.82 -20.64
N2 NAG M . 20.94 6.86 -21.81
O3 NAG M . 20.55 7.01 -24.53
O4 NAG M . 19.69 4.62 -25.99
O5 NAG M . 21.08 3.31 -22.81
O6 NAG M . 21.56 1.77 -25.18
O7 NAG M . 23.11 7.40 -21.91
C1 GOL N . 7.99 13.28 0.32
O1 GOL N . 6.57 13.27 0.49
C2 GOL N . 8.31 13.24 -1.17
O2 GOL N . 7.65 12.13 -1.89
C3 GOL N . 7.89 14.61 -1.70
O3 GOL N . 8.18 14.69 -3.09
C1 GOL O . 30.65 9.27 -15.27
O1 GOL O . 31.84 8.79 -15.90
C2 GOL O . 30.44 10.78 -15.51
O2 GOL O . 31.70 11.41 -15.72
C3 GOL O . 29.54 11.03 -16.72
O3 GOL O . 29.14 12.41 -16.86
C1 GOL P . 41.94 0.14 12.29
O1 GOL P . 42.98 -0.65 11.70
C2 GOL P . 41.96 -0.10 13.77
O2 GOL P . 43.23 0.33 14.28
C3 GOL P . 40.90 0.83 14.32
O3 GOL P . 41.20 1.25 15.64
C1 PEG Q . 23.76 11.36 4.36
O1 PEG Q . 22.81 12.37 4.04
C2 PEG Q . 24.21 11.43 5.81
O2 PEG Q . 25.62 11.13 5.94
C3 PEG Q . 26.25 12.19 6.69
C4 PEG Q . 27.71 12.43 6.27
O4 PEG Q . 28.48 11.22 6.32
C1 PEG R . 12.55 -32.77 -1.33
C2 PEG R . 12.64 -32.33 0.15
O2 PEG R . 11.74 -31.28 0.57
C3 PEG R . 10.48 -31.74 1.05
C4 PEG R . 9.26 -30.85 0.84
O4 PEG R . 9.01 -29.99 1.96
ZN ZN S . -29.82 -1.55 -0.41
ZN ZN T . -28.20 -4.68 -0.60
CA CA U . -12.86 2.91 8.87
C1 NAG V . -52.13 -0.83 7.76
C2 NAG V . -52.45 -0.41 9.20
C3 NAG V . -52.66 -1.65 10.06
C4 NAG V . -53.70 -2.57 9.41
C5 NAG V . -53.14 -2.99 8.04
C6 NAG V . -53.97 -4.05 7.30
C7 NAG V . -51.47 1.62 10.26
C8 NAG V . -50.23 2.25 10.80
N2 NAG V . -51.37 0.37 9.77
O3 NAG V . -53.01 -1.25 11.37
O4 NAG V . -53.99 -3.66 10.26
O5 NAG V . -52.99 -1.83 7.23
O6 NAG V . -55.21 -3.51 6.88
O7 NAG V . -52.52 2.25 10.29
C1 NAG W . -42.95 31.79 -17.30
C2 NAG W . -42.07 33.01 -17.19
C3 NAG W . -42.30 33.96 -18.36
C4 NAG W . -41.95 33.26 -19.66
C5 NAG W . -42.73 31.93 -19.73
C6 NAG W . -42.20 30.99 -20.82
C7 NAG W . -41.33 33.97 -15.18
C8 NAG W . -41.64 34.70 -13.89
N2 NAG W . -42.34 33.70 -15.95
O3 NAG W . -41.56 35.15 -18.13
O4 NAG W . -42.32 34.12 -20.72
O5 NAG W . -42.71 31.14 -18.54
O6 NAG W . -43.31 30.21 -21.25
O7 NAG W . -40.19 33.63 -15.50
C1 NAG X . -39.25 26.69 5.83
C2 NAG X . -38.78 28.07 6.29
C3 NAG X . -38.34 28.06 7.76
C4 NAG X . -39.37 27.39 8.67
C5 NAG X . -39.70 26.02 8.05
C6 NAG X . -40.67 25.15 8.83
C7 NAG X . -37.58 29.78 5.06
C8 NAG X . -36.36 30.19 4.30
N2 NAG X . -37.64 28.54 5.54
O3 NAG X . -37.96 29.37 8.17
O4 NAG X . -38.81 27.26 9.96
O5 NAG X . -40.21 26.18 6.73
O6 NAG X . -41.80 25.94 9.12
O7 NAG X . -38.53 30.56 5.25
C1 NAG Y . -21.47 0.67 21.76
C2 NAG Y . -21.97 1.91 22.48
C3 NAG Y . -21.12 2.21 23.73
C4 NAG Y . -21.17 1.01 24.66
C5 NAG Y . -20.52 -0.14 23.83
C6 NAG Y . -20.30 -1.43 24.60
C7 NAG Y . -23.11 3.52 21.15
C8 NAG Y . -22.99 4.67 20.19
N2 NAG Y . -21.96 3.02 21.58
O3 NAG Y . -21.68 3.34 24.33
O4 NAG Y . -20.48 1.24 25.87
O5 NAG Y . -21.35 -0.39 22.70
O6 NAG Y . -21.56 -1.95 24.99
O7 NAG Y . -24.21 3.09 21.47
C1 GOL Z . -32.04 3.07 15.13
O1 GOL Z . -33.17 2.32 15.58
C2 GOL Z . -32.23 4.59 15.29
O2 GOL Z . -33.61 4.95 15.41
C3 GOL Z . -31.50 5.11 16.53
O3 GOL Z . -31.26 6.52 16.42
C1 GOL AA . 13.86 -12.96 -9.25
O1 GOL AA . 13.16 -14.10 -9.81
C2 GOL AA . 12.98 -11.72 -9.22
O2 GOL AA . 12.64 -11.40 -7.87
C3 GOL AA . 13.70 -10.49 -9.76
O3 GOL AA . 13.48 -10.35 -11.17
C1 GOL BA . -39.94 -9.32 -14.43
O1 GOL BA . -40.36 -8.66 -15.63
C2 GOL BA . -40.99 -8.91 -13.45
O2 GOL BA . -42.21 -9.43 -13.99
C3 GOL BA . -40.69 -9.48 -12.08
O3 GOL BA . -41.72 -10.35 -11.63
C1 GOL CA . -10.67 10.61 0.61
O1 GOL CA . -10.04 10.12 1.79
C2 GOL CA . -9.97 11.88 0.21
O2 GOL CA . -9.70 11.79 -1.20
C3 GOL CA . -10.87 13.05 0.60
O3 GOL CA . -11.20 12.87 1.99
C1 PEG DA . -25.92 6.49 -5.53
O1 PEG DA . -25.03 6.65 -4.44
C2 PEG DA . -26.03 5.10 -6.14
O2 PEG DA . -27.42 4.83 -6.36
C3 PEG DA . -28.11 5.84 -7.17
C4 PEG DA . -29.60 5.84 -6.82
O4 PEG DA . -30.11 4.50 -6.64
#